data_1TDV
# 
_entry.id   1TDV 
# 
_audit_conform.dict_name       mmcif_pdbx.dic 
_audit_conform.dict_version    5.397 
_audit_conform.dict_location   http://mmcif.pdb.org/dictionaries/ascii/mmcif_pdbx.dic 
# 
loop_
_database_2.database_id 
_database_2.database_code 
_database_2.pdbx_database_accession 
_database_2.pdbx_DOI 
PDB   1TDV         pdb_00001tdv 10.2210/pdb1tdv/pdb 
RCSB  RCSB022567   ?            ?                   
WWPDB D_1000022567 ?            ?                   
# 
loop_
_pdbx_audit_revision_history.ordinal 
_pdbx_audit_revision_history.data_content_type 
_pdbx_audit_revision_history.major_revision 
_pdbx_audit_revision_history.minor_revision 
_pdbx_audit_revision_history.revision_date 
1 'Structure model' 1 0 2004-06-08 
2 'Structure model' 1 1 2008-04-30 
3 'Structure model' 1 2 2011-07-13 
4 'Structure model' 1 3 2023-10-25 
5 'Structure model' 1 4 2024-10-23 
# 
_pdbx_audit_revision_details.ordinal             1 
_pdbx_audit_revision_details.revision_ordinal    1 
_pdbx_audit_revision_details.data_content_type   'Structure model' 
_pdbx_audit_revision_details.provider            repository 
_pdbx_audit_revision_details.type                'Initial release' 
_pdbx_audit_revision_details.description         ? 
_pdbx_audit_revision_details.details             ? 
# 
loop_
_pdbx_audit_revision_group.ordinal 
_pdbx_audit_revision_group.revision_ordinal 
_pdbx_audit_revision_group.data_content_type 
_pdbx_audit_revision_group.group 
1 2 'Structure model' 'Version format compliance' 
2 3 'Structure model' 'Version format compliance' 
3 4 'Structure model' 'Data collection'           
4 4 'Structure model' 'Database references'       
5 4 'Structure model' 'Derived calculations'      
6 4 'Structure model' 'Refinement description'    
7 5 'Structure model' 'Structure summary'         
# 
loop_
_pdbx_audit_revision_category.ordinal 
_pdbx_audit_revision_category.revision_ordinal 
_pdbx_audit_revision_category.data_content_type 
_pdbx_audit_revision_category.category 
1 4 'Structure model' chem_comp_atom                
2 4 'Structure model' chem_comp_bond                
3 4 'Structure model' database_2                    
4 4 'Structure model' diffrn_source                 
5 4 'Structure model' pdbx_initial_refinement_model 
6 4 'Structure model' struct_site                   
7 5 'Structure model' pdbx_entry_details            
8 5 'Structure model' pdbx_modification_feature     
# 
loop_
_pdbx_audit_revision_item.ordinal 
_pdbx_audit_revision_item.revision_ordinal 
_pdbx_audit_revision_item.data_content_type 
_pdbx_audit_revision_item.item 
1 4 'Structure model' '_database_2.pdbx_DOI'                 
2 4 'Structure model' '_database_2.pdbx_database_accession'  
3 4 'Structure model' '_diffrn_source.pdbx_synchrotron_site' 
4 4 'Structure model' '_struct_site.pdbx_auth_asym_id'       
5 4 'Structure model' '_struct_site.pdbx_auth_comp_id'       
6 4 'Structure model' '_struct_site.pdbx_auth_seq_id'        
# 
_pdbx_database_status.status_code                     REL 
_pdbx_database_status.entry_id                        1TDV 
_pdbx_database_status.recvd_initial_deposition_date   2004-05-24 
_pdbx_database_status.deposit_site                    RCSB 
_pdbx_database_status.process_site                    PDBJ 
_pdbx_database_status.SG_entry                        . 
_pdbx_database_status.pdb_format_compatible           Y 
_pdbx_database_status.status_code_mr                  ? 
_pdbx_database_status.status_code_sf                  ? 
_pdbx_database_status.status_code_cs                  ? 
_pdbx_database_status.status_code_nmr_data            ? 
_pdbx_database_status.methods_development_category    ? 
# 
loop_
_pdbx_database_related.db_name 
_pdbx_database_related.db_id 
_pdbx_database_related.details 
_pdbx_database_related.content_type 
PDB 1FB2 . unspecified 
PDB 1SKG . unspecified 
# 
loop_
_audit_author.name 
_audit_author.pdbx_ordinal 
'Singh, N.'          1 
'Jabeen, T.'         2 
'Ethayathulla, A.S.' 3 
'Somvanshi, R.K.'    4 
'Sharma, S.'         5 
'Dey, S.'            6 
'Perbandt, M.'       7 
'Betzel, C.'         8 
'Singh, T.P.'        9 
# 
_citation.id                        primary 
_citation.title                     
;Non-specific binding to phospholipase A2:Crystal structure of the complex of PLA2 with a designed peptide Tyr-Trp-Ala-Ala-Ala-Ala at 1.7A resolution
;
_citation.journal_abbrev            'to be published' 
_citation.journal_volume            ? 
_citation.page_first                ? 
_citation.page_last                 ? 
_citation.year                      ? 
_citation.journal_id_ASTM           ? 
_citation.country                   ? 
_citation.journal_id_ISSN           ? 
_citation.journal_id_CSD            0353 
_citation.book_publisher            ? 
_citation.pdbx_database_id_PubMed   ? 
_citation.pdbx_database_id_DOI      ? 
# 
loop_
_citation_author.citation_id 
_citation_author.name 
_citation_author.ordinal 
_citation_author.identifier_ORCID 
primary 'Singh, N.'          1 ? 
primary 'Jabeen, T.'         2 ? 
primary 'Ethayathulla, A.S.' 3 ? 
primary 'Somvanshi, R.K.'    4 ? 
primary 'Sharma, S.'         5 ? 
primary 'Dey, S.'            6 ? 
primary 'Perbandt, M.'       7 ? 
primary 'Betzel, C.'         8 ? 
primary 'Singh, T.P.'        9 ? 
# 
loop_
_entity.id 
_entity.type 
_entity.src_method 
_entity.pdbx_description 
_entity.formula_weight 
_entity.pdbx_number_of_molecules 
_entity.pdbx_ec 
_entity.pdbx_mutation 
_entity.pdbx_fragment 
_entity.details 
1 polymer     nat 'Phospholipase A2 VRV-PL-VIIIa' 13629.767 1   3.1.1.4 ? ? ? 
2 polymer     syn YWAAAA                          651.710   1   ?       ? ? ? 
3 non-polymer syn 'SULFATE ION'                   96.063    6   ?       ? ? ? 
4 water       nat water                           18.015    147 ?       ? ? ? 
# 
_entity_name_com.entity_id   1 
_entity_name_com.name        'Phospholipase A2' 
# 
loop_
_entity_poly.entity_id 
_entity_poly.type 
_entity_poly.nstd_linkage 
_entity_poly.nstd_monomer 
_entity_poly.pdbx_seq_one_letter_code 
_entity_poly.pdbx_seq_one_letter_code_can 
_entity_poly.pdbx_strand_id 
_entity_poly.pdbx_target_identifier 
1 'polypeptide(L)' no no 
;SLLEFGKMILEETGKLAIPSYSSYGCYCGWGGKGTPKDATDRCCFVHDCCYGNLPDCNPKSDRYKYKRVNGAIVCEKGTS
CENRICECDKAAAICFRQNLNTYSKKYMLYPDFLCKGELKC
;
;SLLEFGKMILEETGKLAIPSYSSYGCYCGWGGKGTPKDATDRCCFVHDCCYGNLPDCNPKSDRYKYKRVNGAIVCEKGTS
CENRICECDKAAAICFRQNLNTYSKKYMLYPDFLCKGELKC
;
A ? 
2 'polypeptide(L)' no no YWAAAA YWAAAA B ? 
# 
loop_
_pdbx_entity_nonpoly.entity_id 
_pdbx_entity_nonpoly.name 
_pdbx_entity_nonpoly.comp_id 
3 'SULFATE ION' SO4 
4 water         HOH 
# 
loop_
_entity_poly_seq.entity_id 
_entity_poly_seq.num 
_entity_poly_seq.mon_id 
_entity_poly_seq.hetero 
1 1   SER n 
1 2   LEU n 
1 3   LEU n 
1 4   GLU n 
1 5   PHE n 
1 6   GLY n 
1 7   LYS n 
1 8   MET n 
1 9   ILE n 
1 10  LEU n 
1 11  GLU n 
1 12  GLU n 
1 13  THR n 
1 14  GLY n 
1 15  LYS n 
1 16  LEU n 
1 17  ALA n 
1 18  ILE n 
1 19  PRO n 
1 20  SER n 
1 21  TYR n 
1 22  SER n 
1 23  SER n 
1 24  TYR n 
1 25  GLY n 
1 26  CYS n 
1 27  TYR n 
1 28  CYS n 
1 29  GLY n 
1 30  TRP n 
1 31  GLY n 
1 32  GLY n 
1 33  LYS n 
1 34  GLY n 
1 35  THR n 
1 36  PRO n 
1 37  LYS n 
1 38  ASP n 
1 39  ALA n 
1 40  THR n 
1 41  ASP n 
1 42  ARG n 
1 43  CYS n 
1 44  CYS n 
1 45  PHE n 
1 46  VAL n 
1 47  HIS n 
1 48  ASP n 
1 49  CYS n 
1 50  CYS n 
1 51  TYR n 
1 52  GLY n 
1 53  ASN n 
1 54  LEU n 
1 55  PRO n 
1 56  ASP n 
1 57  CYS n 
1 58  ASN n 
1 59  PRO n 
1 60  LYS n 
1 61  SER n 
1 62  ASP n 
1 63  ARG n 
1 64  TYR n 
1 65  LYS n 
1 66  TYR n 
1 67  LYS n 
1 68  ARG n 
1 69  VAL n 
1 70  ASN n 
1 71  GLY n 
1 72  ALA n 
1 73  ILE n 
1 74  VAL n 
1 75  CYS n 
1 76  GLU n 
1 77  LYS n 
1 78  GLY n 
1 79  THR n 
1 80  SER n 
1 81  CYS n 
1 82  GLU n 
1 83  ASN n 
1 84  ARG n 
1 85  ILE n 
1 86  CYS n 
1 87  GLU n 
1 88  CYS n 
1 89  ASP n 
1 90  LYS n 
1 91  ALA n 
1 92  ALA n 
1 93  ALA n 
1 94  ILE n 
1 95  CYS n 
1 96  PHE n 
1 97  ARG n 
1 98  GLN n 
1 99  ASN n 
1 100 LEU n 
1 101 ASN n 
1 102 THR n 
1 103 TYR n 
1 104 SER n 
1 105 LYS n 
1 106 LYS n 
1 107 TYR n 
1 108 MET n 
1 109 LEU n 
1 110 TYR n 
1 111 PRO n 
1 112 ASP n 
1 113 PHE n 
1 114 LEU n 
1 115 CYS n 
1 116 LYS n 
1 117 GLY n 
1 118 GLU n 
1 119 LEU n 
1 120 LYS n 
1 121 CYS n 
2 1   TYR n 
2 2   TRP n 
2 3   ALA n 
2 4   ALA n 
2 5   ALA n 
2 6   ALA n 
# 
_entity_src_nat.entity_id                  1 
_entity_src_nat.pdbx_src_id                1 
_entity_src_nat.pdbx_alt_source_flag       sample 
_entity_src_nat.pdbx_beg_seq_num           ? 
_entity_src_nat.pdbx_end_seq_num           ? 
_entity_src_nat.common_name                ? 
_entity_src_nat.pdbx_organism_scientific   'Daboia russellii pulchella' 
_entity_src_nat.pdbx_ncbi_taxonomy_id      97228 
_entity_src_nat.genus                      Daboia 
_entity_src_nat.species                    'Daboia russellii' 
_entity_src_nat.strain                     pulchella 
_entity_src_nat.tissue                     ? 
_entity_src_nat.tissue_fraction            ? 
_entity_src_nat.pdbx_secretion             ? 
_entity_src_nat.pdbx_fragment              ? 
_entity_src_nat.pdbx_variant               ? 
_entity_src_nat.pdbx_cell_line             ? 
_entity_src_nat.pdbx_atcc                  ? 
_entity_src_nat.pdbx_cellular_location     ? 
_entity_src_nat.pdbx_organ                 ? 
_entity_src_nat.pdbx_organelle             ? 
_entity_src_nat.pdbx_cell                  ? 
_entity_src_nat.pdbx_plasmid_name          ? 
_entity_src_nat.pdbx_plasmid_details       ? 
_entity_src_nat.details                    ? 
# 
_pdbx_entity_src_syn.entity_id              2 
_pdbx_entity_src_syn.pdbx_src_id            1 
_pdbx_entity_src_syn.pdbx_alt_source_flag   sample 
_pdbx_entity_src_syn.pdbx_beg_seq_num       ? 
_pdbx_entity_src_syn.pdbx_end_seq_num       ? 
_pdbx_entity_src_syn.organism_scientific    ? 
_pdbx_entity_src_syn.organism_common_name   ? 
_pdbx_entity_src_syn.ncbi_taxonomy_id       ? 
_pdbx_entity_src_syn.details                'ywaaaa peptide sequence was chemically synthesized' 
# 
loop_
_chem_comp.id 
_chem_comp.type 
_chem_comp.mon_nstd_flag 
_chem_comp.name 
_chem_comp.pdbx_synonyms 
_chem_comp.formula 
_chem_comp.formula_weight 
ALA 'L-peptide linking' y ALANINE         ? 'C3 H7 N O2'     89.093  
ARG 'L-peptide linking' y ARGININE        ? 'C6 H15 N4 O2 1' 175.209 
ASN 'L-peptide linking' y ASPARAGINE      ? 'C4 H8 N2 O3'    132.118 
ASP 'L-peptide linking' y 'ASPARTIC ACID' ? 'C4 H7 N O4'     133.103 
CYS 'L-peptide linking' y CYSTEINE        ? 'C3 H7 N O2 S'   121.158 
GLN 'L-peptide linking' y GLUTAMINE       ? 'C5 H10 N2 O3'   146.144 
GLU 'L-peptide linking' y 'GLUTAMIC ACID' ? 'C5 H9 N O4'     147.129 
GLY 'peptide linking'   y GLYCINE         ? 'C2 H5 N O2'     75.067  
HIS 'L-peptide linking' y HISTIDINE       ? 'C6 H10 N3 O2 1' 156.162 
HOH non-polymer         . WATER           ? 'H2 O'           18.015  
ILE 'L-peptide linking' y ISOLEUCINE      ? 'C6 H13 N O2'    131.173 
LEU 'L-peptide linking' y LEUCINE         ? 'C6 H13 N O2'    131.173 
LYS 'L-peptide linking' y LYSINE          ? 'C6 H15 N2 O2 1' 147.195 
MET 'L-peptide linking' y METHIONINE      ? 'C5 H11 N O2 S'  149.211 
PHE 'L-peptide linking' y PHENYLALANINE   ? 'C9 H11 N O2'    165.189 
PRO 'L-peptide linking' y PROLINE         ? 'C5 H9 N O2'     115.130 
SER 'L-peptide linking' y SERINE          ? 'C3 H7 N O3'     105.093 
SO4 non-polymer         . 'SULFATE ION'   ? 'O4 S -2'        96.063  
THR 'L-peptide linking' y THREONINE       ? 'C4 H9 N O3'     119.119 
TRP 'L-peptide linking' y TRYPTOPHAN      ? 'C11 H12 N2 O2'  204.225 
TYR 'L-peptide linking' y TYROSINE        ? 'C9 H11 N O3'    181.189 
VAL 'L-peptide linking' y VALINE          ? 'C5 H11 N O2'    117.146 
# 
loop_
_pdbx_poly_seq_scheme.asym_id 
_pdbx_poly_seq_scheme.entity_id 
_pdbx_poly_seq_scheme.seq_id 
_pdbx_poly_seq_scheme.mon_id 
_pdbx_poly_seq_scheme.ndb_seq_num 
_pdbx_poly_seq_scheme.pdb_seq_num 
_pdbx_poly_seq_scheme.auth_seq_num 
_pdbx_poly_seq_scheme.pdb_mon_id 
_pdbx_poly_seq_scheme.auth_mon_id 
_pdbx_poly_seq_scheme.pdb_strand_id 
_pdbx_poly_seq_scheme.pdb_ins_code 
_pdbx_poly_seq_scheme.hetero 
A 1 1   SER 1   1   1   SER SER A . n 
A 1 2   LEU 2   2   2   LEU LEU A . n 
A 1 3   LEU 3   3   3   LEU LEU A . n 
A 1 4   GLU 4   4   4   GLU GLU A . n 
A 1 5   PHE 5   5   5   PHE PHE A . n 
A 1 6   GLY 6   6   6   GLY GLY A . n 
A 1 7   LYS 7   7   7   LYS LYS A . n 
A 1 8   MET 8   8   8   MET MET A . n 
A 1 9   ILE 9   9   9   ILE ILE A . n 
A 1 10  LEU 10  10  10  LEU LEU A . n 
A 1 11  GLU 11  11  11  GLU GLU A . n 
A 1 12  GLU 12  12  12  GLU GLU A . n 
A 1 13  THR 13  13  13  THR THR A . n 
A 1 14  GLY 14  14  14  GLY GLY A . n 
A 1 15  LYS 15  16  16  LYS LYS A . n 
A 1 16  LEU 16  17  17  LEU LEU A . n 
A 1 17  ALA 17  18  18  ALA ALA A . n 
A 1 18  ILE 18  19  19  ILE ILE A . n 
A 1 19  PRO 19  20  20  PRO PRO A . n 
A 1 20  SER 20  21  21  SER SER A . n 
A 1 21  TYR 21  22  22  TYR TYR A . n 
A 1 22  SER 22  23  23  SER SER A . n 
A 1 23  SER 23  24  24  SER SER A . n 
A 1 24  TYR 24  25  25  TYR TYR A . n 
A 1 25  GLY 25  26  26  GLY GLY A . n 
A 1 26  CYS 26  27  27  CYS CYS A . n 
A 1 27  TYR 27  28  28  TYR TYR A . n 
A 1 28  CYS 28  29  29  CYS CYS A . n 
A 1 29  GLY 29  30  30  GLY GLY A . n 
A 1 30  TRP 30  31  31  TRP TRP A . n 
A 1 31  GLY 31  32  32  GLY GLY A . n 
A 1 32  GLY 32  33  33  GLY GLY A . n 
A 1 33  LYS 33  34  34  LYS LYS A . n 
A 1 34  GLY 34  35  35  GLY GLY A . n 
A 1 35  THR 35  36  36  THR THR A . n 
A 1 36  PRO 36  37  37  PRO PRO A . n 
A 1 37  LYS 37  38  38  LYS LYS A . n 
A 1 38  ASP 38  39  39  ASP ASP A . n 
A 1 39  ALA 39  40  40  ALA ALA A . n 
A 1 40  THR 40  41  41  THR THR A . n 
A 1 41  ASP 41  42  42  ASP ASP A . n 
A 1 42  ARG 42  43  43  ARG ARG A . n 
A 1 43  CYS 43  44  44  CYS CYS A . n 
A 1 44  CYS 44  45  45  CYS CYS A . n 
A 1 45  PHE 45  46  46  PHE PHE A . n 
A 1 46  VAL 46  47  47  VAL VAL A . n 
A 1 47  HIS 47  48  48  HIS HIS A . n 
A 1 48  ASP 48  49  49  ASP ASP A . n 
A 1 49  CYS 49  50  50  CYS CYS A . n 
A 1 50  CYS 50  51  51  CYS CYS A . n 
A 1 51  TYR 51  52  52  TYR TYR A . n 
A 1 52  GLY 52  53  53  GLY GLY A . n 
A 1 53  ASN 53  54  54  ASN ASN A . n 
A 1 54  LEU 54  55  55  LEU LEU A . n 
A 1 55  PRO 55  56  56  PRO PRO A . n 
A 1 56  ASP 56  59  59  ASP ASP A . n 
A 1 57  CYS 57  61  61  CYS CYS A . n 
A 1 58  ASN 58  67  67  ASN ASN A . n 
A 1 59  PRO 59  68  68  PRO PRO A . n 
A 1 60  LYS 60  69  69  LYS LYS A . n 
A 1 61  SER 61  70  70  SER SER A . n 
A 1 62  ASP 62  71  71  ASP ASP A . n 
A 1 63  ARG 63  72  72  ARG ARG A . n 
A 1 64  TYR 64  73  73  TYR TYR A . n 
A 1 65  LYS 65  74  74  LYS LYS A . n 
A 1 66  TYR 66  75  75  TYR TYR A . n 
A 1 67  LYS 67  76  76  LYS LYS A . n 
A 1 68  ARG 68  77  77  ARG ARG A . n 
A 1 69  VAL 69  78  78  VAL VAL A . n 
A 1 70  ASN 70  79  79  ASN ASN A . n 
A 1 71  GLY 71  80  80  GLY GLY A . n 
A 1 72  ALA 72  81  81  ALA ALA A . n 
A 1 73  ILE 73  82  82  ILE ILE A . n 
A 1 74  VAL 74  83  83  VAL VAL A . n 
A 1 75  CYS 75  84  84  CYS CYS A . n 
A 1 76  GLU 76  85  85  GLU GLU A . n 
A 1 77  LYS 77  86  86  LYS LYS A . n 
A 1 78  GLY 78  88  88  GLY GLY A . n 
A 1 79  THR 79  89  89  THR THR A . n 
A 1 80  SER 80  90  90  SER SER A . n 
A 1 81  CYS 81  91  91  CYS CYS A . n 
A 1 82  GLU 82  92  92  GLU GLU A . n 
A 1 83  ASN 83  93  93  ASN ASN A . n 
A 1 84  ARG 84  94  94  ARG ARG A . n 
A 1 85  ILE 85  95  95  ILE ILE A . n 
A 1 86  CYS 86  96  96  CYS CYS A . n 
A 1 87  GLU 87  97  97  GLU GLU A . n 
A 1 88  CYS 88  98  98  CYS CYS A . n 
A 1 89  ASP 89  99  99  ASP ASP A . n 
A 1 90  LYS 90  100 100 LYS LYS A . n 
A 1 91  ALA 91  101 101 ALA ALA A . n 
A 1 92  ALA 92  102 102 ALA ALA A . n 
A 1 93  ALA 93  103 103 ALA ALA A . n 
A 1 94  ILE 94  104 104 ILE ILE A . n 
A 1 95  CYS 95  105 105 CYS CYS A . n 
A 1 96  PHE 96  106 106 PHE PHE A . n 
A 1 97  ARG 97  107 107 ARG ARG A . n 
A 1 98  GLN 98  108 108 GLN GLN A . n 
A 1 99  ASN 99  109 109 ASN ASN A . n 
A 1 100 LEU 100 110 110 LEU LEU A . n 
A 1 101 ASN 101 111 111 ASN ASN A . n 
A 1 102 THR 102 112 112 THR THR A . n 
A 1 103 TYR 103 113 113 TYR TYR A . n 
A 1 104 SER 104 114 114 SER SER A . n 
A 1 105 LYS 105 115 115 LYS LYS A . n 
A 1 106 LYS 106 116 116 LYS LYS A . n 
A 1 107 TYR 107 117 117 TYR TYR A . n 
A 1 108 MET 108 118 118 MET MET A . n 
A 1 109 LEU 109 119 119 LEU LEU A . n 
A 1 110 TYR 110 120 120 TYR TYR A . n 
A 1 111 PRO 111 121 121 PRO PRO A . n 
A 1 112 ASP 112 122 122 ASP ASP A . n 
A 1 113 PHE 113 124 124 PHE PHE A . n 
A 1 114 LEU 114 125 125 LEU LEU A . n 
A 1 115 CYS 115 126 126 CYS CYS A . n 
A 1 116 LYS 116 127 127 LYS LYS A . n 
A 1 117 GLY 117 128 128 GLY GLY A . n 
A 1 118 GLU 118 129 129 GLU GLU A . n 
A 1 119 LEU 119 130 130 LEU LEU A . n 
A 1 120 LYS 120 131 131 LYS LYS A . n 
A 1 121 CYS 121 133 133 CYS CYS A . n 
B 2 1   TYR 1   1   1   TYR TYR B . n 
B 2 2   TRP 2   2   2   TRP TRP B . n 
B 2 3   ALA 3   3   3   ALA ALA B . n 
B 2 4   ALA 4   4   4   ALA ALA B . n 
B 2 5   ALA 5   5   5   ALA ALA B . n 
B 2 6   ALA 6   6   6   ALA ALA B . n 
# 
loop_
_pdbx_nonpoly_scheme.asym_id 
_pdbx_nonpoly_scheme.entity_id 
_pdbx_nonpoly_scheme.mon_id 
_pdbx_nonpoly_scheme.ndb_seq_num 
_pdbx_nonpoly_scheme.pdb_seq_num 
_pdbx_nonpoly_scheme.auth_seq_num 
_pdbx_nonpoly_scheme.pdb_mon_id 
_pdbx_nonpoly_scheme.auth_mon_id 
_pdbx_nonpoly_scheme.pdb_strand_id 
_pdbx_nonpoly_scheme.pdb_ins_code 
C 3 SO4 1   1001 1001 SO4 SO4 A . 
D 3 SO4 1   1002 1002 SO4 SO4 A . 
E 3 SO4 1   1003 1003 SO4 SO4 A . 
F 3 SO4 1   1004 1004 SO4 SO4 A . 
G 3 SO4 1   1005 1005 SO4 SO4 A . 
H 3 SO4 1   1006 1006 SO4 SO4 A . 
I 4 HOH 1   1007 1    HOH HOH A . 
I 4 HOH 2   1008 2    HOH HOH A . 
I 4 HOH 3   1009 3    HOH HOH A . 
I 4 HOH 4   1010 4    HOH HOH A . 
I 4 HOH 5   1011 5    HOH HOH A . 
I 4 HOH 6   1012 6    HOH HOH A . 
I 4 HOH 7   1013 7    HOH HOH A . 
I 4 HOH 8   1014 8    HOH HOH A . 
I 4 HOH 9   1015 9    HOH HOH A . 
I 4 HOH 10  1016 10   HOH HOH A . 
I 4 HOH 11  1017 11   HOH HOH A . 
I 4 HOH 12  1018 12   HOH HOH A . 
I 4 HOH 13  1019 13   HOH HOH A . 
I 4 HOH 14  1020 14   HOH HOH A . 
I 4 HOH 15  1021 15   HOH HOH A . 
I 4 HOH 16  1022 16   HOH HOH A . 
I 4 HOH 17  1023 17   HOH HOH A . 
I 4 HOH 18  1024 18   HOH HOH A . 
I 4 HOH 19  1025 19   HOH HOH A . 
I 4 HOH 20  1026 20   HOH HOH A . 
I 4 HOH 21  1027 21   HOH HOH A . 
I 4 HOH 22  1028 22   HOH HOH A . 
I 4 HOH 23  1029 23   HOH HOH A . 
I 4 HOH 24  1030 24   HOH HOH A . 
I 4 HOH 25  1031 25   HOH HOH A . 
I 4 HOH 26  1032 26   HOH HOH A . 
I 4 HOH 27  1033 27   HOH HOH A . 
I 4 HOH 28  1034 28   HOH HOH A . 
I 4 HOH 29  1035 29   HOH HOH A . 
I 4 HOH 30  1036 30   HOH HOH A . 
I 4 HOH 31  1037 31   HOH HOH A . 
I 4 HOH 32  1038 32   HOH HOH A . 
I 4 HOH 33  1039 33   HOH HOH A . 
I 4 HOH 34  1040 34   HOH HOH A . 
I 4 HOH 35  1041 35   HOH HOH A . 
I 4 HOH 36  1042 36   HOH HOH A . 
I 4 HOH 37  1043 37   HOH HOH A . 
I 4 HOH 38  1044 38   HOH HOH A . 
I 4 HOH 39  1045 39   HOH HOH A . 
I 4 HOH 40  1046 40   HOH HOH A . 
I 4 HOH 41  1047 41   HOH HOH A . 
I 4 HOH 42  1048 42   HOH HOH A . 
I 4 HOH 43  1049 43   HOH HOH A . 
I 4 HOH 44  1050 44   HOH HOH A . 
I 4 HOH 45  1051 45   HOH HOH A . 
I 4 HOH 46  1052 46   HOH HOH A . 
I 4 HOH 47  1053 47   HOH HOH A . 
I 4 HOH 48  1054 48   HOH HOH A . 
I 4 HOH 49  1055 49   HOH HOH A . 
I 4 HOH 50  1056 50   HOH HOH A . 
I 4 HOH 51  1057 51   HOH HOH A . 
I 4 HOH 52  1058 52   HOH HOH A . 
I 4 HOH 53  1059 53   HOH HOH A . 
I 4 HOH 54  1060 54   HOH HOH A . 
I 4 HOH 55  1061 55   HOH HOH A . 
I 4 HOH 56  1062 56   HOH HOH A . 
I 4 HOH 57  1063 57   HOH HOH A . 
I 4 HOH 58  1064 58   HOH HOH A . 
I 4 HOH 59  1065 59   HOH HOH A . 
I 4 HOH 60  1066 60   HOH HOH A . 
I 4 HOH 61  1067 61   HOH HOH A . 
I 4 HOH 62  1068 62   HOH HOH A . 
I 4 HOH 63  1069 63   HOH HOH A . 
I 4 HOH 64  1070 64   HOH HOH A . 
I 4 HOH 65  1071 65   HOH HOH A . 
I 4 HOH 66  1072 66   HOH HOH A . 
I 4 HOH 67  1073 67   HOH HOH A . 
I 4 HOH 68  1074 68   HOH HOH A . 
I 4 HOH 69  1075 69   HOH HOH A . 
I 4 HOH 70  1076 70   HOH HOH A . 
I 4 HOH 71  1077 71   HOH HOH A . 
I 4 HOH 72  1078 72   HOH HOH A . 
I 4 HOH 73  1079 73   HOH HOH A . 
I 4 HOH 74  1080 74   HOH HOH A . 
I 4 HOH 75  1081 75   HOH HOH A . 
I 4 HOH 76  1082 76   HOH HOH A . 
I 4 HOH 77  1083 77   HOH HOH A . 
I 4 HOH 78  1084 78   HOH HOH A . 
I 4 HOH 79  1085 79   HOH HOH A . 
I 4 HOH 80  1086 80   HOH HOH A . 
I 4 HOH 81  1087 81   HOH HOH A . 
I 4 HOH 82  1088 82   HOH HOH A . 
I 4 HOH 83  1089 83   HOH HOH A . 
I 4 HOH 84  1090 84   HOH HOH A . 
I 4 HOH 85  1091 85   HOH HOH A . 
I 4 HOH 86  1092 86   HOH HOH A . 
I 4 HOH 87  1093 87   HOH HOH A . 
I 4 HOH 88  1094 88   HOH HOH A . 
I 4 HOH 89  1095 89   HOH HOH A . 
I 4 HOH 90  1096 91   HOH HOH A . 
I 4 HOH 91  1097 92   HOH HOH A . 
I 4 HOH 92  1098 93   HOH HOH A . 
I 4 HOH 93  1099 94   HOH HOH A . 
I 4 HOH 94  1100 95   HOH HOH A . 
I 4 HOH 95  1101 96   HOH HOH A . 
I 4 HOH 96  1102 97   HOH HOH A . 
I 4 HOH 97  1103 98   HOH HOH A . 
I 4 HOH 98  1104 99   HOH HOH A . 
I 4 HOH 99  1105 100  HOH HOH A . 
I 4 HOH 100 1106 101  HOH HOH A . 
I 4 HOH 101 1107 102  HOH HOH A . 
I 4 HOH 102 1108 103  HOH HOH A . 
I 4 HOH 103 1109 104  HOH HOH A . 
I 4 HOH 104 1110 105  HOH HOH A . 
I 4 HOH 105 1111 106  HOH HOH A . 
I 4 HOH 106 1112 107  HOH HOH A . 
I 4 HOH 107 1113 108  HOH HOH A . 
I 4 HOH 108 1114 109  HOH HOH A . 
I 4 HOH 109 1115 110  HOH HOH A . 
I 4 HOH 110 1116 111  HOH HOH A . 
I 4 HOH 111 1117 112  HOH HOH A . 
I 4 HOH 112 1118 113  HOH HOH A . 
I 4 HOH 113 1119 114  HOH HOH A . 
I 4 HOH 114 1120 115  HOH HOH A . 
I 4 HOH 115 1121 116  HOH HOH A . 
I 4 HOH 116 1122 117  HOH HOH A . 
I 4 HOH 117 1123 118  HOH HOH A . 
I 4 HOH 118 1124 119  HOH HOH A . 
I 4 HOH 119 1125 120  HOH HOH A . 
I 4 HOH 120 1126 121  HOH HOH A . 
I 4 HOH 121 1127 122  HOH HOH A . 
I 4 HOH 122 1128 123  HOH HOH A . 
I 4 HOH 123 1129 124  HOH HOH A . 
I 4 HOH 124 1130 125  HOH HOH A . 
I 4 HOH 125 1131 126  HOH HOH A . 
I 4 HOH 126 1132 127  HOH HOH A . 
I 4 HOH 127 1133 128  HOH HOH A . 
I 4 HOH 128 1134 129  HOH HOH A . 
I 4 HOH 129 1135 130  HOH HOH A . 
I 4 HOH 130 1136 131  HOH HOH A . 
I 4 HOH 131 1137 133  HOH HOH A . 
I 4 HOH 132 1138 134  HOH HOH A . 
I 4 HOH 133 1139 135  HOH HOH A . 
I 4 HOH 134 1140 136  HOH HOH A . 
I 4 HOH 135 1141 137  HOH HOH A . 
I 4 HOH 136 1142 138  HOH HOH A . 
I 4 HOH 137 1143 139  HOH HOH A . 
I 4 HOH 138 1144 140  HOH HOH A . 
I 4 HOH 139 1145 141  HOH HOH A . 
I 4 HOH 140 1146 142  HOH HOH A . 
I 4 HOH 141 1147 143  HOH HOH A . 
I 4 HOH 142 1148 144  HOH HOH A . 
I 4 HOH 143 1149 145  HOH HOH A . 
I 4 HOH 144 1150 146  HOH HOH A . 
I 4 HOH 145 1151 147  HOH HOH A . 
I 4 HOH 146 1152 149  HOH HOH A . 
I 4 HOH 147 1153 150  HOH HOH A . 
# 
loop_
_software.name 
_software.classification 
_software.version 
_software.citation_id 
_software.pdbx_ordinal 
REFMAC    refinement       5.0 ? 1 
DENZO     'data reduction' .   ? 2 
SCALEPACK 'data scaling'   .   ? 3 
AMoRE     phasing          .   ? 4 
# 
_cell.entry_id           1TDV 
_cell.length_a           52.290 
_cell.length_b           52.290 
_cell.length_c           47.810 
_cell.angle_alpha        90.00 
_cell.angle_beta         90.00 
_cell.angle_gamma        90.00 
_cell.Z_PDB              4 
_cell.pdbx_unique_axis   ? 
# 
_symmetry.entry_id                         1TDV 
_symmetry.space_group_name_H-M             'P 43' 
_symmetry.pdbx_full_space_group_name_H-M   ? 
_symmetry.cell_setting                     ? 
_symmetry.Int_Tables_number                78 
# 
_exptl.entry_id          1TDV 
_exptl.method            'X-RAY DIFFRACTION' 
_exptl.crystals_number   1 
# 
_exptl_crystal.id                    1 
_exptl_crystal.density_meas          ? 
_exptl_crystal.density_Matthews      2.5 
_exptl_crystal.density_percent_sol   50.0 
_exptl_crystal.description           ? 
# 
_exptl_crystal_grow.crystal_id      1 
_exptl_crystal_grow.method          'VAPOR DIFFUSION, HANGING DROP' 
_exptl_crystal_grow.temp            298.0 
_exptl_crystal_grow.temp_details    ? 
_exptl_crystal_grow.pH              7.0 
_exptl_crystal_grow.pdbx_details    '0.2M AMMONIUM SULPHATE, 30% PEG, pH 7.0, VAPOR DIFFUSION, HANGING DROP, temperature 298.0K' 
_exptl_crystal_grow.pdbx_pH_range   . 
# 
_diffrn.id                     1 
_diffrn.ambient_temp           200 
_diffrn.ambient_temp_details   ? 
_diffrn.crystal_id             1 
# 
_diffrn_detector.diffrn_id              1 
_diffrn_detector.detector               CCD 
_diffrn_detector.type                   MARRESEARCH 
_diffrn_detector.pdbx_collection_date   2004-05-01 
_diffrn_detector.details                MIRROR 
# 
_diffrn_radiation.diffrn_id                        1 
_diffrn_radiation.wavelength_id                    1 
_diffrn_radiation.pdbx_monochromatic_or_laue_m_l   M 
_diffrn_radiation.monochromator                    GRAPHITE 
_diffrn_radiation.pdbx_diffrn_protocol             'SINGLE WAVELENGTH' 
_diffrn_radiation.pdbx_scattering_type             x-ray 
# 
_diffrn_radiation_wavelength.id           1 
_diffrn_radiation_wavelength.wavelength   0.806 
_diffrn_radiation_wavelength.wt           1.0 
# 
_diffrn_source.diffrn_id                   1 
_diffrn_source.source                      SYNCHROTRON 
_diffrn_source.type                        'EMBL/DESY, HAMBURG BEAMLINE X11' 
_diffrn_source.pdbx_synchrotron_site       'EMBL/DESY, HAMBURG' 
_diffrn_source.pdbx_synchrotron_beamline   X11 
_diffrn_source.pdbx_wavelength             ? 
_diffrn_source.pdbx_wavelength_list        0.806 
# 
_reflns.entry_id                     1TDV 
_reflns.observed_criterion_sigma_I   ? 
_reflns.observed_criterion_sigma_F   ? 
_reflns.d_resolution_low             51.99 
_reflns.d_resolution_high            1.70 
_reflns.number_obs                   14306 
_reflns.number_all                   355374 
_reflns.percent_possible_obs         100.0 
_reflns.pdbx_Rmerge_I_obs            ? 
_reflns.pdbx_Rsym_value              0.057 
_reflns.pdbx_netI_over_sigmaI        27.8 
_reflns.B_iso_Wilson_estimate        17.71 
_reflns.pdbx_redundancy              24.8 
_reflns.R_free_details               ? 
_reflns.limit_h_max                  ? 
_reflns.limit_h_min                  ? 
_reflns.limit_k_max                  ? 
_reflns.limit_k_min                  ? 
_reflns.limit_l_max                  ? 
_reflns.limit_l_min                  ? 
_reflns.observed_criterion_F_max     ? 
_reflns.observed_criterion_F_min     ? 
_reflns.pdbx_diffrn_id               1 
_reflns.pdbx_ordinal                 1 
# 
_reflns_shell.d_res_high             1.70 
_reflns_shell.d_res_low              1.73 
_reflns_shell.percent_possible_all   100.0 
_reflns_shell.Rmerge_I_obs           ? 
_reflns_shell.pdbx_Rsym_value        0.342 
_reflns_shell.meanI_over_sigI_obs    6.7 
_reflns_shell.pdbx_redundancy        ? 
_reflns_shell.percent_possible_obs   ? 
_reflns_shell.number_unique_all      721 
_reflns_shell.pdbx_diffrn_id         ? 
_reflns_shell.pdbx_ordinal           1 
# 
_refine.entry_id                                 1TDV 
_refine.ls_number_reflns_obs                     13580 
_refine.ls_number_reflns_all                     14299 
_refine.pdbx_ls_sigma_I                          ? 
_refine.pdbx_ls_sigma_F                          ? 
_refine.pdbx_data_cutoff_high_absF               ? 
_refine.pdbx_data_cutoff_low_absF                ? 
_refine.pdbx_data_cutoff_high_rms_absF           ? 
_refine.ls_d_res_low                             51.99 
_refine.ls_d_res_high                            1.70 
_refine.ls_percent_reflns_obs                    99.97 
_refine.ls_R_factor_obs                          0.18028 
_refine.ls_R_factor_all                          0.1807 
_refine.ls_R_factor_R_work                       0.17887 
_refine.ls_R_factor_R_free                       0.20615 
_refine.ls_R_factor_R_free_error                 ? 
_refine.ls_R_factor_R_free_error_details         ? 
_refine.ls_percent_reflns_R_free                 5.0 
_refine.ls_number_reflns_R_free                  719 
_refine.ls_number_parameters                     ? 
_refine.ls_number_restraints                     ? 
_refine.occupancy_min                            ? 
_refine.occupancy_max                            ? 
_refine.correlation_coeff_Fo_to_Fc               0.949 
_refine.correlation_coeff_Fo_to_Fc_free          0.935 
_refine.B_iso_mean                               17.915 
_refine.aniso_B[1][1]                            0.06 
_refine.aniso_B[2][2]                            0.06 
_refine.aniso_B[3][3]                            -0.11 
_refine.aniso_B[1][2]                            0.00 
_refine.aniso_B[1][3]                            0.00 
_refine.aniso_B[2][3]                            0.00 
_refine.solvent_model_details                    'BABINET MODEL WITH MASK' 
_refine.solvent_model_param_ksol                 ? 
_refine.solvent_model_param_bsol                 ? 
_refine.pdbx_solvent_vdw_probe_radii             1.40 
_refine.pdbx_solvent_ion_probe_radii             0.80 
_refine.pdbx_solvent_shrinkage_radii             0.80 
_refine.pdbx_ls_cross_valid_method               THROUGHOUT 
_refine.details                                  'HYDROGENS HAVE BEEN ADDED IN THE RIDING POSITIONS' 
_refine.pdbx_starting_model                      1SKG 
_refine.pdbx_method_to_determine_struct          'MOLECULAR REPLACEMENT' 
_refine.pdbx_isotropic_thermal_model             ? 
_refine.pdbx_stereochemistry_target_values       'MAXIMUM LIKELIHOOD' 
_refine.pdbx_stereochem_target_val_spec_case     ? 
_refine.pdbx_R_Free_selection_details            RANDOM 
_refine.pdbx_overall_ESU_R                       0.112 
_refine.pdbx_overall_ESU_R_Free                  0.105 
_refine.overall_SU_ML                            0.093 
_refine.overall_SU_B                             2.739 
_refine.ls_redundancy_reflns_obs                 ? 
_refine.B_iso_min                                ? 
_refine.B_iso_max                                ? 
_refine.overall_SU_R_Cruickshank_DPI             ? 
_refine.overall_SU_R_free                        ? 
_refine.pdbx_refine_id                           'X-RAY DIFFRACTION' 
_refine.pdbx_diffrn_id                           1 
_refine.pdbx_TLS_residual_ADP_flag               ? 
_refine.pdbx_overall_phase_error                 ? 
_refine.pdbx_overall_SU_R_free_Cruickshank_DPI   ? 
_refine.pdbx_overall_SU_R_Blow_DPI               ? 
_refine.pdbx_overall_SU_R_free_Blow_DPI          ? 
# 
_refine_hist.pdbx_refine_id                   'X-RAY DIFFRACTION' 
_refine_hist.cycle_id                         LAST 
_refine_hist.pdbx_number_atoms_protein        990 
_refine_hist.pdbx_number_atoms_nucleic_acid   0 
_refine_hist.pdbx_number_atoms_ligand         30 
_refine_hist.number_atoms_solvent             147 
_refine_hist.number_atoms_total               1167 
_refine_hist.d_res_high                       1.70 
_refine_hist.d_res_low                        51.99 
# 
loop_
_refine_ls_restr.type 
_refine_ls_restr.dev_ideal 
_refine_ls_restr.dev_ideal_target 
_refine_ls_restr.weight 
_refine_ls_restr.number 
_refine_ls_restr.pdbx_refine_id 
_refine_ls_restr.pdbx_restraint_function 
r_bond_refined_d         0.014  0.021  ? 1036 'X-RAY DIFFRACTION' ? 
r_bond_other_d           0.001  0.020  ? 859  'X-RAY DIFFRACTION' ? 
r_angle_refined_deg      1.807  2.005  ? 1388 'X-RAY DIFFRACTION' ? 
r_angle_other_deg        0.971  3.000  ? 2024 'X-RAY DIFFRACTION' ? 
r_dihedral_angle_1_deg   3.803  3.000  ? 118  'X-RAY DIFFRACTION' ? 
r_dihedral_angle_3_deg   18.456 15.000 ? 189  'X-RAY DIFFRACTION' ? 
r_chiral_restr           0.091  0.200  ? 138  'X-RAY DIFFRACTION' ? 
r_gen_planes_refined     0.007  0.020  ? 1078 'X-RAY DIFFRACTION' ? 
r_gen_planes_other       0.004  0.020  ? 205  'X-RAY DIFFRACTION' ? 
r_nbd_refined            0.441  0.300  ? 288  'X-RAY DIFFRACTION' ? 
r_nbd_other              0.220  0.300  ? 803  'X-RAY DIFFRACTION' ? 
r_xyhbond_nbd_refined    0.203  0.500  ? 121  'X-RAY DIFFRACTION' ? 
r_xyhbond_nbd_other      0.031  0.500  ? 1    'X-RAY DIFFRACTION' ? 
r_symmetry_vdw_refined   0.283  0.300  ? 12   'X-RAY DIFFRACTION' ? 
r_symmetry_vdw_other     0.254  0.300  ? 39   'X-RAY DIFFRACTION' ? 
r_symmetry_hbond_refined 0.210  0.500  ? 21   'X-RAY DIFFRACTION' ? 
r_mcbond_it              0.904  1.500  ? 621  'X-RAY DIFFRACTION' ? 
r_mcangle_it             1.653  2.000  ? 975  'X-RAY DIFFRACTION' ? 
r_scbond_it              2.132  3.000  ? 415  'X-RAY DIFFRACTION' ? 
r_scangle_it             3.422  4.500  ? 413  'X-RAY DIFFRACTION' ? 
# 
_refine_ls_shell.pdbx_total_number_of_bins_used   20 
_refine_ls_shell.d_res_high                       1.70 
_refine_ls_shell.d_res_low                        1.73 
_refine_ls_shell.number_reflns_R_work             985 
_refine_ls_shell.R_factor_R_work                  0.162 
_refine_ls_shell.percent_reflns_obs               ? 
_refine_ls_shell.R_factor_R_free                  0.2 
_refine_ls_shell.R_factor_R_free_error            ? 
_refine_ls_shell.percent_reflns_R_free            ? 
_refine_ls_shell.number_reflns_R_free             58 
_refine_ls_shell.number_reflns_obs                ? 
_refine_ls_shell.redundancy_reflns_obs            ? 
_refine_ls_shell.number_reflns_all                ? 
_refine_ls_shell.pdbx_refine_id                   'X-RAY DIFFRACTION' 
_refine_ls_shell.R_factor_all                     ? 
# 
_struct.entry_id                  1TDV 
_struct.title                     
;Non-specific binding to phospholipase A2:Crystal structure of the complex of PLA2 with a designed peptide Tyr-Trp-Ala-Ala-Ala-Ala at 1.7A resolution
;
_struct.pdbx_model_details        ? 
_struct.pdbx_CASP_flag            ? 
_struct.pdbx_model_type_details   ? 
# 
_struct_keywords.entry_id        1TDV 
_struct_keywords.pdbx_keywords   HYDROLASE 
_struct_keywords.text            'NON-SPECIFIC, YWAAAA COMPLEX, PHOSPHOLIPASE A2, hydrolase' 
# 
loop_
_struct_asym.id 
_struct_asym.pdbx_blank_PDB_chainid_flag 
_struct_asym.pdbx_modified 
_struct_asym.entity_id 
_struct_asym.details 
A N N 1 ? 
B N N 2 ? 
C N N 3 ? 
D N N 3 ? 
E N N 3 ? 
F N N 3 ? 
G N N 3 ? 
H N N 3 ? 
I N N 4 ? 
# 
loop_
_struct_ref.id 
_struct_ref.db_name 
_struct_ref.db_code 
_struct_ref.pdbx_db_accession 
_struct_ref.entity_id 
_struct_ref.pdbx_seq_one_letter_code 
_struct_ref.pdbx_align_begin 
_struct_ref.pdbx_db_isoform 
1 UNP PA28_DABRP P59071 1 
;SLLEFGKMILEETGKLAIPSYSSYGCYCGWGGKGTPKDATDRCCFVHDCCYGNLPDCNPKSDRYKYKRVNGAIVCEKGTS
CENRICECDKAAAICFRQNLNTYSKKYMLYPDFLCKGELKC
;
1 ? 
2 PDB 1TDV       1TDV   2 ? ? ? 
# 
loop_
_struct_ref_seq.align_id 
_struct_ref_seq.ref_id 
_struct_ref_seq.pdbx_PDB_id_code 
_struct_ref_seq.pdbx_strand_id 
_struct_ref_seq.seq_align_beg 
_struct_ref_seq.pdbx_seq_align_beg_ins_code 
_struct_ref_seq.seq_align_end 
_struct_ref_seq.pdbx_seq_align_end_ins_code 
_struct_ref_seq.pdbx_db_accession 
_struct_ref_seq.db_align_beg 
_struct_ref_seq.pdbx_db_align_beg_ins_code 
_struct_ref_seq.db_align_end 
_struct_ref_seq.pdbx_db_align_end_ins_code 
_struct_ref_seq.pdbx_auth_seq_align_beg 
_struct_ref_seq.pdbx_auth_seq_align_end 
1 1 1TDV A 1 ? 121 ? P59071 1 ? 121 ? 1 133 
2 2 1TDV B 1 ? 6   ? 1TDV   1 ? 6   ? 1 6   
# 
_pdbx_struct_assembly.id                   1 
_pdbx_struct_assembly.details              author_defined_assembly 
_pdbx_struct_assembly.method_details       ? 
_pdbx_struct_assembly.oligomeric_details   dimeric 
_pdbx_struct_assembly.oligomeric_count     2 
# 
_pdbx_struct_assembly_gen.assembly_id       1 
_pdbx_struct_assembly_gen.oper_expression   1 
_pdbx_struct_assembly_gen.asym_id_list      A,B,C,D,E,F,G,H,I 
# 
_pdbx_struct_oper_list.id                   1 
_pdbx_struct_oper_list.type                 'identity operation' 
_pdbx_struct_oper_list.name                 1_555 
_pdbx_struct_oper_list.symmetry_operation   x,y,z 
_pdbx_struct_oper_list.matrix[1][1]         1.0000000000 
_pdbx_struct_oper_list.matrix[1][2]         0.0000000000 
_pdbx_struct_oper_list.matrix[1][3]         0.0000000000 
_pdbx_struct_oper_list.vector[1]            0.0000000000 
_pdbx_struct_oper_list.matrix[2][1]         0.0000000000 
_pdbx_struct_oper_list.matrix[2][2]         1.0000000000 
_pdbx_struct_oper_list.matrix[2][3]         0.0000000000 
_pdbx_struct_oper_list.vector[2]            0.0000000000 
_pdbx_struct_oper_list.matrix[3][1]         0.0000000000 
_pdbx_struct_oper_list.matrix[3][2]         0.0000000000 
_pdbx_struct_oper_list.matrix[3][3]         1.0000000000 
_pdbx_struct_oper_list.vector[3]            0.0000000000 
# 
loop_
_struct_conf.conf_type_id 
_struct_conf.id 
_struct_conf.pdbx_PDB_helix_id 
_struct_conf.beg_label_comp_id 
_struct_conf.beg_label_asym_id 
_struct_conf.beg_label_seq_id 
_struct_conf.pdbx_beg_PDB_ins_code 
_struct_conf.end_label_comp_id 
_struct_conf.end_label_asym_id 
_struct_conf.end_label_seq_id 
_struct_conf.pdbx_end_PDB_ins_code 
_struct_conf.beg_auth_comp_id 
_struct_conf.beg_auth_asym_id 
_struct_conf.beg_auth_seq_id 
_struct_conf.end_auth_comp_id 
_struct_conf.end_auth_asym_id 
_struct_conf.end_auth_seq_id 
_struct_conf.pdbx_PDB_helix_class 
_struct_conf.details 
_struct_conf.pdbx_PDB_helix_length 
HELX_P HELX_P1 1 SER A 1   ? GLY A 14  ? SER A 1   GLY A 14  1 ? 14 
HELX_P HELX_P2 2 LEU A 16  ? TYR A 21  ? LEU A 17  TYR A 22  1 ? 6  
HELX_P HELX_P3 3 ASP A 38  ? ASN A 53  ? ASP A 39  ASN A 54  1 ? 16 
HELX_P HELX_P4 4 THR A 79  ? ASN A 99  ? THR A 89  ASN A 109 1 ? 21 
HELX_P HELX_P5 5 LEU A 100 ? TYR A 103 ? LEU A 110 TYR A 113 5 ? 4  
HELX_P HELX_P6 6 SER A 104 ? MET A 108 ? SER A 114 MET A 118 5 ? 5  
HELX_P HELX_P7 7 PRO A 111 ? CYS A 115 ? PRO A 121 CYS A 126 5 ? 5  
# 
_struct_conf_type.id          HELX_P 
_struct_conf_type.criteria    ? 
_struct_conf_type.reference   ? 
# 
loop_
_struct_conn.id 
_struct_conn.conn_type_id 
_struct_conn.pdbx_leaving_atom_flag 
_struct_conn.pdbx_PDB_id 
_struct_conn.ptnr1_label_asym_id 
_struct_conn.ptnr1_label_comp_id 
_struct_conn.ptnr1_label_seq_id 
_struct_conn.ptnr1_label_atom_id 
_struct_conn.pdbx_ptnr1_label_alt_id 
_struct_conn.pdbx_ptnr1_PDB_ins_code 
_struct_conn.pdbx_ptnr1_standard_comp_id 
_struct_conn.ptnr1_symmetry 
_struct_conn.ptnr2_label_asym_id 
_struct_conn.ptnr2_label_comp_id 
_struct_conn.ptnr2_label_seq_id 
_struct_conn.ptnr2_label_atom_id 
_struct_conn.pdbx_ptnr2_label_alt_id 
_struct_conn.pdbx_ptnr2_PDB_ins_code 
_struct_conn.ptnr1_auth_asym_id 
_struct_conn.ptnr1_auth_comp_id 
_struct_conn.ptnr1_auth_seq_id 
_struct_conn.ptnr2_auth_asym_id 
_struct_conn.ptnr2_auth_comp_id 
_struct_conn.ptnr2_auth_seq_id 
_struct_conn.ptnr2_symmetry 
_struct_conn.pdbx_ptnr3_label_atom_id 
_struct_conn.pdbx_ptnr3_label_seq_id 
_struct_conn.pdbx_ptnr3_label_comp_id 
_struct_conn.pdbx_ptnr3_label_asym_id 
_struct_conn.pdbx_ptnr3_label_alt_id 
_struct_conn.pdbx_ptnr3_PDB_ins_code 
_struct_conn.details 
_struct_conn.pdbx_dist_value 
_struct_conn.pdbx_value_order 
_struct_conn.pdbx_role 
disulf1 disulf ? ? A CYS 26 SG ? ? ? 1_555 A CYS 115 SG ? ? A CYS 27 A CYS 126 1_555 ? ? ? ? ? ? ? 2.071 ? ? 
disulf2 disulf ? ? A CYS 28 SG ? ? ? 1_555 A CYS 44  SG ? ? A CYS 29 A CYS 45  1_555 ? ? ? ? ? ? ? 2.088 ? ? 
disulf3 disulf ? ? A CYS 43 SG ? ? ? 1_555 A CYS 95  SG ? ? A CYS 44 A CYS 105 1_555 ? ? ? ? ? ? ? 2.047 ? ? 
disulf4 disulf ? ? A CYS 49 SG ? ? ? 1_555 A CYS 121 SG ? ? A CYS 50 A CYS 133 1_555 ? ? ? ? ? ? ? 2.035 ? ? 
disulf5 disulf ? ? A CYS 50 SG ? ? ? 1_555 A CYS 88  SG ? ? A CYS 51 A CYS 98  1_555 ? ? ? ? ? ? ? 2.049 ? ? 
disulf6 disulf ? ? A CYS 57 SG ? ? ? 1_555 A CYS 81  SG ? ? A CYS 61 A CYS 91  1_555 ? ? ? ? ? ? ? 2.081 ? ? 
disulf7 disulf ? ? A CYS 75 SG ? ? ? 1_555 A CYS 86  SG ? ? A CYS 84 A CYS 96  1_555 ? ? ? ? ? ? ? 2.078 ? ? 
# 
_struct_conn_type.id          disulf 
_struct_conn_type.criteria    ? 
_struct_conn_type.reference   ? 
# 
loop_
_pdbx_modification_feature.ordinal 
_pdbx_modification_feature.label_comp_id 
_pdbx_modification_feature.label_asym_id 
_pdbx_modification_feature.label_seq_id 
_pdbx_modification_feature.label_alt_id 
_pdbx_modification_feature.modified_residue_label_comp_id 
_pdbx_modification_feature.modified_residue_label_asym_id 
_pdbx_modification_feature.modified_residue_label_seq_id 
_pdbx_modification_feature.modified_residue_label_alt_id 
_pdbx_modification_feature.auth_comp_id 
_pdbx_modification_feature.auth_asym_id 
_pdbx_modification_feature.auth_seq_id 
_pdbx_modification_feature.PDB_ins_code 
_pdbx_modification_feature.symmetry 
_pdbx_modification_feature.modified_residue_auth_comp_id 
_pdbx_modification_feature.modified_residue_auth_asym_id 
_pdbx_modification_feature.modified_residue_auth_seq_id 
_pdbx_modification_feature.modified_residue_PDB_ins_code 
_pdbx_modification_feature.modified_residue_symmetry 
_pdbx_modification_feature.comp_id_linking_atom 
_pdbx_modification_feature.modified_residue_id_linking_atom 
_pdbx_modification_feature.modified_residue_id 
_pdbx_modification_feature.ref_pcm_id 
_pdbx_modification_feature.ref_comp_id 
_pdbx_modification_feature.type 
_pdbx_modification_feature.category 
1 CYS A 26 ? CYS A 115 ? CYS A 27 ? 1_555 CYS A 126 ? 1_555 SG SG . . . None 'Disulfide bridge' 
2 CYS A 28 ? CYS A 44  ? CYS A 29 ? 1_555 CYS A 45  ? 1_555 SG SG . . . None 'Disulfide bridge' 
3 CYS A 43 ? CYS A 95  ? CYS A 44 ? 1_555 CYS A 105 ? 1_555 SG SG . . . None 'Disulfide bridge' 
4 CYS A 49 ? CYS A 121 ? CYS A 50 ? 1_555 CYS A 133 ? 1_555 SG SG . . . None 'Disulfide bridge' 
5 CYS A 50 ? CYS A 88  ? CYS A 51 ? 1_555 CYS A 98  ? 1_555 SG SG . . . None 'Disulfide bridge' 
6 CYS A 57 ? CYS A 81  ? CYS A 61 ? 1_555 CYS A 91  ? 1_555 SG SG . . . None 'Disulfide bridge' 
7 CYS A 75 ? CYS A 86  ? CYS A 84 ? 1_555 CYS A 96  ? 1_555 SG SG . . . None 'Disulfide bridge' 
# 
_struct_mon_prot_cis.pdbx_id                1 
_struct_mon_prot_cis.label_comp_id          ILE 
_struct_mon_prot_cis.label_seq_id           18 
_struct_mon_prot_cis.label_asym_id          A 
_struct_mon_prot_cis.label_alt_id           . 
_struct_mon_prot_cis.pdbx_PDB_ins_code      ? 
_struct_mon_prot_cis.auth_comp_id           ILE 
_struct_mon_prot_cis.auth_seq_id            19 
_struct_mon_prot_cis.auth_asym_id           A 
_struct_mon_prot_cis.pdbx_label_comp_id_2   PRO 
_struct_mon_prot_cis.pdbx_label_seq_id_2    19 
_struct_mon_prot_cis.pdbx_label_asym_id_2   A 
_struct_mon_prot_cis.pdbx_PDB_ins_code_2    ? 
_struct_mon_prot_cis.pdbx_auth_comp_id_2    PRO 
_struct_mon_prot_cis.pdbx_auth_seq_id_2     20 
_struct_mon_prot_cis.pdbx_auth_asym_id_2    A 
_struct_mon_prot_cis.pdbx_PDB_model_num     1 
_struct_mon_prot_cis.pdbx_omega_angle       6.59 
# 
_struct_sheet.id               A 
_struct_sheet.type             ? 
_struct_sheet.number_strands   2 
_struct_sheet.details          ? 
# 
_struct_sheet_order.sheet_id     A 
_struct_sheet_order.range_id_1   1 
_struct_sheet_order.range_id_2   2 
_struct_sheet_order.offset       ? 
_struct_sheet_order.sense        anti-parallel 
# 
loop_
_struct_sheet_range.sheet_id 
_struct_sheet_range.id 
_struct_sheet_range.beg_label_comp_id 
_struct_sheet_range.beg_label_asym_id 
_struct_sheet_range.beg_label_seq_id 
_struct_sheet_range.pdbx_beg_PDB_ins_code 
_struct_sheet_range.end_label_comp_id 
_struct_sheet_range.end_label_asym_id 
_struct_sheet_range.end_label_seq_id 
_struct_sheet_range.pdbx_end_PDB_ins_code 
_struct_sheet_range.beg_auth_comp_id 
_struct_sheet_range.beg_auth_asym_id 
_struct_sheet_range.beg_auth_seq_id 
_struct_sheet_range.end_auth_comp_id 
_struct_sheet_range.end_auth_asym_id 
_struct_sheet_range.end_auth_seq_id 
A 1 TYR A 66 ? VAL A 69 ? TYR A 75 VAL A 78 
A 2 ALA A 72 ? CYS A 75 ? ALA A 81 CYS A 84 
# 
_pdbx_struct_sheet_hbond.sheet_id                A 
_pdbx_struct_sheet_hbond.range_id_1              1 
_pdbx_struct_sheet_hbond.range_id_2              2 
_pdbx_struct_sheet_hbond.range_1_label_atom_id   N 
_pdbx_struct_sheet_hbond.range_1_label_comp_id   LYS 
_pdbx_struct_sheet_hbond.range_1_label_asym_id   A 
_pdbx_struct_sheet_hbond.range_1_label_seq_id    67 
_pdbx_struct_sheet_hbond.range_1_PDB_ins_code    ? 
_pdbx_struct_sheet_hbond.range_1_auth_atom_id    N 
_pdbx_struct_sheet_hbond.range_1_auth_comp_id    LYS 
_pdbx_struct_sheet_hbond.range_1_auth_asym_id    A 
_pdbx_struct_sheet_hbond.range_1_auth_seq_id     76 
_pdbx_struct_sheet_hbond.range_2_label_atom_id   O 
_pdbx_struct_sheet_hbond.range_2_label_comp_id   VAL 
_pdbx_struct_sheet_hbond.range_2_label_asym_id   A 
_pdbx_struct_sheet_hbond.range_2_label_seq_id    74 
_pdbx_struct_sheet_hbond.range_2_PDB_ins_code    ? 
_pdbx_struct_sheet_hbond.range_2_auth_atom_id    O 
_pdbx_struct_sheet_hbond.range_2_auth_comp_id    VAL 
_pdbx_struct_sheet_hbond.range_2_auth_asym_id    A 
_pdbx_struct_sheet_hbond.range_2_auth_seq_id     83 
# 
loop_
_struct_site.id 
_struct_site.pdbx_evidence_code 
_struct_site.pdbx_auth_asym_id 
_struct_site.pdbx_auth_comp_id 
_struct_site.pdbx_auth_seq_id 
_struct_site.pdbx_auth_ins_code 
_struct_site.pdbx_num_residues 
_struct_site.details 
AC1 Software A SO4 1001 ? 6 'BINDING SITE FOR RESIDUE SO4 A 1001' 
AC2 Software A SO4 1002 ? 5 'BINDING SITE FOR RESIDUE SO4 A 1002' 
AC3 Software A SO4 1003 ? 5 'BINDING SITE FOR RESIDUE SO4 A 1003' 
AC4 Software A SO4 1004 ? 4 'BINDING SITE FOR RESIDUE SO4 A 1004' 
AC5 Software A SO4 1005 ? 5 'BINDING SITE FOR RESIDUE SO4 A 1005' 
AC6 Software A SO4 1006 ? 5 'BINDING SITE FOR RESIDUE SO4 A 1006' 
# 
loop_
_struct_site_gen.id 
_struct_site_gen.site_id 
_struct_site_gen.pdbx_num_res 
_struct_site_gen.label_comp_id 
_struct_site_gen.label_asym_id 
_struct_site_gen.label_seq_id 
_struct_site_gen.pdbx_auth_ins_code 
_struct_site_gen.auth_comp_id 
_struct_site_gen.auth_asym_id 
_struct_site_gen.auth_seq_id 
_struct_site_gen.label_atom_id 
_struct_site_gen.label_alt_id 
_struct_site_gen.symmetry 
_struct_site_gen.details 
1  AC1 6 SER A 1   ? SER A 1    . ? 1_555 ? 
2  AC1 6 LEU A 3   ? LEU A 3    . ? 1_555 ? 
3  AC1 6 SER A 61  ? SER A 70   . ? 1_555 ? 
4  AC1 6 ARG A 63  ? ARG A 72   . ? 1_555 ? 
5  AC1 6 HOH I .   ? HOH A 1081 . ? 1_555 ? 
6  AC1 6 HOH I .   ? HOH A 1106 . ? 1_555 ? 
7  AC2 5 ARG A 42  ? ARG A 43   . ? 1_555 ? 
8  AC2 5 ARG A 63  ? ARG A 72   . ? 4_565 ? 
9  AC2 5 SO4 H .   ? SO4 A 1006 . ? 1_555 ? 
10 AC2 5 HOH I .   ? HOH A 1148 . ? 1_555 ? 
11 AC2 5 HOH I .   ? HOH A 1149 . ? 1_555 ? 
12 AC3 5 GLU A 4   ? GLU A 4    . ? 1_555 ? 
13 AC3 5 ARG A 63  ? ARG A 72   . ? 1_555 ? 
14 AC3 5 LYS A 65  ? LYS A 74   . ? 1_555 ? 
15 AC3 5 HOH I .   ? HOH A 1081 . ? 1_555 ? 
16 AC3 5 HOH I .   ? HOH A 1113 . ? 1_555 ? 
17 AC4 4 SER A 80  ? SER A 90   . ? 1_555 ? 
18 AC4 4 ASN A 83  ? ASN A 93   . ? 1_555 ? 
19 AC4 4 HOH I .   ? HOH A 1091 . ? 1_555 ? 
20 AC4 4 HOH I .   ? HOH A 1139 . ? 1_555 ? 
21 AC5 5 TYR A 103 ? TYR A 113  . ? 1_555 ? 
22 AC5 5 SER A 104 ? SER A 114  . ? 1_555 ? 
23 AC5 5 LYS A 105 ? LYS A 115  . ? 1_555 ? 
24 AC5 5 LYS A 120 ? LYS A 131  . ? 4_465 ? 
25 AC5 5 HOH I .   ? HOH A 1142 . ? 1_555 ? 
26 AC6 5 ASP A 38  ? ASP A 39   . ? 1_555 ? 
27 AC6 5 ARG A 42  ? ARG A 43   . ? 1_555 ? 
28 AC6 5 SO4 D .   ? SO4 A 1002 . ? 1_555 ? 
29 AC6 5 HOH I .   ? HOH A 1079 . ? 1_555 ? 
30 AC6 5 HOH I .   ? HOH A 1149 . ? 1_555 ? 
# 
_pdbx_entry_details.entry_id                   1TDV 
_pdbx_entry_details.compound_details           ? 
_pdbx_entry_details.source_details             ? 
_pdbx_entry_details.nonpolymer_details         ? 
_pdbx_entry_details.sequence_details           ? 
_pdbx_entry_details.has_ligand_of_interest     ? 
_pdbx_entry_details.has_protein_modification   Y 
# 
loop_
_pdbx_validate_rmsd_angle.id 
_pdbx_validate_rmsd_angle.PDB_model_num 
_pdbx_validate_rmsd_angle.auth_atom_id_1 
_pdbx_validate_rmsd_angle.auth_asym_id_1 
_pdbx_validate_rmsd_angle.auth_comp_id_1 
_pdbx_validate_rmsd_angle.auth_seq_id_1 
_pdbx_validate_rmsd_angle.PDB_ins_code_1 
_pdbx_validate_rmsd_angle.label_alt_id_1 
_pdbx_validate_rmsd_angle.auth_atom_id_2 
_pdbx_validate_rmsd_angle.auth_asym_id_2 
_pdbx_validate_rmsd_angle.auth_comp_id_2 
_pdbx_validate_rmsd_angle.auth_seq_id_2 
_pdbx_validate_rmsd_angle.PDB_ins_code_2 
_pdbx_validate_rmsd_angle.label_alt_id_2 
_pdbx_validate_rmsd_angle.auth_atom_id_3 
_pdbx_validate_rmsd_angle.auth_asym_id_3 
_pdbx_validate_rmsd_angle.auth_comp_id_3 
_pdbx_validate_rmsd_angle.auth_seq_id_3 
_pdbx_validate_rmsd_angle.PDB_ins_code_3 
_pdbx_validate_rmsd_angle.label_alt_id_3 
_pdbx_validate_rmsd_angle.angle_value 
_pdbx_validate_rmsd_angle.angle_target_value 
_pdbx_validate_rmsd_angle.angle_deviation 
_pdbx_validate_rmsd_angle.angle_standard_deviation 
_pdbx_validate_rmsd_angle.linker_flag 
1 1 CA B TYR 1 ? ? CB B TYR 1 ? ? CG  B TYR 1 ? ? 133.91 113.40 20.51 1.90 N 
2 1 CB B TYR 1 ? ? CG B TYR 1 ? ? CD2 B TYR 1 ? ? 112.87 121.00 -8.13 0.60 N 
3 1 CB B TYR 1 ? ? CG B TYR 1 ? ? CD1 B TYR 1 ? ? 129.26 121.00 8.26  0.60 N 
# 
loop_
_pdbx_validate_torsion.id 
_pdbx_validate_torsion.PDB_model_num 
_pdbx_validate_torsion.auth_comp_id 
_pdbx_validate_torsion.auth_asym_id 
_pdbx_validate_torsion.auth_seq_id 
_pdbx_validate_torsion.PDB_ins_code 
_pdbx_validate_torsion.label_alt_id 
_pdbx_validate_torsion.phi 
_pdbx_validate_torsion.psi 
1 1 SER A 24 ? ? -143.44 36.82  
2 1 TRP A 31 ? ? -151.81 -10.42 
3 1 ASN A 79 ? ? 38.13   75.19  
4 1 ALA B 4  ? ? -167.96 -9.46  
5 1 ALA B 5  ? ? 157.54  158.56 
# 
loop_
_chem_comp_atom.comp_id 
_chem_comp_atom.atom_id 
_chem_comp_atom.type_symbol 
_chem_comp_atom.pdbx_aromatic_flag 
_chem_comp_atom.pdbx_stereo_config 
_chem_comp_atom.pdbx_ordinal 
ALA N    N N N 1   
ALA CA   C N S 2   
ALA C    C N N 3   
ALA O    O N N 4   
ALA CB   C N N 5   
ALA OXT  O N N 6   
ALA H    H N N 7   
ALA H2   H N N 8   
ALA HA   H N N 9   
ALA HB1  H N N 10  
ALA HB2  H N N 11  
ALA HB3  H N N 12  
ALA HXT  H N N 13  
ARG N    N N N 14  
ARG CA   C N S 15  
ARG C    C N N 16  
ARG O    O N N 17  
ARG CB   C N N 18  
ARG CG   C N N 19  
ARG CD   C N N 20  
ARG NE   N N N 21  
ARG CZ   C N N 22  
ARG NH1  N N N 23  
ARG NH2  N N N 24  
ARG OXT  O N N 25  
ARG H    H N N 26  
ARG H2   H N N 27  
ARG HA   H N N 28  
ARG HB2  H N N 29  
ARG HB3  H N N 30  
ARG HG2  H N N 31  
ARG HG3  H N N 32  
ARG HD2  H N N 33  
ARG HD3  H N N 34  
ARG HE   H N N 35  
ARG HH11 H N N 36  
ARG HH12 H N N 37  
ARG HH21 H N N 38  
ARG HH22 H N N 39  
ARG HXT  H N N 40  
ASN N    N N N 41  
ASN CA   C N S 42  
ASN C    C N N 43  
ASN O    O N N 44  
ASN CB   C N N 45  
ASN CG   C N N 46  
ASN OD1  O N N 47  
ASN ND2  N N N 48  
ASN OXT  O N N 49  
ASN H    H N N 50  
ASN H2   H N N 51  
ASN HA   H N N 52  
ASN HB2  H N N 53  
ASN HB3  H N N 54  
ASN HD21 H N N 55  
ASN HD22 H N N 56  
ASN HXT  H N N 57  
ASP N    N N N 58  
ASP CA   C N S 59  
ASP C    C N N 60  
ASP O    O N N 61  
ASP CB   C N N 62  
ASP CG   C N N 63  
ASP OD1  O N N 64  
ASP OD2  O N N 65  
ASP OXT  O N N 66  
ASP H    H N N 67  
ASP H2   H N N 68  
ASP HA   H N N 69  
ASP HB2  H N N 70  
ASP HB3  H N N 71  
ASP HD2  H N N 72  
ASP HXT  H N N 73  
CYS N    N N N 74  
CYS CA   C N R 75  
CYS C    C N N 76  
CYS O    O N N 77  
CYS CB   C N N 78  
CYS SG   S N N 79  
CYS OXT  O N N 80  
CYS H    H N N 81  
CYS H2   H N N 82  
CYS HA   H N N 83  
CYS HB2  H N N 84  
CYS HB3  H N N 85  
CYS HG   H N N 86  
CYS HXT  H N N 87  
GLN N    N N N 88  
GLN CA   C N S 89  
GLN C    C N N 90  
GLN O    O N N 91  
GLN CB   C N N 92  
GLN CG   C N N 93  
GLN CD   C N N 94  
GLN OE1  O N N 95  
GLN NE2  N N N 96  
GLN OXT  O N N 97  
GLN H    H N N 98  
GLN H2   H N N 99  
GLN HA   H N N 100 
GLN HB2  H N N 101 
GLN HB3  H N N 102 
GLN HG2  H N N 103 
GLN HG3  H N N 104 
GLN HE21 H N N 105 
GLN HE22 H N N 106 
GLN HXT  H N N 107 
GLU N    N N N 108 
GLU CA   C N S 109 
GLU C    C N N 110 
GLU O    O N N 111 
GLU CB   C N N 112 
GLU CG   C N N 113 
GLU CD   C N N 114 
GLU OE1  O N N 115 
GLU OE2  O N N 116 
GLU OXT  O N N 117 
GLU H    H N N 118 
GLU H2   H N N 119 
GLU HA   H N N 120 
GLU HB2  H N N 121 
GLU HB3  H N N 122 
GLU HG2  H N N 123 
GLU HG3  H N N 124 
GLU HE2  H N N 125 
GLU HXT  H N N 126 
GLY N    N N N 127 
GLY CA   C N N 128 
GLY C    C N N 129 
GLY O    O N N 130 
GLY OXT  O N N 131 
GLY H    H N N 132 
GLY H2   H N N 133 
GLY HA2  H N N 134 
GLY HA3  H N N 135 
GLY HXT  H N N 136 
HIS N    N N N 137 
HIS CA   C N S 138 
HIS C    C N N 139 
HIS O    O N N 140 
HIS CB   C N N 141 
HIS CG   C Y N 142 
HIS ND1  N Y N 143 
HIS CD2  C Y N 144 
HIS CE1  C Y N 145 
HIS NE2  N Y N 146 
HIS OXT  O N N 147 
HIS H    H N N 148 
HIS H2   H N N 149 
HIS HA   H N N 150 
HIS HB2  H N N 151 
HIS HB3  H N N 152 
HIS HD1  H N N 153 
HIS HD2  H N N 154 
HIS HE1  H N N 155 
HIS HE2  H N N 156 
HIS HXT  H N N 157 
HOH O    O N N 158 
HOH H1   H N N 159 
HOH H2   H N N 160 
ILE N    N N N 161 
ILE CA   C N S 162 
ILE C    C N N 163 
ILE O    O N N 164 
ILE CB   C N S 165 
ILE CG1  C N N 166 
ILE CG2  C N N 167 
ILE CD1  C N N 168 
ILE OXT  O N N 169 
ILE H    H N N 170 
ILE H2   H N N 171 
ILE HA   H N N 172 
ILE HB   H N N 173 
ILE HG12 H N N 174 
ILE HG13 H N N 175 
ILE HG21 H N N 176 
ILE HG22 H N N 177 
ILE HG23 H N N 178 
ILE HD11 H N N 179 
ILE HD12 H N N 180 
ILE HD13 H N N 181 
ILE HXT  H N N 182 
LEU N    N N N 183 
LEU CA   C N S 184 
LEU C    C N N 185 
LEU O    O N N 186 
LEU CB   C N N 187 
LEU CG   C N N 188 
LEU CD1  C N N 189 
LEU CD2  C N N 190 
LEU OXT  O N N 191 
LEU H    H N N 192 
LEU H2   H N N 193 
LEU HA   H N N 194 
LEU HB2  H N N 195 
LEU HB3  H N N 196 
LEU HG   H N N 197 
LEU HD11 H N N 198 
LEU HD12 H N N 199 
LEU HD13 H N N 200 
LEU HD21 H N N 201 
LEU HD22 H N N 202 
LEU HD23 H N N 203 
LEU HXT  H N N 204 
LYS N    N N N 205 
LYS CA   C N S 206 
LYS C    C N N 207 
LYS O    O N N 208 
LYS CB   C N N 209 
LYS CG   C N N 210 
LYS CD   C N N 211 
LYS CE   C N N 212 
LYS NZ   N N N 213 
LYS OXT  O N N 214 
LYS H    H N N 215 
LYS H2   H N N 216 
LYS HA   H N N 217 
LYS HB2  H N N 218 
LYS HB3  H N N 219 
LYS HG2  H N N 220 
LYS HG3  H N N 221 
LYS HD2  H N N 222 
LYS HD3  H N N 223 
LYS HE2  H N N 224 
LYS HE3  H N N 225 
LYS HZ1  H N N 226 
LYS HZ2  H N N 227 
LYS HZ3  H N N 228 
LYS HXT  H N N 229 
MET N    N N N 230 
MET CA   C N S 231 
MET C    C N N 232 
MET O    O N N 233 
MET CB   C N N 234 
MET CG   C N N 235 
MET SD   S N N 236 
MET CE   C N N 237 
MET OXT  O N N 238 
MET H    H N N 239 
MET H2   H N N 240 
MET HA   H N N 241 
MET HB2  H N N 242 
MET HB3  H N N 243 
MET HG2  H N N 244 
MET HG3  H N N 245 
MET HE1  H N N 246 
MET HE2  H N N 247 
MET HE3  H N N 248 
MET HXT  H N N 249 
PHE N    N N N 250 
PHE CA   C N S 251 
PHE C    C N N 252 
PHE O    O N N 253 
PHE CB   C N N 254 
PHE CG   C Y N 255 
PHE CD1  C Y N 256 
PHE CD2  C Y N 257 
PHE CE1  C Y N 258 
PHE CE2  C Y N 259 
PHE CZ   C Y N 260 
PHE OXT  O N N 261 
PHE H    H N N 262 
PHE H2   H N N 263 
PHE HA   H N N 264 
PHE HB2  H N N 265 
PHE HB3  H N N 266 
PHE HD1  H N N 267 
PHE HD2  H N N 268 
PHE HE1  H N N 269 
PHE HE2  H N N 270 
PHE HZ   H N N 271 
PHE HXT  H N N 272 
PRO N    N N N 273 
PRO CA   C N S 274 
PRO C    C N N 275 
PRO O    O N N 276 
PRO CB   C N N 277 
PRO CG   C N N 278 
PRO CD   C N N 279 
PRO OXT  O N N 280 
PRO H    H N N 281 
PRO HA   H N N 282 
PRO HB2  H N N 283 
PRO HB3  H N N 284 
PRO HG2  H N N 285 
PRO HG3  H N N 286 
PRO HD2  H N N 287 
PRO HD3  H N N 288 
PRO HXT  H N N 289 
SER N    N N N 290 
SER CA   C N S 291 
SER C    C N N 292 
SER O    O N N 293 
SER CB   C N N 294 
SER OG   O N N 295 
SER OXT  O N N 296 
SER H    H N N 297 
SER H2   H N N 298 
SER HA   H N N 299 
SER HB2  H N N 300 
SER HB3  H N N 301 
SER HG   H N N 302 
SER HXT  H N N 303 
SO4 S    S N N 304 
SO4 O1   O N N 305 
SO4 O2   O N N 306 
SO4 O3   O N N 307 
SO4 O4   O N N 308 
THR N    N N N 309 
THR CA   C N S 310 
THR C    C N N 311 
THR O    O N N 312 
THR CB   C N R 313 
THR OG1  O N N 314 
THR CG2  C N N 315 
THR OXT  O N N 316 
THR H    H N N 317 
THR H2   H N N 318 
THR HA   H N N 319 
THR HB   H N N 320 
THR HG1  H N N 321 
THR HG21 H N N 322 
THR HG22 H N N 323 
THR HG23 H N N 324 
THR HXT  H N N 325 
TRP N    N N N 326 
TRP CA   C N S 327 
TRP C    C N N 328 
TRP O    O N N 329 
TRP CB   C N N 330 
TRP CG   C Y N 331 
TRP CD1  C Y N 332 
TRP CD2  C Y N 333 
TRP NE1  N Y N 334 
TRP CE2  C Y N 335 
TRP CE3  C Y N 336 
TRP CZ2  C Y N 337 
TRP CZ3  C Y N 338 
TRP CH2  C Y N 339 
TRP OXT  O N N 340 
TRP H    H N N 341 
TRP H2   H N N 342 
TRP HA   H N N 343 
TRP HB2  H N N 344 
TRP HB3  H N N 345 
TRP HD1  H N N 346 
TRP HE1  H N N 347 
TRP HE3  H N N 348 
TRP HZ2  H N N 349 
TRP HZ3  H N N 350 
TRP HH2  H N N 351 
TRP HXT  H N N 352 
TYR N    N N N 353 
TYR CA   C N S 354 
TYR C    C N N 355 
TYR O    O N N 356 
TYR CB   C N N 357 
TYR CG   C Y N 358 
TYR CD1  C Y N 359 
TYR CD2  C Y N 360 
TYR CE1  C Y N 361 
TYR CE2  C Y N 362 
TYR CZ   C Y N 363 
TYR OH   O N N 364 
TYR OXT  O N N 365 
TYR H    H N N 366 
TYR H2   H N N 367 
TYR HA   H N N 368 
TYR HB2  H N N 369 
TYR HB3  H N N 370 
TYR HD1  H N N 371 
TYR HD2  H N N 372 
TYR HE1  H N N 373 
TYR HE2  H N N 374 
TYR HH   H N N 375 
TYR HXT  H N N 376 
VAL N    N N N 377 
VAL CA   C N S 378 
VAL C    C N N 379 
VAL O    O N N 380 
VAL CB   C N N 381 
VAL CG1  C N N 382 
VAL CG2  C N N 383 
VAL OXT  O N N 384 
VAL H    H N N 385 
VAL H2   H N N 386 
VAL HA   H N N 387 
VAL HB   H N N 388 
VAL HG11 H N N 389 
VAL HG12 H N N 390 
VAL HG13 H N N 391 
VAL HG21 H N N 392 
VAL HG22 H N N 393 
VAL HG23 H N N 394 
VAL HXT  H N N 395 
# 
loop_
_chem_comp_bond.comp_id 
_chem_comp_bond.atom_id_1 
_chem_comp_bond.atom_id_2 
_chem_comp_bond.value_order 
_chem_comp_bond.pdbx_aromatic_flag 
_chem_comp_bond.pdbx_stereo_config 
_chem_comp_bond.pdbx_ordinal 
ALA N   CA   sing N N 1   
ALA N   H    sing N N 2   
ALA N   H2   sing N N 3   
ALA CA  C    sing N N 4   
ALA CA  CB   sing N N 5   
ALA CA  HA   sing N N 6   
ALA C   O    doub N N 7   
ALA C   OXT  sing N N 8   
ALA CB  HB1  sing N N 9   
ALA CB  HB2  sing N N 10  
ALA CB  HB3  sing N N 11  
ALA OXT HXT  sing N N 12  
ARG N   CA   sing N N 13  
ARG N   H    sing N N 14  
ARG N   H2   sing N N 15  
ARG CA  C    sing N N 16  
ARG CA  CB   sing N N 17  
ARG CA  HA   sing N N 18  
ARG C   O    doub N N 19  
ARG C   OXT  sing N N 20  
ARG CB  CG   sing N N 21  
ARG CB  HB2  sing N N 22  
ARG CB  HB3  sing N N 23  
ARG CG  CD   sing N N 24  
ARG CG  HG2  sing N N 25  
ARG CG  HG3  sing N N 26  
ARG CD  NE   sing N N 27  
ARG CD  HD2  sing N N 28  
ARG CD  HD3  sing N N 29  
ARG NE  CZ   sing N N 30  
ARG NE  HE   sing N N 31  
ARG CZ  NH1  sing N N 32  
ARG CZ  NH2  doub N N 33  
ARG NH1 HH11 sing N N 34  
ARG NH1 HH12 sing N N 35  
ARG NH2 HH21 sing N N 36  
ARG NH2 HH22 sing N N 37  
ARG OXT HXT  sing N N 38  
ASN N   CA   sing N N 39  
ASN N   H    sing N N 40  
ASN N   H2   sing N N 41  
ASN CA  C    sing N N 42  
ASN CA  CB   sing N N 43  
ASN CA  HA   sing N N 44  
ASN C   O    doub N N 45  
ASN C   OXT  sing N N 46  
ASN CB  CG   sing N N 47  
ASN CB  HB2  sing N N 48  
ASN CB  HB3  sing N N 49  
ASN CG  OD1  doub N N 50  
ASN CG  ND2  sing N N 51  
ASN ND2 HD21 sing N N 52  
ASN ND2 HD22 sing N N 53  
ASN OXT HXT  sing N N 54  
ASP N   CA   sing N N 55  
ASP N   H    sing N N 56  
ASP N   H2   sing N N 57  
ASP CA  C    sing N N 58  
ASP CA  CB   sing N N 59  
ASP CA  HA   sing N N 60  
ASP C   O    doub N N 61  
ASP C   OXT  sing N N 62  
ASP CB  CG   sing N N 63  
ASP CB  HB2  sing N N 64  
ASP CB  HB3  sing N N 65  
ASP CG  OD1  doub N N 66  
ASP CG  OD2  sing N N 67  
ASP OD2 HD2  sing N N 68  
ASP OXT HXT  sing N N 69  
CYS N   CA   sing N N 70  
CYS N   H    sing N N 71  
CYS N   H2   sing N N 72  
CYS CA  C    sing N N 73  
CYS CA  CB   sing N N 74  
CYS CA  HA   sing N N 75  
CYS C   O    doub N N 76  
CYS C   OXT  sing N N 77  
CYS CB  SG   sing N N 78  
CYS CB  HB2  sing N N 79  
CYS CB  HB3  sing N N 80  
CYS SG  HG   sing N N 81  
CYS OXT HXT  sing N N 82  
GLN N   CA   sing N N 83  
GLN N   H    sing N N 84  
GLN N   H2   sing N N 85  
GLN CA  C    sing N N 86  
GLN CA  CB   sing N N 87  
GLN CA  HA   sing N N 88  
GLN C   O    doub N N 89  
GLN C   OXT  sing N N 90  
GLN CB  CG   sing N N 91  
GLN CB  HB2  sing N N 92  
GLN CB  HB3  sing N N 93  
GLN CG  CD   sing N N 94  
GLN CG  HG2  sing N N 95  
GLN CG  HG3  sing N N 96  
GLN CD  OE1  doub N N 97  
GLN CD  NE2  sing N N 98  
GLN NE2 HE21 sing N N 99  
GLN NE2 HE22 sing N N 100 
GLN OXT HXT  sing N N 101 
GLU N   CA   sing N N 102 
GLU N   H    sing N N 103 
GLU N   H2   sing N N 104 
GLU CA  C    sing N N 105 
GLU CA  CB   sing N N 106 
GLU CA  HA   sing N N 107 
GLU C   O    doub N N 108 
GLU C   OXT  sing N N 109 
GLU CB  CG   sing N N 110 
GLU CB  HB2  sing N N 111 
GLU CB  HB3  sing N N 112 
GLU CG  CD   sing N N 113 
GLU CG  HG2  sing N N 114 
GLU CG  HG3  sing N N 115 
GLU CD  OE1  doub N N 116 
GLU CD  OE2  sing N N 117 
GLU OE2 HE2  sing N N 118 
GLU OXT HXT  sing N N 119 
GLY N   CA   sing N N 120 
GLY N   H    sing N N 121 
GLY N   H2   sing N N 122 
GLY CA  C    sing N N 123 
GLY CA  HA2  sing N N 124 
GLY CA  HA3  sing N N 125 
GLY C   O    doub N N 126 
GLY C   OXT  sing N N 127 
GLY OXT HXT  sing N N 128 
HIS N   CA   sing N N 129 
HIS N   H    sing N N 130 
HIS N   H2   sing N N 131 
HIS CA  C    sing N N 132 
HIS CA  CB   sing N N 133 
HIS CA  HA   sing N N 134 
HIS C   O    doub N N 135 
HIS C   OXT  sing N N 136 
HIS CB  CG   sing N N 137 
HIS CB  HB2  sing N N 138 
HIS CB  HB3  sing N N 139 
HIS CG  ND1  sing Y N 140 
HIS CG  CD2  doub Y N 141 
HIS ND1 CE1  doub Y N 142 
HIS ND1 HD1  sing N N 143 
HIS CD2 NE2  sing Y N 144 
HIS CD2 HD2  sing N N 145 
HIS CE1 NE2  sing Y N 146 
HIS CE1 HE1  sing N N 147 
HIS NE2 HE2  sing N N 148 
HIS OXT HXT  sing N N 149 
HOH O   H1   sing N N 150 
HOH O   H2   sing N N 151 
ILE N   CA   sing N N 152 
ILE N   H    sing N N 153 
ILE N   H2   sing N N 154 
ILE CA  C    sing N N 155 
ILE CA  CB   sing N N 156 
ILE CA  HA   sing N N 157 
ILE C   O    doub N N 158 
ILE C   OXT  sing N N 159 
ILE CB  CG1  sing N N 160 
ILE CB  CG2  sing N N 161 
ILE CB  HB   sing N N 162 
ILE CG1 CD1  sing N N 163 
ILE CG1 HG12 sing N N 164 
ILE CG1 HG13 sing N N 165 
ILE CG2 HG21 sing N N 166 
ILE CG2 HG22 sing N N 167 
ILE CG2 HG23 sing N N 168 
ILE CD1 HD11 sing N N 169 
ILE CD1 HD12 sing N N 170 
ILE CD1 HD13 sing N N 171 
ILE OXT HXT  sing N N 172 
LEU N   CA   sing N N 173 
LEU N   H    sing N N 174 
LEU N   H2   sing N N 175 
LEU CA  C    sing N N 176 
LEU CA  CB   sing N N 177 
LEU CA  HA   sing N N 178 
LEU C   O    doub N N 179 
LEU C   OXT  sing N N 180 
LEU CB  CG   sing N N 181 
LEU CB  HB2  sing N N 182 
LEU CB  HB3  sing N N 183 
LEU CG  CD1  sing N N 184 
LEU CG  CD2  sing N N 185 
LEU CG  HG   sing N N 186 
LEU CD1 HD11 sing N N 187 
LEU CD1 HD12 sing N N 188 
LEU CD1 HD13 sing N N 189 
LEU CD2 HD21 sing N N 190 
LEU CD2 HD22 sing N N 191 
LEU CD2 HD23 sing N N 192 
LEU OXT HXT  sing N N 193 
LYS N   CA   sing N N 194 
LYS N   H    sing N N 195 
LYS N   H2   sing N N 196 
LYS CA  C    sing N N 197 
LYS CA  CB   sing N N 198 
LYS CA  HA   sing N N 199 
LYS C   O    doub N N 200 
LYS C   OXT  sing N N 201 
LYS CB  CG   sing N N 202 
LYS CB  HB2  sing N N 203 
LYS CB  HB3  sing N N 204 
LYS CG  CD   sing N N 205 
LYS CG  HG2  sing N N 206 
LYS CG  HG3  sing N N 207 
LYS CD  CE   sing N N 208 
LYS CD  HD2  sing N N 209 
LYS CD  HD3  sing N N 210 
LYS CE  NZ   sing N N 211 
LYS CE  HE2  sing N N 212 
LYS CE  HE3  sing N N 213 
LYS NZ  HZ1  sing N N 214 
LYS NZ  HZ2  sing N N 215 
LYS NZ  HZ3  sing N N 216 
LYS OXT HXT  sing N N 217 
MET N   CA   sing N N 218 
MET N   H    sing N N 219 
MET N   H2   sing N N 220 
MET CA  C    sing N N 221 
MET CA  CB   sing N N 222 
MET CA  HA   sing N N 223 
MET C   O    doub N N 224 
MET C   OXT  sing N N 225 
MET CB  CG   sing N N 226 
MET CB  HB2  sing N N 227 
MET CB  HB3  sing N N 228 
MET CG  SD   sing N N 229 
MET CG  HG2  sing N N 230 
MET CG  HG3  sing N N 231 
MET SD  CE   sing N N 232 
MET CE  HE1  sing N N 233 
MET CE  HE2  sing N N 234 
MET CE  HE3  sing N N 235 
MET OXT HXT  sing N N 236 
PHE N   CA   sing N N 237 
PHE N   H    sing N N 238 
PHE N   H2   sing N N 239 
PHE CA  C    sing N N 240 
PHE CA  CB   sing N N 241 
PHE CA  HA   sing N N 242 
PHE C   O    doub N N 243 
PHE C   OXT  sing N N 244 
PHE CB  CG   sing N N 245 
PHE CB  HB2  sing N N 246 
PHE CB  HB3  sing N N 247 
PHE CG  CD1  doub Y N 248 
PHE CG  CD2  sing Y N 249 
PHE CD1 CE1  sing Y N 250 
PHE CD1 HD1  sing N N 251 
PHE CD2 CE2  doub Y N 252 
PHE CD2 HD2  sing N N 253 
PHE CE1 CZ   doub Y N 254 
PHE CE1 HE1  sing N N 255 
PHE CE2 CZ   sing Y N 256 
PHE CE2 HE2  sing N N 257 
PHE CZ  HZ   sing N N 258 
PHE OXT HXT  sing N N 259 
PRO N   CA   sing N N 260 
PRO N   CD   sing N N 261 
PRO N   H    sing N N 262 
PRO CA  C    sing N N 263 
PRO CA  CB   sing N N 264 
PRO CA  HA   sing N N 265 
PRO C   O    doub N N 266 
PRO C   OXT  sing N N 267 
PRO CB  CG   sing N N 268 
PRO CB  HB2  sing N N 269 
PRO CB  HB3  sing N N 270 
PRO CG  CD   sing N N 271 
PRO CG  HG2  sing N N 272 
PRO CG  HG3  sing N N 273 
PRO CD  HD2  sing N N 274 
PRO CD  HD3  sing N N 275 
PRO OXT HXT  sing N N 276 
SER N   CA   sing N N 277 
SER N   H    sing N N 278 
SER N   H2   sing N N 279 
SER CA  C    sing N N 280 
SER CA  CB   sing N N 281 
SER CA  HA   sing N N 282 
SER C   O    doub N N 283 
SER C   OXT  sing N N 284 
SER CB  OG   sing N N 285 
SER CB  HB2  sing N N 286 
SER CB  HB3  sing N N 287 
SER OG  HG   sing N N 288 
SER OXT HXT  sing N N 289 
SO4 S   O1   doub N N 290 
SO4 S   O2   doub N N 291 
SO4 S   O3   sing N N 292 
SO4 S   O4   sing N N 293 
THR N   CA   sing N N 294 
THR N   H    sing N N 295 
THR N   H2   sing N N 296 
THR CA  C    sing N N 297 
THR CA  CB   sing N N 298 
THR CA  HA   sing N N 299 
THR C   O    doub N N 300 
THR C   OXT  sing N N 301 
THR CB  OG1  sing N N 302 
THR CB  CG2  sing N N 303 
THR CB  HB   sing N N 304 
THR OG1 HG1  sing N N 305 
THR CG2 HG21 sing N N 306 
THR CG2 HG22 sing N N 307 
THR CG2 HG23 sing N N 308 
THR OXT HXT  sing N N 309 
TRP N   CA   sing N N 310 
TRP N   H    sing N N 311 
TRP N   H2   sing N N 312 
TRP CA  C    sing N N 313 
TRP CA  CB   sing N N 314 
TRP CA  HA   sing N N 315 
TRP C   O    doub N N 316 
TRP C   OXT  sing N N 317 
TRP CB  CG   sing N N 318 
TRP CB  HB2  sing N N 319 
TRP CB  HB3  sing N N 320 
TRP CG  CD1  doub Y N 321 
TRP CG  CD2  sing Y N 322 
TRP CD1 NE1  sing Y N 323 
TRP CD1 HD1  sing N N 324 
TRP CD2 CE2  doub Y N 325 
TRP CD2 CE3  sing Y N 326 
TRP NE1 CE2  sing Y N 327 
TRP NE1 HE1  sing N N 328 
TRP CE2 CZ2  sing Y N 329 
TRP CE3 CZ3  doub Y N 330 
TRP CE3 HE3  sing N N 331 
TRP CZ2 CH2  doub Y N 332 
TRP CZ2 HZ2  sing N N 333 
TRP CZ3 CH2  sing Y N 334 
TRP CZ3 HZ3  sing N N 335 
TRP CH2 HH2  sing N N 336 
TRP OXT HXT  sing N N 337 
TYR N   CA   sing N N 338 
TYR N   H    sing N N 339 
TYR N   H2   sing N N 340 
TYR CA  C    sing N N 341 
TYR CA  CB   sing N N 342 
TYR CA  HA   sing N N 343 
TYR C   O    doub N N 344 
TYR C   OXT  sing N N 345 
TYR CB  CG   sing N N 346 
TYR CB  HB2  sing N N 347 
TYR CB  HB3  sing N N 348 
TYR CG  CD1  doub Y N 349 
TYR CG  CD2  sing Y N 350 
TYR CD1 CE1  sing Y N 351 
TYR CD1 HD1  sing N N 352 
TYR CD2 CE2  doub Y N 353 
TYR CD2 HD2  sing N N 354 
TYR CE1 CZ   doub Y N 355 
TYR CE1 HE1  sing N N 356 
TYR CE2 CZ   sing Y N 357 
TYR CE2 HE2  sing N N 358 
TYR CZ  OH   sing N N 359 
TYR OH  HH   sing N N 360 
TYR OXT HXT  sing N N 361 
VAL N   CA   sing N N 362 
VAL N   H    sing N N 363 
VAL N   H2   sing N N 364 
VAL CA  C    sing N N 365 
VAL CA  CB   sing N N 366 
VAL CA  HA   sing N N 367 
VAL C   O    doub N N 368 
VAL C   OXT  sing N N 369 
VAL CB  CG1  sing N N 370 
VAL CB  CG2  sing N N 371 
VAL CB  HB   sing N N 372 
VAL CG1 HG11 sing N N 373 
VAL CG1 HG12 sing N N 374 
VAL CG1 HG13 sing N N 375 
VAL CG2 HG21 sing N N 376 
VAL CG2 HG22 sing N N 377 
VAL CG2 HG23 sing N N 378 
VAL OXT HXT  sing N N 379 
# 
_pdbx_initial_refinement_model.id               1 
_pdbx_initial_refinement_model.entity_id_list   ? 
_pdbx_initial_refinement_model.type             'experimental model' 
_pdbx_initial_refinement_model.source_name      PDB 
_pdbx_initial_refinement_model.accession_code   1SKG 
_pdbx_initial_refinement_model.details          ? 
# 
_atom_sites.entry_id                    1TDV 
_atom_sites.fract_transf_matrix[1][1]   -0.00259251 
_atom_sites.fract_transf_matrix[1][2]   -0.01866109 
_atom_sites.fract_transf_matrix[1][3]   -0.00328175 
_atom_sites.fract_transf_matrix[2][1]   0.01594610 
_atom_sites.fract_transf_matrix[2][2]   -0.00393789 
_atom_sites.fract_transf_matrix[2][3]   0.00979502 
_atom_sites.fract_transf_matrix[3][1]   -0.01119262 
_atom_sites.fract_transf_matrix[3][2]   -0.00154055 
_atom_sites.fract_transf_matrix[3][3]   0.01760201 
_atom_sites.fract_transf_vector[1]      0.156290 
_atom_sites.fract_transf_vector[2]      0.456591 
_atom_sites.fract_transf_vector[3]      0.011532 
# 
loop_
_atom_type.symbol 
C 
N 
O 
S 
# 
loop_
_atom_site.group_PDB 
_atom_site.id 
_atom_site.type_symbol 
_atom_site.label_atom_id 
_atom_site.label_alt_id 
_atom_site.label_comp_id 
_atom_site.label_asym_id 
_atom_site.label_entity_id 
_atom_site.label_seq_id 
_atom_site.pdbx_PDB_ins_code 
_atom_site.Cartn_x 
_atom_site.Cartn_y 
_atom_site.Cartn_z 
_atom_site.occupancy 
_atom_site.B_iso_or_equiv 
_atom_site.pdbx_formal_charge 
_atom_site.auth_seq_id 
_atom_site.auth_comp_id 
_atom_site.auth_asym_id 
_atom_site.auth_atom_id 
_atom_site.pdbx_PDB_model_num 
ATOM   1    N N   . SER A 1 1   ? -5.793  -2.883  -8.700  1.00 13.96 ? 1    SER A N   1 
ATOM   2    C CA  . SER A 1 1   ? -4.943  -2.046  -9.614  1.00 15.21 ? 1    SER A CA  1 
ATOM   3    C C   . SER A 1 1   ? -4.348  -0.902  -8.816  1.00 15.40 ? 1    SER A C   1 
ATOM   4    O O   . SER A 1 1   ? -4.856  -0.581  -7.746  1.00 15.06 ? 1    SER A O   1 
ATOM   5    C CB  . SER A 1 1   ? -5.772  -1.462  -10.736 1.00 15.46 ? 1    SER A CB  1 
ATOM   6    O OG  . SER A 1 1   ? -6.719  -0.524  -10.235 1.00 15.96 ? 1    SER A OG  1 
ATOM   7    N N   . LEU A 1 2   ? -3.220  -0.366  -9.260  1.00 16.79 ? 2    LEU A N   1 
ATOM   8    C CA  . LEU A 1 2   ? -2.610  0.821   -8.649  1.00 17.64 ? 2    LEU A CA  1 
ATOM   9    C C   . LEU A 1 2   ? -3.585  1.969   -8.396  1.00 17.55 ? 2    LEU A C   1 
ATOM   10   O O   . LEU A 1 2   ? -3.557  2.580   -7.323  1.00 17.70 ? 2    LEU A O   1 
ATOM   11   C CB  . LEU A 1 2   ? -1.466  1.307   -9.525  1.00 18.30 ? 2    LEU A CB  1 
ATOM   12   C CG  . LEU A 1 2   ? -0.560  2.355   -8.902  1.00 20.92 ? 2    LEU A CG  1 
ATOM   13   C CD1 . LEU A 1 2   ? -0.024  1.879   -7.567  1.00 24.68 ? 2    LEU A CD1 1 
ATOM   14   C CD2 . LEU A 1 2   ? 0.556   2.716   -9.903  1.00 24.03 ? 2    LEU A CD2 1 
ATOM   15   N N   . LEU A 1 3   ? -4.418  2.286   -9.379  1.00 18.31 ? 3    LEU A N   1 
ATOM   16   C CA  . LEU A 1 3   ? -5.404  3.358   -9.190  1.00 18.63 ? 3    LEU A CA  1 
ATOM   17   C C   . LEU A 1 3   ? -6.414  3.041   -8.082  1.00 17.86 ? 3    LEU A C   1 
ATOM   18   O O   . LEU A 1 3   ? -6.731  3.911   -7.263  1.00 16.88 ? 3    LEU A O   1 
ATOM   19   C CB  . LEU A 1 3   ? -6.128  3.676   -10.474 1.00 19.46 ? 3    LEU A CB  1 
ATOM   20   C CG  . LEU A 1 3   ? -5.296  4.642   -11.316 1.00 24.95 ? 3    LEU A CG  1 
ATOM   21   C CD1 . LEU A 1 3   ? -5.986  4.922   -12.624 1.00 28.17 ? 3    LEU A CD1 1 
ATOM   22   C CD2 . LEU A 1 3   ? -5.064  5.944   -10.554 1.00 27.33 ? 3    LEU A CD2 1 
ATOM   23   N N   . GLU A 1 4   ? -6.898  1.796   -8.036  1.00 17.09 ? 4    GLU A N   1 
ATOM   24   C CA  . GLU A 1 4   ? -7.816  1.363   -6.981  1.00 17.09 ? 4    GLU A CA  1 
ATOM   25   C C   . GLU A 1 4   ? -7.144  1.448   -5.621  1.00 15.39 ? 4    GLU A C   1 
ATOM   26   O O   . GLU A 1 4   ? -7.756  1.893   -4.635  1.00 15.02 ? 4    GLU A O   1 
ATOM   27   C CB  . GLU A 1 4   ? -8.261  -0.087  -7.186  1.00 17.45 ? 4    GLU A CB  1 
ATOM   28   C CG  . GLU A 1 4   ? -9.260  -0.247  -8.290  1.00 20.49 ? 4    GLU A CG  1 
ATOM   29   C CD  . GLU A 1 4   ? -9.487  -1.688  -8.694  1.00 20.80 ? 4    GLU A CD  1 
ATOM   30   O OE1 . GLU A 1 4   ? -8.848  -2.618  -8.124  1.00 17.48 ? 4    GLU A OE1 1 
ATOM   31   O OE2 . GLU A 1 4   ? -10.338 -1.871  -9.595  1.00 26.17 ? 4    GLU A OE2 1 
ATOM   32   N N   . PHE A 1 5   ? -5.893  0.985   -5.550  1.00 14.60 ? 5    PHE A N   1 
ATOM   33   C CA  . PHE A 1 5   ? -5.123  0.998   -4.319  1.00 13.21 ? 5    PHE A CA  1 
ATOM   34   C C   . PHE A 1 5   ? -5.027  2.444   -3.876  1.00 13.88 ? 5    PHE A C   1 
ATOM   35   O O   . PHE A 1 5   ? -5.180  2.746   -2.707  1.00 14.32 ? 5    PHE A O   1 
ATOM   36   C CB  . PHE A 1 5   ? -3.715  0.401   -4.579  1.00 13.84 ? 5    PHE A CB  1 
ATOM   37   C CG  . PHE A 1 5   ? -2.817  0.308   -3.360  1.00 13.87 ? 5    PHE A CG  1 
ATOM   38   C CD1 . PHE A 1 5   ? -3.328  0.038   -2.102  1.00 13.52 ? 5    PHE A CD1 1 
ATOM   39   C CD2 . PHE A 1 5   ? -1.449  0.431   -3.498  1.00 15.39 ? 5    PHE A CD2 1 
ATOM   40   C CE1 . PHE A 1 5   ? -2.472  -0.041  -1.003  1.00 14.52 ? 5    PHE A CE1 1 
ATOM   41   C CE2 . PHE A 1 5   ? -0.588  0.340   -2.402  1.00 16.49 ? 5    PHE A CE2 1 
ATOM   42   C CZ  . PHE A 1 5   ? -1.123  0.055   -1.139  1.00 16.63 ? 5    PHE A CZ  1 
ATOM   43   N N   . GLY A 1 6   ? -4.775  3.334   -4.836  1.00 13.32 ? 6    GLY A N   1 
ATOM   44   C CA  . GLY A 1 6   ? -4.645  4.753   -4.550  1.00 14.39 ? 6    GLY A CA  1 
ATOM   45   C C   . GLY A 1 6   ? -5.906  5.324   -3.900  1.00 15.03 ? 6    GLY A C   1 
ATOM   46   O O   . GLY A 1 6   ? -5.859  6.132   -2.951  1.00 15.33 ? 6    GLY A O   1 
ATOM   47   N N   . LYS A 1 7   ? -7.058  4.943   -4.409  1.00 15.96 ? 7    LYS A N   1 
ATOM   48   C CA  . LYS A 1 7   ? -8.297  5.448   -3.887  1.00 16.97 ? 7    LYS A CA  1 
ATOM   49   C C   . LYS A 1 7   ? -8.572  4.853   -2.516  1.00 16.85 ? 7    LYS A C   1 
ATOM   50   O O   . LYS A 1 7   ? -9.064  5.535   -1.626  1.00 16.72 ? 7    LYS A O   1 
ATOM   51   C CB  . LYS A 1 7   ? -9.398  5.100   -4.856  1.00 17.01 ? 7    LYS A CB  1 
ATOM   52   C CG  . LYS A 1 7   ? -10.743 5.317   -4.314  1.00 21.30 ? 7    LYS A CG  1 
ATOM   53   C CD  . LYS A 1 7   ? -11.730 4.990   -5.403  1.00 24.31 ? 7    LYS A CD  1 
ATOM   54   C CE  . LYS A 1 7   ? -13.098 4.888   -4.826  1.00 28.14 ? 7    LYS A CE  1 
ATOM   55   N NZ  . LYS A 1 7   ? -14.102 5.533   -5.711  1.00 33.05 ? 7    LYS A NZ  1 
ATOM   56   N N   . MET A 1 8   ? -8.206  3.580   -2.335  1.00 16.21 ? 8    MET A N   1 
ATOM   57   C CA  . MET A 1 8   ? -8.338  2.935   -1.032  1.00 15.54 ? 8    MET A CA  1 
ATOM   58   C C   . MET A 1 8   ? -7.476  3.661   0.030   1.00 15.01 ? 8    MET A C   1 
ATOM   59   O O   . MET A 1 8   ? -7.906  3.862   1.193   1.00 15.52 ? 8    MET A O   1 
ATOM   60   C CB  . MET A 1 8   ? -7.888  1.466   -1.119  1.00 15.61 ? 8    MET A CB  1 
ATOM   61   C CG  . MET A 1 8   ? -8.155  0.685   0.131   1.00 15.62 ? 8    MET A CG  1 
ATOM   62   S SD  . MET A 1 8   ? -7.452  -1.017  0.060   1.00 14.59 ? 8    MET A SD  1 
ATOM   63   C CE  . MET A 1 8   ? -8.577  -1.888  -1.076  1.00 14.45 ? 8    MET A CE  1 
ATOM   64   N N   . ILE A 1 9   ? -6.263  4.040   -0.358  1.00 14.16 ? 9    ILE A N   1 
ATOM   65   C CA  . ILE A 1 9   ? -5.362  4.791   0.524   1.00 13.76 ? 9    ILE A CA  1 
ATOM   66   C C   . ILE A 1 9   ? -5.973  6.137   0.908   1.00 13.96 ? 9    ILE A C   1 
ATOM   67   O O   . ILE A 1 9   ? -5.995  6.515   2.087   1.00 13.79 ? 9    ILE A O   1 
ATOM   68   C CB  . ILE A 1 9   ? -3.988  4.999   -0.149  1.00 13.55 ? 9    ILE A CB  1 
ATOM   69   C CG1 . ILE A 1 9   ? -3.238  3.667   -0.250  1.00 11.92 ? 9    ILE A CG1 1 
ATOM   70   C CG2 . ILE A 1 9   ? -3.136  5.988   0.658   1.00 14.13 ? 9    ILE A CG2 1 
ATOM   71   C CD1 . ILE A 1 9   ? -2.103  3.670   -1.179  1.00 13.42 ? 9    ILE A CD1 1 
ATOM   72   N N   . LEU A 1 10  ? -6.450  6.880   -0.085  1.00 14.59 ? 10   LEU A N   1 
ATOM   73   C CA  . LEU A 1 10  ? -7.086  8.178   0.199   1.00 15.66 ? 10   LEU A CA  1 
ATOM   74   C C   . LEU A 1 10  ? -8.302  8.003   1.134   1.00 16.32 ? 10   LEU A C   1 
ATOM   75   O O   . LEU A 1 10  ? -8.457  8.720   2.132   1.00 16.25 ? 10   LEU A O   1 
ATOM   76   C CB  . LEU A 1 10  ? -7.476  8.858   -1.115  1.00 16.70 ? 10   LEU A CB  1 
ATOM   77   C CG  . LEU A 1 10  ? -8.249  10.196  -0.987  1.00 18.74 ? 10   LEU A CG  1 
ATOM   78   C CD1 . LEU A 1 10  ? -7.424  11.263  -0.265  1.00 20.95 ? 10   LEU A CD1 1 
ATOM   79   C CD2 . LEU A 1 10  ? -8.681  10.704  -2.323  1.00 20.62 ? 10   LEU A CD2 1 
ATOM   80   N N   . GLU A 1 11  ? -9.166  7.046   0.834   1.00 16.55 ? 11   GLU A N   1 
ATOM   81   C CA  . GLU A 1 11  ? -10.325 6.782   1.691   1.00 17.74 ? 11   GLU A CA  1 
ATOM   82   C C   . GLU A 1 11  ? -9.899  6.478   3.117   1.00 16.67 ? 11   GLU A C   1 
ATOM   83   O O   . GLU A 1 11  ? -10.535 6.884   4.072   1.00 16.67 ? 11   GLU A O   1 
ATOM   84   C CB  . GLU A 1 11  ? -11.084 5.547   1.237   1.00 18.94 ? 11   GLU A CB  1 
ATOM   85   C CG  . GLU A 1 11  ? -11.736 5.616   -0.083  1.00 23.36 ? 11   GLU A CG  1 
ATOM   86   C CD  . GLU A 1 11  ? -12.445 4.304   -0.403  1.00 27.82 ? 11   GLU A CD  1 
ATOM   87   O OE1 . GLU A 1 11  ? -11.996 3.146   -0.021  1.00 26.32 ? 11   GLU A OE1 1 
ATOM   88   O OE2 . GLU A 1 11  ? -13.484 4.448   -1.016  1.00 30.86 ? 11   GLU A OE2 1 
ATOM   89   N N   . GLU A 1 12  ? -8.821  5.738   3.246   1.00 16.30 ? 12   GLU A N   1 
ATOM   90   C CA  . GLU A 1 12  ? -8.400  5.269   4.545   1.00 16.61 ? 12   GLU A CA  1 
ATOM   91   C C   . GLU A 1 12  ? -7.730  6.352   5.381   1.00 15.98 ? 12   GLU A C   1 
ATOM   92   O O   . GLU A 1 12  ? -8.042  6.491   6.576   1.00 16.12 ? 12   GLU A O   1 
ATOM   93   C CB  . GLU A 1 12  ? -7.452  4.087   4.340   1.00 16.77 ? 12   GLU A CB  1 
ATOM   94   C CG  . GLU A 1 12  ? -7.262  3.283   5.574   1.00 19.89 ? 12   GLU A CG  1 
ATOM   95   C CD  . GLU A 1 12  ? -8.465  2.470   5.991   1.00 18.31 ? 12   GLU A CD  1 
ATOM   96   O OE1 . GLU A 1 12  ? -8.348  1.948   7.100   1.00 25.90 ? 12   GLU A OE1 1 
ATOM   97   O OE2 . GLU A 1 12  ? -9.489  2.311   5.284   1.00 20.81 ? 12   GLU A OE2 1 
ATOM   98   N N   . THR A 1 13  ? -6.829  7.100   4.745   1.00 15.37 ? 13   THR A N   1 
ATOM   99   C CA  . THR A 1 13  ? -5.927  8.025   5.436   1.00 15.83 ? 13   THR A CA  1 
ATOM   100  C C   . THR A 1 13  ? -6.236  9.497   5.263   1.00 16.10 ? 13   THR A C   1 
ATOM   101  O O   . THR A 1 13  ? -5.820  10.294  6.088   1.00 17.66 ? 13   THR A O   1 
ATOM   102  C CB  . THR A 1 13  ? -4.478  7.832   4.991   1.00 15.31 ? 13   THR A CB  1 
ATOM   103  O OG1 . THR A 1 13  ? -4.322  8.236   3.617   1.00 15.90 ? 13   THR A OG1 1 
ATOM   104  C CG2 . THR A 1 13  ? -4.042  6.369   5.067   1.00 16.32 ? 13   THR A CG2 1 
ATOM   105  N N   . GLY A 1 14  ? -6.948  9.867   4.217   1.00 16.82 ? 14   GLY A N   1 
ATOM   106  C CA  . GLY A 1 14  ? -7.165  11.272  3.934   1.00 16.84 ? 14   GLY A CA  1 
ATOM   107  C C   . GLY A 1 14  ? -5.996  11.851  3.175   1.00 17.54 ? 14   GLY A C   1 
ATOM   108  O O   . GLY A 1 14  ? -5.990  13.032  2.763   1.00 19.19 ? 14   GLY A O   1 
ATOM   109  N N   . LYS A 1 15  ? -4.895  11.170  2.906   1.00 17.23 ? 16   LYS A N   1 
ATOM   110  C CA  . LYS A 1 15  ? -3.733  11.541  2.110   1.00 18.13 ? 16   LYS A CA  1 
ATOM   111  C C   . LYS A 1 15  ? -3.843  11.007  0.694   1.00 18.69 ? 16   LYS A C   1 
ATOM   112  O O   . LYS A 1 15  ? -4.292  9.881   0.475   1.00 18.62 ? 16   LYS A O   1 
ATOM   113  C CB  . LYS A 1 15  ? -2.465  10.972  2.772   1.00 18.01 ? 16   LYS A CB  1 
ATOM   114  C CG  . LYS A 1 15  ? -2.079  11.640  4.081   1.00 18.88 ? 16   LYS A CG  1 
ATOM   115  C CD  . LYS A 1 15  ? -0.754  11.131  4.594   1.00 19.53 ? 16   LYS A CD  1 
ATOM   116  C CE  . LYS A 1 15  ? -0.288  11.829  5.828   1.00 20.37 ? 16   LYS A CE  1 
ATOM   117  N NZ  . LYS A 1 15  ? 0.149   13.257  5.535   1.00 19.64 ? 16   LYS A NZ  1 
ATOM   118  N N   . LEU A 1 16  ? -3.455  11.828  -0.272  1.00 19.17 ? 17   LEU A N   1 
ATOM   119  C CA  . LEU A 1 16  ? -3.412  11.402  -1.649  1.00 19.05 ? 17   LEU A CA  1 
ATOM   120  C C   . LEU A 1 16  ? -2.256  10.414  -1.816  1.00 18.22 ? 17   LEU A C   1 
ATOM   121  O O   . LEU A 1 16  ? -1.125  10.667  -1.379  1.00 17.05 ? 17   LEU A O   1 
ATOM   122  C CB  . LEU A 1 16  ? -3.241  12.608  -2.574  1.00 19.81 ? 17   LEU A CB  1 
ATOM   123  C CG  . LEU A 1 16  ? -4.439  13.550  -2.674  1.00 22.04 ? 17   LEU A CG  1 
ATOM   124  C CD1 . LEU A 1 16  ? -4.056  14.863  -3.331  1.00 24.40 ? 17   LEU A CD1 1 
ATOM   125  C CD2 . LEU A 1 16  ? -5.570  12.866  -3.478  1.00 24.28 ? 17   LEU A CD2 1 
ATOM   126  N N   . ALA A 1 17  ? -2.521  9.296   -2.491  1.00 17.97 ? 18   ALA A N   1 
ATOM   127  C CA  . ALA A 1 17  ? -1.521  8.268   -2.711  1.00 18.60 ? 18   ALA A CA  1 
ATOM   128  C C   . ALA A 1 17  ? -0.288  8.879   -3.358  1.00 19.41 ? 18   ALA A C   1 
ATOM   129  O O   . ALA A 1 17  ? 0.822   8.621   -2.924  1.00 18.85 ? 18   ALA A O   1 
ATOM   130  C CB  . ALA A 1 17  ? -2.102  7.143   -3.569  1.00 19.52 ? 18   ALA A CB  1 
ATOM   131  N N   . ILE A 1 18  ? -0.503  9.686   -4.400  1.00 19.68 ? 19   ILE A N   1 
ATOM   132  C CA  . ILE A 1 18  ? 0.561   10.473  -5.017  1.00 20.97 ? 19   ILE A CA  1 
ATOM   133  C C   . ILE A 1 18  ? 0.226   11.888  -4.528  1.00 20.88 ? 19   ILE A C   1 
ATOM   134  O O   . ILE A 1 18  ? -0.837  12.389  -4.863  1.00 20.75 ? 19   ILE A O   1 
ATOM   135  C CB  . ILE A 1 18  ? 0.445   10.486  -6.558  1.00 21.14 ? 19   ILE A CB  1 
ATOM   136  C CG1 . ILE A 1 18  ? 0.521   9.095   -7.147  1.00 23.20 ? 19   ILE A CG1 1 
ATOM   137  C CG2 . ILE A 1 18  ? 1.556   11.352  -7.167  1.00 20.15 ? 19   ILE A CG2 1 
ATOM   138  C CD1 . ILE A 1 18  ? -0.032  9.035   -8.569  1.00 25.96 ? 19   ILE A CD1 1 
ATOM   139  N N   . PRO A 1 19  ? 1.093   12.596  -3.826  1.00 21.27 ? 20   PRO A N   1 
ATOM   140  C CA  . PRO A 1 19  ? 2.465   12.244  -3.535  1.00 21.36 ? 20   PRO A CA  1 
ATOM   141  C C   . PRO A 1 19  ? 2.783   11.753  -2.126  1.00 20.28 ? 20   PRO A C   1 
ATOM   142  O O   . PRO A 1 19  ? 3.966   11.661  -1.835  1.00 21.39 ? 20   PRO A O   1 
ATOM   143  C CB  . PRO A 1 19  ? 3.131   13.595  -3.695  1.00 21.85 ? 20   PRO A CB  1 
ATOM   144  C CG  . PRO A 1 19  ? 2.154   14.490  -2.926  1.00 22.26 ? 20   PRO A CG  1 
ATOM   145  C CD  . PRO A 1 19  ? 0.781   13.956  -3.332  1.00 21.78 ? 20   PRO A CD  1 
ATOM   146  N N   . SER A 1 20  ? 1.807   11.417  -1.295  1.00 18.66 ? 21   SER A N   1 
ATOM   147  C CA  . SER A 1 20  ? 2.164   11.049  0.072   1.00 18.03 ? 21   SER A CA  1 
ATOM   148  C C   . SER A 1 20  ? 2.842   9.697   0.210   1.00 17.71 ? 21   SER A C   1 
ATOM   149  O O   . SER A 1 20  ? 3.656   9.522   1.122   1.00 17.23 ? 21   SER A O   1 
ATOM   150  C CB  . SER A 1 20  ? 0.952   11.098  0.993   1.00 17.95 ? 21   SER A CB  1 
ATOM   151  O OG  . SER A 1 20  ? 0.526   12.438  1.105   1.00 18.89 ? 21   SER A OG  1 
ATOM   152  N N   . TYR A 1 21  ? 2.491   8.748   -0.666  1.00 17.67 ? 22   TYR A N   1 
ATOM   153  C CA  . TYR A 1 21  ? 2.988   7.373   -0.550  1.00 17.79 ? 22   TYR A CA  1 
ATOM   154  C C   . TYR A 1 21  ? 3.683   6.859   -1.813  1.00 18.61 ? 22   TYR A C   1 
ATOM   155  O O   . TYR A 1 21  ? 4.163   5.733   -1.837  1.00 20.29 ? 22   TYR A O   1 
ATOM   156  C CB  . TYR A 1 21  ? 1.832   6.446   -0.174  1.00 17.73 ? 22   TYR A CB  1 
ATOM   157  C CG  . TYR A 1 21  ? 1.258   6.727   1.203   1.00 16.70 ? 22   TYR A CG  1 
ATOM   158  C CD1 . TYR A 1 21  ? 1.928   6.316   2.354   1.00 18.11 ? 22   TYR A CD1 1 
ATOM   159  C CD2 . TYR A 1 21  ? 0.039   7.369   1.358   1.00 15.55 ? 22   TYR A CD2 1 
ATOM   160  C CE1 . TYR A 1 21  ? 1.392   6.551   3.640   1.00 14.95 ? 22   TYR A CE1 1 
ATOM   161  C CE2 . TYR A 1 21  ? -0.487  7.615   2.616   1.00 15.03 ? 22   TYR A CE2 1 
ATOM   162  C CZ  . TYR A 1 21  ? 0.186   7.208   3.758   1.00 14.43 ? 22   TYR A CZ  1 
ATOM   163  O OH  . TYR A 1 21  ? -0.336  7.463   5.019   1.00 15.18 ? 22   TYR A OH  1 
ATOM   164  N N   . SER A 1 22  ? 3.742   7.672   -2.855  1.00 19.55 ? 23   SER A N   1 
ATOM   165  C CA  . SER A 1 22  ? 4.372   7.252   -4.110  1.00 20.26 ? 23   SER A CA  1 
ATOM   166  C C   . SER A 1 22  ? 5.907   7.284   -4.152  1.00 20.42 ? 23   SER A C   1 
ATOM   167  O O   . SER A 1 22  ? 6.493   6.653   -5.037  1.00 20.11 ? 23   SER A O   1 
ATOM   168  C CB  . SER A 1 22  ? 3.826   8.091   -5.261  1.00 20.93 ? 23   SER A CB  1 
ATOM   169  O OG  . SER A 1 22  ? 4.056   9.471   -5.026  1.00 24.38 ? 23   SER A OG  1 
ATOM   170  N N   . SER A 1 23  ? 6.546   8.055   -3.270  1.00 20.20 ? 24   SER A N   1 
ATOM   171  C CA  . SER A 1 23  ? 8.007   8.139   -3.192  1.00 20.83 ? 24   SER A CA  1 
ATOM   172  C C   . SER A 1 23  ? 8.536   8.279   -1.754  1.00 20.79 ? 24   SER A C   1 
ATOM   173  O O   . SER A 1 23  ? 9.570   8.918   -1.507  1.00 23.53 ? 24   SER A O   1 
ATOM   174  C CB  . SER A 1 23  ? 8.502   9.330   -4.001  1.00 20.85 ? 24   SER A CB  1 
ATOM   175  O OG  . SER A 1 23  ? 7.969   10.533  -3.463  1.00 25.46 ? 24   SER A OG  1 
ATOM   176  N N   . TYR A 1 24  ? 7.889   7.606   -0.819  1.00 18.39 ? 25   TYR A N   1 
ATOM   177  C CA  . TYR A 1 24  ? 8.216   7.735   0.594   1.00 17.56 ? 25   TYR A CA  1 
ATOM   178  C C   . TYR A 1 24  ? 9.213   6.680   1.052   1.00 17.01 ? 25   TYR A C   1 
ATOM   179  O O   . TYR A 1 24  ? 9.062   5.498   0.782   1.00 16.03 ? 25   TYR A O   1 
ATOM   180  C CB  . TYR A 1 24  ? 6.912   7.651   1.383   1.00 17.60 ? 25   TYR A CB  1 
ATOM   181  C CG  . TYR A 1 24  ? 6.995   7.883   2.856   1.00 15.69 ? 25   TYR A CG  1 
ATOM   182  C CD1 . TYR A 1 24  ? 7.453   6.897   3.706   1.00 16.90 ? 25   TYR A CD1 1 
ATOM   183  C CD2 . TYR A 1 24  ? 6.560   9.067   3.411   1.00 15.19 ? 25   TYR A CD2 1 
ATOM   184  C CE1 . TYR A 1 24  ? 7.483   7.096   5.078   1.00 16.31 ? 25   TYR A CE1 1 
ATOM   185  C CE2 . TYR A 1 24  ? 6.576   9.271   4.774   1.00 15.27 ? 25   TYR A CE2 1 
ATOM   186  C CZ  . TYR A 1 24  ? 7.022   8.282   5.597   1.00 15.34 ? 25   TYR A CZ  1 
ATOM   187  O OH  . TYR A 1 24  ? 7.061   8.492   6.938   1.00 16.90 ? 25   TYR A OH  1 
ATOM   188  N N   . GLY A 1 25  ? 10.262  7.111   1.744   1.00 16.64 ? 26   GLY A N   1 
ATOM   189  C CA  . GLY A 1 25  ? 11.255  6.179   2.257   1.00 16.45 ? 26   GLY A CA  1 
ATOM   190  C C   . GLY A 1 25  ? 11.918  5.294   1.210   1.00 16.68 ? 26   GLY A C   1 
ATOM   191  O O   . GLY A 1 25  ? 12.096  5.684   0.039   1.00 17.21 ? 26   GLY A O   1 
ATOM   192  N N   . CYS A 1 26  ? 12.255  4.080   1.622   1.00 16.52 ? 27   CYS A N   1 
ATOM   193  C CA  . CYS A 1 26  ? 12.958  3.156   0.765   1.00 16.90 ? 27   CYS A CA  1 
ATOM   194  C C   . CYS A 1 26  ? 12.058  2.230   -0.016  1.00 16.79 ? 27   CYS A C   1 
ATOM   195  O O   . CYS A 1 26  ? 12.499  1.670   -1.017  1.00 17.81 ? 27   CYS A O   1 
ATOM   196  C CB  . CYS A 1 26  ? 13.949  2.324   1.571   1.00 18.00 ? 27   CYS A CB  1 
ATOM   197  S SG  . CYS A 1 26  ? 15.293  3.311   2.276   1.00 18.90 ? 27   CYS A SG  1 
ATOM   198  N N   . TYR A 1 27  ? 10.810  2.072   0.416   1.00 16.54 ? 28   TYR A N   1 
ATOM   199  C CA  . TYR A 1 27  ? 9.930   1.080   -0.216  1.00 16.95 ? 28   TYR A CA  1 
ATOM   200  C C   . TYR A 1 27  ? 8.594   1.579   -0.780  1.00 18.09 ? 28   TYR A C   1 
ATOM   201  O O   . TYR A 1 27  ? 7.927   0.826   -1.491  1.00 18.71 ? 28   TYR A O   1 
ATOM   202  C CB  . TYR A 1 27  ? 9.698   -0.098  0.757   1.00 16.95 ? 28   TYR A CB  1 
ATOM   203  C CG  . TYR A 1 27  ? 10.966  -0.888  0.968   1.00 16.60 ? 28   TYR A CG  1 
ATOM   204  C CD1 . TYR A 1 27  ? 11.821  -0.598  2.009   1.00 17.42 ? 28   TYR A CD1 1 
ATOM   205  C CD2 . TYR A 1 27  ? 11.335  -1.904  0.094   1.00 17.86 ? 28   TYR A CD2 1 
ATOM   206  C CE1 . TYR A 1 27  ? 13.000  -1.305  2.183   1.00 16.81 ? 28   TYR A CE1 1 
ATOM   207  C CE2 . TYR A 1 27  ? 12.504  -2.594  0.251   1.00 17.54 ? 28   TYR A CE2 1 
ATOM   208  C CZ  . TYR A 1 27  ? 13.335  -2.304  1.301   1.00 16.95 ? 28   TYR A CZ  1 
ATOM   209  O OH  . TYR A 1 27  ? 14.512  -3.019  1.459   1.00 19.55 ? 28   TYR A OH  1 
ATOM   210  N N   . CYS A 1 28  ? 8.212   2.813   -0.487  1.00 18.46 ? 29   CYS A N   1 
ATOM   211  C CA  . CYS A 1 28  ? 6.894   3.296   -0.890  1.00 20.09 ? 29   CYS A CA  1 
ATOM   212  C C   . CYS A 1 28  ? 6.933   3.893   -2.269  1.00 23.52 ? 29   CYS A C   1 
ATOM   213  O O   . CYS A 1 28  ? 7.532   4.958   -2.488  1.00 23.29 ? 29   CYS A O   1 
ATOM   214  C CB  . CYS A 1 28  ? 6.363   4.344   0.071   1.00 20.19 ? 29   CYS A CB  1 
ATOM   215  S SG  . CYS A 1 28  ? 5.987   3.706   1.714   1.00 18.60 ? 29   CYS A SG  1 
ATOM   216  N N   . GLY A 1 29  ? 6.260   3.217   -3.190  1.00 26.49 ? 30   GLY A N   1 
ATOM   217  C CA  . GLY A 1 29  ? 6.137   3.716   -4.538  1.00 29.56 ? 30   GLY A CA  1 
ATOM   218  C C   . GLY A 1 29  ? 7.182   3.157   -5.462  1.00 32.50 ? 30   GLY A C   1 
ATOM   219  O O   . GLY A 1 29  ? 6.950   3.112   -6.673  1.00 33.25 ? 30   GLY A O   1 
ATOM   220  N N   . TRP A 1 30  ? 8.315   2.717   -4.916  1.00 35.17 ? 31   TRP A N   1 
ATOM   221  C CA  . TRP A 1 30  ? 9.383   2.192   -5.764  1.00 37.87 ? 31   TRP A CA  1 
ATOM   222  C C   . TRP A 1 30  ? 10.312  1.138   -5.138  1.00 38.76 ? 31   TRP A C   1 
ATOM   223  O O   . TRP A 1 30  ? 11.095  0.507   -5.853  1.00 40.09 ? 31   TRP A O   1 
ATOM   224  C CB  . TRP A 1 30  ? 10.199  3.355   -6.339  1.00 38.58 ? 31   TRP A CB  1 
ATOM   225  C CG  . TRP A 1 30  ? 10.267  3.232   -7.830  1.00 42.13 ? 31   TRP A CG  1 
ATOM   226  C CD1 . TRP A 1 30  ? 9.199   3.193   -8.688  1.00 45.11 ? 31   TRP A CD1 1 
ATOM   227  C CD2 . TRP A 1 30  ? 11.429  3.036   -8.634  1.00 45.41 ? 31   TRP A CD2 1 
ATOM   228  N NE1 . TRP A 1 30  ? 9.629   3.008   -9.977  1.00 45.86 ? 31   TRP A NE1 1 
ATOM   229  C CE2 . TRP A 1 30  ? 10.996  2.907   -9.970  1.00 46.81 ? 31   TRP A CE2 1 
ATOM   230  C CE3 . TRP A 1 30  ? 12.799  2.963   -8.367  1.00 46.28 ? 31   TRP A CE3 1 
ATOM   231  C CZ2 . TRP A 1 30  ? 11.878  2.731   -11.022 1.00 47.74 ? 31   TRP A CZ2 1 
ATOM   232  C CZ3 . TRP A 1 30  ? 13.668  2.775   -9.413  1.00 48.31 ? 31   TRP A CZ3 1 
ATOM   233  C CH2 . TRP A 1 30  ? 13.206  2.662   -10.725 1.00 48.20 ? 31   TRP A CH2 1 
ATOM   234  N N   . GLY A 1 31  ? 10.216  0.938   -3.821  1.00 39.24 ? 32   GLY A N   1 
ATOM   235  C CA  . GLY A 1 31  ? 11.012  -0.042  -3.081  1.00 38.80 ? 32   GLY A CA  1 
ATOM   236  C C   . GLY A 1 31  ? 11.823  -1.125  -3.752  1.00 37.91 ? 32   GLY A C   1 
ATOM   237  O O   . GLY A 1 31  ? 11.524  -1.578  -4.855  1.00 39.87 ? 32   GLY A O   1 
ATOM   238  N N   . GLY A 1 32  ? 12.848  -1.561  -3.017  1.00 36.96 ? 33   GLY A N   1 
ATOM   239  C CA  . GLY A 1 32  ? 13.783  -2.590  -3.443  1.00 34.90 ? 33   GLY A CA  1 
ATOM   240  C C   . GLY A 1 32  ? 14.870  -2.985  -2.446  1.00 33.53 ? 33   GLY A C   1 
ATOM   241  O O   . GLY A 1 32  ? 15.093  -4.172  -2.210  1.00 33.81 ? 33   GLY A O   1 
ATOM   242  N N   . LYS A 1 33  ? 15.588  -2.007  -1.901  1.00 31.13 ? 34   LYS A N   1 
ATOM   243  C CA  . LYS A 1 33  ? 16.670  -2.273  -0.964  1.00 29.29 ? 34   LYS A CA  1 
ATOM   244  C C   . LYS A 1 33  ? 16.650  -1.283  0.213   1.00 26.53 ? 34   LYS A C   1 
ATOM   245  O O   . LYS A 1 33  ? 15.950  -0.264  0.174   1.00 25.29 ? 34   LYS A O   1 
ATOM   246  C CB  . LYS A 1 33  ? 17.987  -2.149  -1.724  1.00 29.69 ? 34   LYS A CB  1 
ATOM   247  C CG  . LYS A 1 33  ? 18.136  -0.803  -2.371  1.00 33.10 ? 34   LYS A CG  1 
ATOM   248  C CD  . LYS A 1 33  ? 19.564  -0.564  -2.857  1.00 36.75 ? 34   LYS A CD  1 
ATOM   249  C CE  . LYS A 1 33  ? 19.994  -1.607  -3.871  1.00 38.57 ? 34   LYS A CE  1 
ATOM   250  N NZ  . LYS A 1 33  ? 21.189  -1.179  -4.668  1.00 40.74 ? 34   LYS A NZ  1 
ATOM   251  N N   . GLY A 1 34  ? 17.415  -1.587  1.259   1.00 24.15 ? 35   GLY A N   1 
ATOM   252  C CA  . GLY A 1 34  ? 17.552  -0.706  2.404   1.00 22.84 ? 35   GLY A CA  1 
ATOM   253  C C   . GLY A 1 34  ? 16.754  -1.113  3.622   1.00 21.76 ? 35   GLY A C   1 
ATOM   254  O O   . GLY A 1 34  ? 15.871  -1.962  3.550   1.00 19.82 ? 35   GLY A O   1 
ATOM   255  N N   . THR A 1 35  ? 17.094  -0.522  4.756   1.00 21.21 ? 36   THR A N   1 
ATOM   256  C CA  . THR A 1 35  ? 16.316  -0.737  5.952   1.00 20.57 ? 36   THR A CA  1 
ATOM   257  C C   . THR A 1 35  ? 15.169  0.270   5.891   1.00 19.39 ? 36   THR A C   1 
ATOM   258  O O   . THR A 1 35  ? 15.417  1.454   5.767   1.00 19.62 ? 36   THR A O   1 
ATOM   259  C CB  . THR A 1 35  ? 17.175  -0.499  7.181   1.00 21.03 ? 36   THR A CB  1 
ATOM   260  O OG1 . THR A 1 35  ? 18.136  -1.567  7.283   1.00 23.32 ? 36   THR A OG1 1 
ATOM   261  C CG2 . THR A 1 35  ? 16.343  -0.572  8.447   1.00 22.18 ? 36   THR A CG2 1 
ATOM   262  N N   . PRO A 1 36  ? 13.918  -0.175  5.989   1.00 18.48 ? 37   PRO A N   1 
ATOM   263  C CA  . PRO A 1 36  ? 12.799  0.768   5.982   1.00 17.97 ? 37   PRO A CA  1 
ATOM   264  C C   . PRO A 1 36  ? 12.982  1.867   7.039   1.00 17.74 ? 37   PRO A C   1 
ATOM   265  O O   . PRO A 1 36  ? 13.438  1.613   8.181   1.00 17.59 ? 37   PRO A O   1 
ATOM   266  C CB  . PRO A 1 36  ? 11.575  -0.129  6.265   1.00 17.45 ? 37   PRO A CB  1 
ATOM   267  C CG  . PRO A 1 36  ? 11.972  -1.431  5.786   1.00 18.68 ? 37   PRO A CG  1 
ATOM   268  C CD  . PRO A 1 36  ? 13.453  -1.566  6.119   1.00 18.75 ? 37   PRO A CD  1 
ATOM   269  N N   . LYS A 1 37  ? 12.639  3.096   6.656   1.00 17.43 ? 38   LYS A N   1 
ATOM   270  C CA  . LYS A 1 37  ? 12.908  4.273   7.479   1.00 17.75 ? 38   LYS A CA  1 
ATOM   271  C C   . LYS A 1 37  ? 12.051  4.382   8.742   1.00 17.22 ? 38   LYS A C   1 
ATOM   272  O O   . LYS A 1 37  ? 12.475  4.925   9.772   1.00 17.93 ? 38   LYS A O   1 
ATOM   273  C CB  . LYS A 1 37  ? 12.744  5.550   6.633   1.00 17.45 ? 38   LYS A CB  1 
ATOM   274  C CG  . LYS A 1 37  ? 13.641  5.631   5.401   1.00 19.55 ? 38   LYS A CG  1 
ATOM   275  C CD  . LYS A 1 37  ? 15.057  5.210   5.713   1.00 20.26 ? 38   LYS A CD  1 
ATOM   276  C CE  . LYS A 1 37  ? 15.655  6.109   6.789   1.00 21.75 ? 38   LYS A CE  1 
ATOM   277  N NZ  . LYS A 1 37  ? 17.123  5.835   6.944   1.00 21.88 ? 38   LYS A NZ  1 
ATOM   278  N N   . ASP A 1 38  ? 10.824  3.874   8.681   1.00 15.52 ? 39   ASP A N   1 
ATOM   279  C CA  . ASP A 1 38  ? 9.883   3.982   9.776   1.00 15.42 ? 39   ASP A CA  1 
ATOM   280  C C   . ASP A 1 38  ? 8.731   3.005   9.554   1.00 14.42 ? 39   ASP A C   1 
ATOM   281  O O   . ASP A 1 38  ? 8.751   2.253   8.584   1.00 14.60 ? 39   ASP A O   1 
ATOM   282  C CB  . ASP A 1 38  ? 9.388   5.421   9.938   1.00 15.09 ? 39   ASP A CB  1 
ATOM   283  C CG  . ASP A 1 38  ? 8.551   5.923   8.773   1.00 15.94 ? 39   ASP A CG  1 
ATOM   284  O OD1 . ASP A 1 38  ? 8.330   5.197   7.775   1.00 16.03 ? 39   ASP A OD1 1 
ATOM   285  O OD2 . ASP A 1 38  ? 8.078   7.082   8.803   1.00 17.49 ? 39   ASP A OD2 1 
ATOM   286  N N   . ALA A 1 39  ? 7.772   2.968   10.482  1.00 14.55 ? 40   ALA A N   1 
ATOM   287  C CA  . ALA A 1 39  ? 6.600   2.101   10.339  1.00 14.59 ? 40   ALA A CA  1 
ATOM   288  C C   . ALA A 1 39  ? 5.846   2.212   8.995   1.00 14.00 ? 40   ALA A C   1 
ATOM   289  O O   . ALA A 1 39  ? 5.457   1.179   8.427   1.00 13.89 ? 40   ALA A O   1 
ATOM   290  C CB  . ALA A 1 39  ? 5.650   2.328   11.466  1.00 15.21 ? 40   ALA A CB  1 
ATOM   291  N N   . THR A 1 40  ? 5.610   3.440   8.520   1.00 13.22 ? 41   THR A N   1 
ATOM   292  C CA  . THR A 1 40  ? 4.947   3.650   7.233   1.00 13.34 ? 41   THR A CA  1 
ATOM   293  C C   . THR A 1 40  ? 5.717   2.966   6.110   1.00 13.41 ? 41   THR A C   1 
ATOM   294  O O   . THR A 1 40  ? 5.134   2.285   5.259   1.00 14.10 ? 41   THR A O   1 
ATOM   295  C CB  . THR A 1 40  ? 4.808   5.137   6.936   1.00 12.40 ? 41   THR A CB  1 
ATOM   296  O OG1 . THR A 1 40  ? 3.784   5.675   7.786   1.00 12.97 ? 41   THR A OG1 1 
ATOM   297  C CG2 . THR A 1 40  ? 4.290   5.377   5.560   1.00 12.68 ? 41   THR A CG2 1 
ATOM   298  N N   . ASP A 1 41  ? 7.038   3.152   6.100   1.00 13.36 ? 42   ASP A N   1 
ATOM   299  C CA  . ASP A 1 41  ? 7.913   2.519   5.112   1.00 13.59 ? 42   ASP A CA  1 
ATOM   300  C C   . ASP A 1 41  ? 7.873   0.988   5.235   1.00 13.83 ? 42   ASP A C   1 
ATOM   301  O O   . ASP A 1 41  ? 7.844   0.281   4.227   1.00 14.64 ? 42   ASP A O   1 
ATOM   302  C CB  . ASP A 1 41  ? 9.342   3.029   5.272   1.00 13.08 ? 42   ASP A CB  1 
ATOM   303  C CG  . ASP A 1 41  ? 10.185  2.883   4.027   1.00 14.23 ? 42   ASP A CG  1 
ATOM   304  O OD1 . ASP A 1 41  ? 9.672   2.588   2.902   1.00 15.34 ? 42   ASP A OD1 1 
ATOM   305  O OD2 . ASP A 1 41  ? 11.416  3.099   4.118   1.00 14.60 ? 42   ASP A OD2 1 
ATOM   306  N N   . ARG A 1 42  ? 7.754   0.482   6.464   1.00 13.34 ? 43   ARG A N   1 
ATOM   307  C CA  . ARG A 1 42  ? 7.614   -0.954  6.683   1.00 13.45 ? 43   ARG A CA  1 
ATOM   308  C C   . ARG A 1 42  ? 6.280   -1.445  6.101   1.00 13.41 ? 43   ARG A C   1 
ATOM   309  O O   . ARG A 1 42  ? 6.182   -2.583  5.623   1.00 13.79 ? 43   ARG A O   1 
ATOM   310  C CB  . ARG A 1 42  ? 7.734   -1.311  8.151   1.00 12.73 ? 43   ARG A CB  1 
ATOM   311  C CG  . ARG A 1 42  ? 9.153   -1.178  8.680   1.00 14.90 ? 43   ARG A CG  1 
ATOM   312  C CD  . ARG A 1 42  ? 9.376   -1.789  10.046  1.00 16.77 ? 43   ARG A CD  1 
ATOM   313  N NE  . ARG A 1 42  ? 8.713   -1.059  11.122  1.00 17.98 ? 43   ARG A NE  1 
ATOM   314  C CZ  . ARG A 1 42  ? 9.238   -0.010  11.757  1.00 19.54 ? 43   ARG A CZ  1 
ATOM   315  N NH1 . ARG A 1 42  ? 10.431  0.478   11.401  1.00 18.43 ? 43   ARG A NH1 1 
ATOM   316  N NH2 . ARG A 1 42  ? 8.566   0.576   12.745  1.00 18.13 ? 43   ARG A NH2 1 
ATOM   317  N N   . CYS A 1 43  ? 5.247   -0.606  6.132   1.00 14.08 ? 44   CYS A N   1 
ATOM   318  C CA  . CYS A 1 43  ? 3.974   -0.989  5.494   1.00 13.82 ? 44   CYS A CA  1 
ATOM   319  C C   . CYS A 1 43  ? 4.250   -1.281  4.016   1.00 14.04 ? 44   CYS A C   1 
ATOM   320  O O   . CYS A 1 43  ? 3.787   -2.285  3.420   1.00 13.05 ? 44   CYS A O   1 
ATOM   321  C CB  . CYS A 1 43  ? 2.952   0.138   5.572   1.00 14.39 ? 44   CYS A CB  1 
ATOM   322  S SG  . CYS A 1 43  ? 2.389   0.568   7.206   1.00 15.90 ? 44   CYS A SG  1 
ATOM   323  N N   . CYS A 1 44  ? 4.981   -0.381  3.376   1.00 14.54 ? 45   CYS A N   1 
ATOM   324  C CA  . CYS A 1 44  ? 5.311   -0.599  1.959   1.00 14.75 ? 45   CYS A CA  1 
ATOM   325  C C   . CYS A 1 44  ? 6.223   -1.806  1.731   1.00 13.75 ? 45   CYS A C   1 
ATOM   326  O O   . CYS A 1 44  ? 6.083   -2.506  0.722   1.00 13.38 ? 45   CYS A O   1 
ATOM   327  C CB  . CYS A 1 44  ? 5.960   0.636   1.381   1.00 15.37 ? 45   CYS A CB  1 
ATOM   328  S SG  . CYS A 1 44  ? 4.785   2.029   1.395   1.00 17.95 ? 45   CYS A SG  1 
ATOM   329  N N   . PHE A 1 45  ? 7.190   -2.017  2.620   1.00 12.53 ? 46   PHE A N   1 
ATOM   330  C CA  . PHE A 1 45  ? 8.045   -3.183  2.525   1.00 13.22 ? 46   PHE A CA  1 
ATOM   331  C C   . PHE A 1 45  ? 7.199   -4.456  2.520   1.00 13.29 ? 46   PHE A C   1 
ATOM   332  O O   . PHE A 1 45  ? 7.328   -5.336  1.641   1.00 13.67 ? 46   PHE A O   1 
ATOM   333  C CB  . PHE A 1 45  ? 9.043   -3.250  3.690   1.00 13.04 ? 46   PHE A CB  1 
ATOM   334  C CG  . PHE A 1 45  ? 9.933   -4.450  3.626   1.00 14.91 ? 46   PHE A CG  1 
ATOM   335  C CD1 . PHE A 1 45  ? 11.078  -4.446  2.889   1.00 20.16 ? 46   PHE A CD1 1 
ATOM   336  C CD2 . PHE A 1 45  ? 9.575   -5.612  4.268   1.00 16.80 ? 46   PHE A CD2 1 
ATOM   337  C CE1 . PHE A 1 45  ? 11.885  -5.581  2.797   1.00 20.43 ? 46   PHE A CE1 1 
ATOM   338  C CE2 . PHE A 1 45  ? 10.391  -6.761  4.209   1.00 16.76 ? 46   PHE A CE2 1 
ATOM   339  C CZ  . PHE A 1 45  ? 11.542  -6.739  3.478   1.00 20.06 ? 46   PHE A CZ  1 
ATOM   340  N N   . VAL A 1 46  ? 6.309   -4.547  3.485   1.00 12.75 ? 47   VAL A N   1 
ATOM   341  C CA  . VAL A 1 46  ? 5.450   -5.744  3.583   1.00 12.51 ? 47   VAL A CA  1 
ATOM   342  C C   . VAL A 1 46  ? 4.519   -5.846  2.371   1.00 12.97 ? 47   VAL A C   1 
ATOM   343  O O   . VAL A 1 46  ? 4.254   -6.928  1.849   1.00 13.55 ? 47   VAL A O   1 
ATOM   344  C CB  . VAL A 1 46  ? 4.678   -5.761  4.932   1.00 12.93 ? 47   VAL A CB  1 
ATOM   345  C CG1 . VAL A 1 46  ? 3.627   -6.845  4.949   1.00 12.43 ? 47   VAL A CG1 1 
ATOM   346  C CG2 . VAL A 1 46  ? 5.650   -5.930  6.088   1.00 14.00 ? 47   VAL A CG2 1 
ATOM   347  N N   . HIS A 1 47  ? 4.027   -4.721  1.895   1.00 12.35 ? 48   HIS A N   1 
ATOM   348  C CA  . HIS A 1 47  ? 3.153   -4.738  0.733   1.00 12.83 ? 48   HIS A CA  1 
ATOM   349  C C   . HIS A 1 47  ? 3.899   -5.242  -0.500  1.00 12.77 ? 48   HIS A C   1 
ATOM   350  O O   . HIS A 1 47  ? 3.351   -6.019  -1.297  1.00 13.74 ? 48   HIS A O   1 
ATOM   351  C CB  . HIS A 1 47  ? 2.575   -3.334  0.536   1.00 11.65 ? 48   HIS A CB  1 
ATOM   352  C CG  . HIS A 1 47  ? 1.608   -3.219  -0.600  1.00 13.48 ? 48   HIS A CG  1 
ATOM   353  N ND1 . HIS A 1 47  ? 1.915   -2.537  -1.756  1.00 14.36 ? 48   HIS A ND1 1 
ATOM   354  C CD2 . HIS A 1 47  ? 0.329   -3.616  -0.726  1.00 13.80 ? 48   HIS A CD2 1 
ATOM   355  C CE1 . HIS A 1 47  ? 0.877   -2.572  -2.572  1.00 15.02 ? 48   HIS A CE1 1 
ATOM   356  N NE2 . HIS A 1 47  ? -0.102  -3.219  -1.972  1.00 14.60 ? 48   HIS A NE2 1 
ATOM   357  N N   . ASP A 1 48  ? 5.148   -4.823  -0.642  1.00 13.08 ? 49   ASP A N   1 
ATOM   358  C CA  . ASP A 1 48  ? 6.006   -5.309  -1.711  1.00 14.12 ? 49   ASP A CA  1 
ATOM   359  C C   . ASP A 1 48  ? 6.188   -6.834  -1.596  1.00 14.39 ? 49   ASP A C   1 
ATOM   360  O O   . ASP A 1 48  ? 6.118   -7.541  -2.600  1.00 14.94 ? 49   ASP A O   1 
ATOM   361  C CB  . ASP A 1 48  ? 7.379   -4.673  -1.654  1.00 14.56 ? 49   ASP A CB  1 
ATOM   362  C CG  . ASP A 1 48  ? 7.389   -3.221  -2.074  1.00 18.29 ? 49   ASP A CG  1 
ATOM   363  O OD1 . ASP A 1 48  ? 6.377   -2.708  -2.601  1.00 16.55 ? 49   ASP A OD1 1 
ATOM   364  O OD2 . ASP A 1 48  ? 8.383   -2.506  -1.834  1.00 21.97 ? 49   ASP A OD2 1 
ATOM   365  N N   . CYS A 1 49  ? 6.422   -7.318  -0.379  1.00 13.47 ? 50   CYS A N   1 
ATOM   366  C CA  . CYS A 1 49  ? 6.565   -8.749  -0.139  1.00 14.71 ? 50   CYS A CA  1 
ATOM   367  C C   . CYS A 1 49  ? 5.272   -9.463  -0.505  1.00 13.91 ? 50   CYS A C   1 
ATOM   368  O O   . CYS A 1 49  ? 5.288   -10.578 -1.065  1.00 14.64 ? 50   CYS A O   1 
ATOM   369  C CB  . CYS A 1 49  ? 6.888   -9.031  1.329   1.00 15.17 ? 50   CYS A CB  1 
ATOM   370  S SG  . CYS A 1 49  ? 8.552   -8.470  1.792   1.00 17.24 ? 50   CYS A SG  1 
ATOM   371  N N   . CYS A 1 50  ? 4.158   -8.833  -0.166  1.00 13.86 ? 51   CYS A N   1 
ATOM   372  C CA  . CYS A 1 50  ? 2.833   -9.388  -0.426  1.00 13.93 ? 51   CYS A CA  1 
ATOM   373  C C   . CYS A 1 50  ? 2.613   -9.587  -1.904  1.00 14.16 ? 51   CYS A C   1 
ATOM   374  O O   . CYS A 1 50  ? 2.167   -10.661 -2.340  1.00 15.04 ? 51   CYS A O   1 
ATOM   375  C CB  . CYS A 1 50  ? 1.756   -8.498  0.177   1.00 14.21 ? 51   CYS A CB  1 
ATOM   376  S SG  . CYS A 1 50  ? 0.162   -9.332  0.474   1.00 14.39 ? 51   CYS A SG  1 
ATOM   377  N N   . TYR A 1 51  ? 2.954   -8.573  -2.695  1.00 13.92 ? 52   TYR A N   1 
ATOM   378  C CA  . TYR A 1 51  ? 2.860   -8.686  -4.141  1.00 14.40 ? 52   TYR A CA  1 
ATOM   379  C C   . TYR A 1 51  ? 3.843   -9.730  -4.633  1.00 15.52 ? 52   TYR A C   1 
ATOM   380  O O   . TYR A 1 51  ? 3.572   -10.451 -5.582  1.00 16.11 ? 52   TYR A O   1 
ATOM   381  C CB  . TYR A 1 51  ? 3.194   -7.366  -4.819  1.00 14.27 ? 52   TYR A CB  1 
ATOM   382  C CG  . TYR A 1 51  ? 2.062   -6.369  -4.890  1.00 12.83 ? 52   TYR A CG  1 
ATOM   383  C CD1 . TYR A 1 51  ? 0.819   -6.610  -4.286  1.00 12.00 ? 52   TYR A CD1 1 
ATOM   384  C CD2 . TYR A 1 51  ? 2.239   -5.179  -5.568  1.00 14.39 ? 52   TYR A CD2 1 
ATOM   385  C CE1 . TYR A 1 51  ? -0.211  -5.680  -4.381  1.00 12.89 ? 52   TYR A CE1 1 
ATOM   386  C CE2 . TYR A 1 51  ? 1.233   -4.235  -5.651  1.00 15.96 ? 52   TYR A CE2 1 
ATOM   387  C CZ  . TYR A 1 51  ? 0.005   -4.486  -5.074  1.00 13.93 ? 52   TYR A CZ  1 
ATOM   388  O OH  . TYR A 1 51  ? -1.006  -3.519  -5.192  1.00 15.07 ? 52   TYR A OH  1 
ATOM   389  N N   . GLY A 1 52  ? 5.006   -9.781  -4.001  1.00 15.58 ? 53   GLY A N   1 
ATOM   390  C CA  . GLY A 1 52  ? 6.033   -10.745 -4.377  1.00 16.83 ? 53   GLY A CA  1 
ATOM   391  C C   . GLY A 1 52  ? 5.618   -12.202 -4.180  1.00 17.09 ? 53   GLY A C   1 
ATOM   392  O O   . GLY A 1 52  ? 6.211   -13.101 -4.837  1.00 18.84 ? 53   GLY A O   1 
ATOM   393  N N   . ASN A 1 53  ? 4.636   -12.435 -3.312  1.00 17.38 ? 54   ASN A N   1 
ATOM   394  C CA  . ASN A 1 53  ? 4.052   -13.744 -3.064  1.00 18.17 ? 54   ASN A CA  1 
ATOM   395  C C   . ASN A 1 53  ? 3.194   -14.180 -4.262  1.00 18.23 ? 54   ASN A C   1 
ATOM   396  O O   . ASN A 1 53  ? 2.762   -15.328 -4.288  1.00 19.20 ? 54   ASN A O   1 
ATOM   397  C CB  . ASN A 1 53  ? 3.109   -13.787 -1.846  1.00 18.74 ? 54   ASN A CB  1 
ATOM   398  C CG  . ASN A 1 53  ? 3.774   -13.464 -0.502  1.00 18.80 ? 54   ASN A CG  1 
ATOM   399  O OD1 . ASN A 1 53  ? 4.942   -13.786 -0.264  1.00 23.09 ? 54   ASN A OD1 1 
ATOM   400  N ND2 . ASN A 1 53  ? 2.971   -12.860 0.422   1.00 16.14 ? 54   ASN A ND2 1 
ATOM   401  N N   . LEU A 1 54  ? 2.945   -13.264 -5.210  1.00 18.14 ? 55   LEU A N   1 
ATOM   402  C CA  . LEU A 1 54  ? 2.015   -13.473 -6.346  1.00 17.68 ? 55   LEU A CA  1 
ATOM   403  C C   . LEU A 1 54  ? 2.678   -13.232 -7.704  1.00 18.02 ? 55   LEU A C   1 
ATOM   404  O O   . LEU A 1 54  ? 2.291   -12.352 -8.487  1.00 15.86 ? 55   LEU A O   1 
ATOM   405  C CB  . LEU A 1 54  ? 0.808   -12.523 -6.210  1.00 17.36 ? 55   LEU A CB  1 
ATOM   406  C CG  . LEU A 1 54  ? 0.125   -12.415 -4.854  1.00 17.79 ? 55   LEU A CG  1 
ATOM   407  C CD1 . LEU A 1 54  ? -0.876  -11.216 -4.807  1.00 16.03 ? 55   LEU A CD1 1 
ATOM   408  C CD2 . LEU A 1 54  ? -0.525  -13.775 -4.547  1.00 19.45 ? 55   LEU A CD2 1 
ATOM   409  N N   . PRO A 1 55  ? 3.681   -14.039 -8.020  1.00 18.53 ? 56   PRO A N   1 
ATOM   410  C CA  . PRO A 1 55  ? 4.498   -13.867 -9.224  1.00 19.88 ? 56   PRO A CA  1 
ATOM   411  C C   . PRO A 1 55  ? 3.727   -13.889 -10.545 1.00 18.88 ? 56   PRO A C   1 
ATOM   412  O O   . PRO A 1 55  ? 4.188   -13.343 -11.545 1.00 19.65 ? 56   PRO A O   1 
ATOM   413  C CB  . PRO A 1 55  ? 5.441   -15.087 -9.171  1.00 19.95 ? 56   PRO A CB  1 
ATOM   414  C CG  . PRO A 1 55  ? 5.335   -15.608 -7.858  1.00 21.68 ? 56   PRO A CG  1 
ATOM   415  C CD  . PRO A 1 55  ? 4.054   -15.232 -7.254  1.00 20.46 ? 56   PRO A CD  1 
ATOM   416  N N   . ASP A 1 56  ? 2.634   -14.626 -10.539 1.00 17.16 ? 59   ASP A N   1 
ATOM   417  C CA  . ASP A 1 56  ? 1.839   -14.823 -11.745 1.00 17.22 ? 59   ASP A CA  1 
ATOM   418  C C   . ASP A 1 56  ? 0.551   -14.018 -11.680 1.00 17.11 ? 59   ASP A C   1 
ATOM   419  O O   . ASP A 1 56  ? -0.377  -14.212 -12.460 1.00 15.84 ? 59   ASP A O   1 
ATOM   420  C CB  . ASP A 1 56  ? 1.560   -16.312 -11.909 1.00 17.97 ? 59   ASP A CB  1 
ATOM   421  C CG  . ASP A 1 56  ? 2.827   -17.089 -12.168 1.00 20.37 ? 59   ASP A CG  1 
ATOM   422  O OD1 . ASP A 1 56  ? 2.908   -18.300 -11.860 1.00 24.44 ? 59   ASP A OD1 1 
ATOM   423  O OD2 . ASP A 1 56  ? 3.807   -16.535 -12.681 1.00 21.67 ? 59   ASP A OD2 1 
ATOM   424  N N   . CYS A 1 57  ? 0.499   -12.946 -10.780 1.00 13.84 ? 61   CYS A N   1 
ATOM   425  C CA  . CYS A 1 57  ? -0.564  -11.975 -10.811 1.00 13.29 ? 61   CYS A CA  1 
ATOM   426  C C   . CYS A 1 57  ? 0.018   -10.632 -11.276 1.00 13.96 ? 61   CYS A C   1 
ATOM   427  O O   . CYS A 1 57  ? 1.243   -10.419 -11.283 1.00 14.47 ? 61   CYS A O   1 
ATOM   428  C CB  . CYS A 1 57  ? -1.185  -11.848 -9.420  1.00 13.36 ? 61   CYS A CB  1 
ATOM   429  S SG  . CYS A 1 57  ? -1.859  -13.380 -8.756  1.00 14.46 ? 61   CYS A SG  1 
ATOM   430  N N   . ASN A 1 58  ? -0.879  -9.616  -11.555 1.00 13.56 ? 67   ASN A N   1 
ATOM   431  C CA  . ASN A 1 58  ? -0.479  -8.347  -12.109 1.00 14.77 ? 67   ASN A CA  1 
ATOM   432  C C   . ASN A 1 58  ? -1.191  -7.224  -11.355 1.00 15.17 ? 67   ASN A C   1 
ATOM   433  O O   . ASN A 1 58  ? -2.145  -6.648  -11.821 1.00 15.93 ? 67   ASN A O   1 
ATOM   434  C CB  . ASN A 1 58  ? -0.780  -8.327  -13.608 1.00 15.41 ? 67   ASN A CB  1 
ATOM   435  C CG  . ASN A 1 58  ? 0.021   -9.378  -14.371 1.00 16.11 ? 67   ASN A CG  1 
ATOM   436  O OD1 . ASN A 1 58  ? 1.180   -9.152  -14.706 1.00 21.09 ? 67   ASN A OD1 1 
ATOM   437  N ND2 . ASN A 1 58  ? -0.569  -10.550 -14.599 1.00 13.22 ? 67   ASN A ND2 1 
ATOM   438  N N   . PRO A 1 59  ? -0.704  -6.953  -10.162 1.00 15.89 ? 68   PRO A N   1 
ATOM   439  C CA  . PRO A 1 59  ? -1.355  -6.011  -9.250  1.00 16.81 ? 68   PRO A CA  1 
ATOM   440  C C   . PRO A 1 59  ? -1.428  -4.565  -9.716  1.00 17.86 ? 68   PRO A C   1 
ATOM   441  O O   . PRO A 1 59  ? -2.286  -3.807  -9.261  1.00 17.48 ? 68   PRO A O   1 
ATOM   442  C CB  . PRO A 1 59  ? -0.529  -6.152  -7.977  1.00 16.97 ? 68   PRO A CB  1 
ATOM   443  C CG  . PRO A 1 59  ? 0.715   -6.705  -8.382  1.00 17.67 ? 68   PRO A CG  1 
ATOM   444  C CD  . PRO A 1 59  ? 0.456   -7.590  -9.540  1.00 16.68 ? 68   PRO A CD  1 
ATOM   445  N N   . LYS A 1 60  ? -0.588  -4.177  -10.649 1.00 18.84 ? 69   LYS A N   1 
ATOM   446  C CA  . LYS A 1 60  ? -0.644  -2.807  -11.100 1.00 19.88 ? 69   LYS A CA  1 
ATOM   447  C C   . LYS A 1 60  ? -1.920  -2.562  -11.909 1.00 19.26 ? 69   LYS A C   1 
ATOM   448  O O   . LYS A 1 60  ? -2.503  -1.495  -11.809 1.00 19.24 ? 69   LYS A O   1 
ATOM   449  C CB  . LYS A 1 60  ? 0.603   -2.481  -11.929 1.00 21.15 ? 69   LYS A CB  1 
ATOM   450  C CG  . LYS A 1 60  ? 1.894   -2.780  -11.188 1.00 26.94 ? 69   LYS A CG  1 
ATOM   451  C CD  . LYS A 1 60  ? 2.617   -1.562  -10.661 1.00 32.74 ? 69   LYS A CD  1 
ATOM   452  C CE  . LYS A 1 60  ? 4.132   -1.813  -10.596 1.00 34.20 ? 69   LYS A CE  1 
ATOM   453  N NZ  . LYS A 1 60  ? 4.699   -2.379  -11.863 1.00 39.01 ? 69   LYS A NZ  1 
ATOM   454  N N   . SER A 1 61  ? -2.354  -3.551  -12.708 1.00 18.45 ? 70   SER A N   1 
ATOM   455  C CA  . SER A 1 61  ? -3.468  -3.371  -13.636 1.00 18.29 ? 70   SER A CA  1 
ATOM   456  C C   . SER A 1 61  ? -4.740  -4.141  -13.340 1.00 16.67 ? 70   SER A C   1 
ATOM   457  O O   . SER A 1 61  ? -5.816  -3.707  -13.749 1.00 17.73 ? 70   SER A O   1 
ATOM   458  C CB  . SER A 1 61  ? -3.034  -3.744  -15.064 1.00 19.18 ? 70   SER A CB  1 
ATOM   459  O OG  . SER A 1 61  ? -2.515  -5.074  -15.100 1.00 20.69 ? 70   SER A OG  1 
ATOM   460  N N   . ASP A 1 62  ? -4.634  -5.281  -12.660 1.00 14.87 ? 71   ASP A N   1 
ATOM   461  C CA  . ASP A 1 62  ? -5.778  -6.143  -12.389 1.00 13.15 ? 71   ASP A CA  1 
ATOM   462  C C   . ASP A 1 62  ? -6.657  -5.485  -11.332 1.00 13.41 ? 71   ASP A C   1 
ATOM   463  O O   . ASP A 1 62  ? -6.186  -5.108  -10.260 1.00 13.67 ? 71   ASP A O   1 
ATOM   464  C CB  . ASP A 1 62  ? -5.289  -7.519  -11.952 1.00 13.08 ? 71   ASP A CB  1 
ATOM   465  C CG  . ASP A 1 62  ? -6.348  -8.580  -12.035 1.00 12.62 ? 71   ASP A CG  1 
ATOM   466  O OD1 . ASP A 1 62  ? -7.510  -8.286  -12.408 1.00 12.91 ? 71   ASP A OD1 1 
ATOM   467  O OD2 . ASP A 1 62  ? -6.082  -9.780  -11.736 1.00 13.31 ? 71   ASP A OD2 1 
ATOM   468  N N   . ARG A 1 63  ? -7.920  -5.301  -11.684 1.00 13.24 ? 72   ARG A N   1 
ATOM   469  C CA  . ARG A 1 63  ? -8.917  -4.694  -10.818 1.00 13.83 ? 72   ARG A CA  1 
ATOM   470  C C   . ARG A 1 63  ? -9.661  -5.721  -9.974  1.00 14.20 ? 72   ARG A C   1 
ATOM   471  O O   . ARG A 1 63  ? -10.068 -6.761  -10.468 1.00 14.14 ? 72   ARG A O   1 
ATOM   472  C CB  . ARG A 1 63  ? -9.935  -3.964  -11.689 1.00 14.46 ? 72   ARG A CB  1 
ATOM   473  C CG  . ARG A 1 63  ? -9.345  -2.795  -12.474 1.00 15.68 ? 72   ARG A CG  1 
ATOM   474  C CD  . ARG A 1 63  ? -10.436 -1.866  -13.071 1.00 18.09 ? 72   ARG A CD  1 
ATOM   475  N NE  . ARG A 1 63  ? -9.886  -0.960  -14.082 1.00 21.23 ? 72   ARG A NE  1 
ATOM   476  C CZ  . ARG A 1 63  ? -10.541 0.067   -14.629 1.00 22.98 ? 72   ARG A CZ  1 
ATOM   477  N NH1 . ARG A 1 63  ? -9.961  0.792   -15.571 1.00 23.92 ? 72   ARG A NH1 1 
ATOM   478  N NH2 . ARG A 1 63  ? -11.758 0.363   -14.241 1.00 20.40 ? 72   ARG A NH2 1 
ATOM   479  N N   . TYR A 1 64  ? -9.856  -5.406  -8.699  1.00 14.31 ? 73   TYR A N   1 
ATOM   480  C CA  . TYR A 1 64  ? -10.637 -6.223  -7.781  1.00 14.57 ? 73   TYR A CA  1 
ATOM   481  C C   . TYR A 1 64  ? -11.798 -5.367  -7.285  1.00 15.21 ? 73   TYR A C   1 
ATOM   482  O O   . TYR A 1 64  ? -11.841 -4.131  -7.454  1.00 15.71 ? 73   TYR A O   1 
ATOM   483  C CB  . TYR A 1 64  ? -9.771  -6.709  -6.598  1.00 14.14 ? 73   TYR A CB  1 
ATOM   484  C CG  . TYR A 1 64  ? -9.011  -5.592  -5.901  1.00 14.50 ? 73   TYR A CG  1 
ATOM   485  C CD1 . TYR A 1 64  ? -9.664  -4.713  -5.055  1.00 15.05 ? 73   TYR A CD1 1 
ATOM   486  C CD2 . TYR A 1 64  ? -7.664  -5.391  -6.143  1.00 13.65 ? 73   TYR A CD2 1 
ATOM   487  C CE1 . TYR A 1 64  ? -8.984  -3.687  -4.455  1.00 16.41 ? 73   TYR A CE1 1 
ATOM   488  C CE2 . TYR A 1 64  ? -6.990  -4.352  -5.560  1.00 13.93 ? 73   TYR A CE2 1 
ATOM   489  C CZ  . TYR A 1 64  ? -7.641  -3.515  -4.711  1.00 15.46 ? 73   TYR A CZ  1 
ATOM   490  O OH  . TYR A 1 64  ? -6.960  -2.465  -4.151  1.00 15.22 ? 73   TYR A OH  1 
ATOM   491  N N   . LYS A 1 65  ? -12.768 -6.036  -6.695  1.00 16.11 ? 74   LYS A N   1 
ATOM   492  C CA  . LYS A 1 65  ? -13.898 -5.335  -6.099  1.00 16.79 ? 74   LYS A CA  1 
ATOM   493  C C   . LYS A 1 65  ? -13.876 -5.506  -4.586  1.00 16.23 ? 74   LYS A C   1 
ATOM   494  O O   . LYS A 1 65  ? -13.502 -6.550  -4.064  1.00 16.35 ? 74   LYS A O   1 
ATOM   495  C CB  . LYS A 1 65  ? -15.205 -5.860  -6.654  1.00 17.85 ? 74   LYS A CB  1 
ATOM   496  C CG  . LYS A 1 65  ? -15.356 -5.616  -8.152  1.00 19.38 ? 74   LYS A CG  1 
ATOM   497  C CD  . LYS A 1 65  ? -15.534 -4.122  -8.493  1.00 24.70 ? 74   LYS A CD  1 
ATOM   498  C CE  . LYS A 1 65  ? -16.117 -3.989  -9.914  1.00 26.40 ? 74   LYS A CE  1 
ATOM   499  N NZ  . LYS A 1 65  ? -16.427 -2.582  -10.308 1.00 28.69 ? 74   LYS A NZ  1 
ATOM   500  N N   . TYR A 1 66  ? -14.268 -4.460  -3.892  1.00 16.87 ? 75   TYR A N   1 
ATOM   501  C CA  . TYR A 1 66  ? -14.381 -4.542  -2.451  1.00 16.23 ? 75   TYR A CA  1 
ATOM   502  C C   . TYR A 1 66  ? -15.483 -3.619  -2.020  1.00 16.95 ? 75   TYR A C   1 
ATOM   503  O O   . TYR A 1 66  ? -15.913 -2.735  -2.782  1.00 16.33 ? 75   TYR A O   1 
ATOM   504  C CB  . TYR A 1 66  ? -13.050 -4.209  -1.769  1.00 17.16 ? 75   TYR A CB  1 
ATOM   505  C CG  . TYR A 1 66  ? -12.643 -2.756  -1.823  1.00 14.69 ? 75   TYR A CG  1 
ATOM   506  C CD1 . TYR A 1 66  ? -12.919 -1.898  -0.771  1.00 15.62 ? 75   TYR A CD1 1 
ATOM   507  C CD2 . TYR A 1 66  ? -11.973 -2.235  -2.924  1.00 15.30 ? 75   TYR A CD2 1 
ATOM   508  C CE1 . TYR A 1 66  ? -12.523 -0.567  -0.798  1.00 15.55 ? 75   TYR A CE1 1 
ATOM   509  C CE2 . TYR A 1 66  ? -11.591 -0.914  -2.963  1.00 15.38 ? 75   TYR A CE2 1 
ATOM   510  C CZ  . TYR A 1 66  ? -11.868 -0.070  -1.896  1.00 15.68 ? 75   TYR A CZ  1 
ATOM   511  O OH  . TYR A 1 66  ? -11.461 1.254   -1.946  1.00 16.00 ? 75   TYR A OH  1 
ATOM   512  N N   . LYS A 1 67  ? -15.944 -3.812  -0.789  1.00 16.79 ? 76   LYS A N   1 
ATOM   513  C CA  . LYS A 1 67  ? -16.991 -2.977  -0.220  1.00 17.97 ? 76   LYS A CA  1 
ATOM   514  C C   . LYS A 1 67  ? -16.569 -2.553  1.167   1.00 19.03 ? 76   LYS A C   1 
ATOM   515  O O   . LYS A 1 67  ? -15.609 -3.064  1.716   1.00 18.02 ? 76   LYS A O   1 
ATOM   516  C CB  . LYS A 1 67  ? -18.316 -3.725  -0.114  1.00 17.99 ? 76   LYS A CB  1 
ATOM   517  C CG  . LYS A 1 67  ? -18.269 -4.941  0.695   1.00 18.08 ? 76   LYS A CG  1 
ATOM   518  C CD  . LYS A 1 67  ? -19.606 -5.669  0.631   1.00 19.60 ? 76   LYS A CD  1 
ATOM   519  C CE  . LYS A 1 67  ? -19.554 -7.003  1.327   1.00 22.35 ? 76   LYS A CE  1 
ATOM   520  N NZ  . LYS A 1 67  ? -20.863 -7.759  1.265   1.00 23.57 ? 76   LYS A NZ  1 
ATOM   521  N N   . ARG A 1 68  ? -17.318 -1.615  1.730   1.00 21.24 ? 77   ARG A N   1 
ATOM   522  C CA  . ARG A 1 68  ? -17.118 -1.177  3.090   1.00 23.18 ? 77   ARG A CA  1 
ATOM   523  C C   . ARG A 1 68  ? -18.304 -1.652  3.920   1.00 25.27 ? 77   ARG A C   1 
ATOM   524  O O   . ARG A 1 68  ? -19.472 -1.411  3.560   1.00 25.23 ? 77   ARG A O   1 
ATOM   525  C CB  . ARG A 1 68  ? -17.006 0.355   3.159   1.00 23.44 ? 77   ARG A CB  1 
ATOM   526  C CG  . ARG A 1 68  ? -15.764 0.930   2.515   1.00 24.65 ? 77   ARG A CG  1 
ATOM   527  C CD  . ARG A 1 68  ? -14.547 0.877   3.426   1.00 24.27 ? 77   ARG A CD  1 
ATOM   528  N NE  . ARG A 1 68  ? -13.378 1.537   2.863   1.00 22.39 ? 77   ARG A NE  1 
ATOM   529  C CZ  . ARG A 1 68  ? -12.291 1.797   3.543   1.00 20.56 ? 77   ARG A CZ  1 
ATOM   530  N NH1 . ARG A 1 68  ? -12.197 1.423   4.822   1.00 20.24 ? 77   ARG A NH1 1 
ATOM   531  N NH2 . ARG A 1 68  ? -11.273 2.403   2.958   1.00 20.76 ? 77   ARG A NH2 1 
ATOM   532  N N   . VAL A 1 69  ? -18.001 -2.341  5.009   1.00 26.52 ? 78   VAL A N   1 
ATOM   533  C CA  . VAL A 1 69  ? -18.989 -2.800  5.947   1.00 28.14 ? 78   VAL A CA  1 
ATOM   534  C C   . VAL A 1 69  ? -18.667 -1.988  7.208   1.00 29.31 ? 78   VAL A C   1 
ATOM   535  O O   . VAL A 1 69  ? -17.743 -2.306  7.958   1.00 28.66 ? 78   VAL A O   1 
ATOM   536  C CB  . VAL A 1 69  ? -18.932 -4.340  6.113   1.00 28.25 ? 78   VAL A CB  1 
ATOM   537  C CG1 . VAL A 1 69  ? -19.957 -4.841  7.116   1.00 29.67 ? 78   VAL A CG1 1 
ATOM   538  C CG2 . VAL A 1 69  ? -19.171 -5.023  4.763   1.00 28.37 ? 78   VAL A CG2 1 
ATOM   539  N N   . ASN A 1 70  ? -19.432 -0.916  7.402   1.00 30.93 ? 79   ASN A N   1 
ATOM   540  C CA  . ASN A 1 70  ? -19.189 0.026   8.494   1.00 32.27 ? 79   ASN A CA  1 
ATOM   541  C C   . ASN A 1 70  ? -17.684 0.229   8.704   1.00 32.08 ? 79   ASN A C   1 
ATOM   542  O O   . ASN A 1 70  ? -17.089 -0.292  9.646   1.00 34.57 ? 79   ASN A O   1 
ATOM   543  C CB  . ASN A 1 70  ? -19.872 -0.468  9.748   1.00 33.45 ? 79   ASN A CB  1 
ATOM   544  C CG  . ASN A 1 70  ? -21.369 -0.425  9.623   1.00 35.04 ? 79   ASN A CG  1 
ATOM   545  O OD1 . ASN A 1 70  ? -22.022 -1.466  9.525   1.00 39.19 ? 79   ASN A OD1 1 
ATOM   546  N ND2 . ASN A 1 70  ? -21.925 0.783   9.607   1.00 38.75 ? 79   ASN A ND2 1 
ATOM   547  N N   . GLY A 1 71  ? -17.064 0.981   7.814   1.00 30.29 ? 80   GLY A N   1 
ATOM   548  C CA  . GLY A 1 71  ? -15.628 1.234   7.900   1.00 28.28 ? 80   GLY A CA  1 
ATOM   549  C C   . GLY A 1 71  ? -14.744 0.077   7.410   1.00 26.05 ? 80   GLY A C   1 
ATOM   550  O O   . GLY A 1 71  ? -13.723 0.302   6.743   1.00 25.40 ? 80   GLY A O   1 
ATOM   551  N N   . ALA A 1 72  ? -15.115 -1.155  7.735   1.00 23.21 ? 81   ALA A N   1 
ATOM   552  C CA  . ALA A 1 72  ? -14.289 -2.307  7.375   1.00 21.83 ? 81   ALA A CA  1 
ATOM   553  C C   . ALA A 1 72  ? -14.214 -2.552  5.864   1.00 19.87 ? 81   ALA A C   1 
ATOM   554  O O   . ALA A 1 72  ? -15.202 -2.412  5.142   1.00 19.92 ? 81   ALA A O   1 
ATOM   555  C CB  . ALA A 1 72  ? -14.757 -3.575  8.101   1.00 21.80 ? 81   ALA A CB  1 
ATOM   556  N N   . ILE A 1 73  ? -13.025 -2.905  5.403   1.00 17.81 ? 82   ILE A N   1 
ATOM   557  C CA  . ILE A 1 73  ? -12.824 -3.272  4.013   1.00 16.68 ? 82   ILE A CA  1 
ATOM   558  C C   . ILE A 1 73  ? -13.085 -4.754  3.867   1.00 16.14 ? 82   ILE A C   1 
ATOM   559  O O   . ILE A 1 73  ? -12.488 -5.552  4.558   1.00 16.25 ? 82   ILE A O   1 
ATOM   560  C CB  . ILE A 1 73  ? -11.353 -2.979  3.572   1.00 15.76 ? 82   ILE A CB  1 
ATOM   561  C CG1 . ILE A 1 73  ? -11.105 -1.478  3.618   1.00 16.51 ? 82   ILE A CG1 1 
ATOM   562  C CG2 . ILE A 1 73  ? -11.106 -3.497  2.183   1.00 16.43 ? 82   ILE A CG2 1 
ATOM   563  C CD1 . ILE A 1 73  ? -9.629  -1.088  3.498   1.00 17.94 ? 82   ILE A CD1 1 
ATOM   564  N N   . VAL A 1 74  ? -14.006 -5.095  2.953   1.00 16.03 ? 83   VAL A N   1 
ATOM   565  C CA  . VAL A 1 74  ? -14.300 -6.483  2.666   1.00 16.14 ? 83   VAL A CA  1 
ATOM   566  C C   . VAL A 1 74  ? -14.032 -6.780  1.191   1.00 15.74 ? 83   VAL A C   1 
ATOM   567  O O   . VAL A 1 74  ? -14.737 -6.297  0.311   1.00 15.05 ? 83   VAL A O   1 
ATOM   568  C CB  . VAL A 1 74  ? -15.758 -6.856  3.029   1.00 16.82 ? 83   VAL A CB  1 
ATOM   569  C CG1 . VAL A 1 74  ? -16.027 -8.304  2.682   1.00 19.28 ? 83   VAL A CG1 1 
ATOM   570  C CG2 . VAL A 1 74  ? -16.011 -6.613  4.509   1.00 17.72 ? 83   VAL A CG2 1 
ATOM   571  N N   . CYS A 1 75  ? -13.015 -7.585  0.925   1.00 15.68 ? 84   CYS A N   1 
ATOM   572  C CA  . CYS A 1 75  ? -12.692 -7.933  -0.458  1.00 16.28 ? 84   CYS A CA  1 
ATOM   573  C C   . CYS A 1 75  ? -13.782 -8.875  -1.002  1.00 17.71 ? 84   CYS A C   1 
ATOM   574  O O   . CYS A 1 75  ? -14.133 -9.842  -0.350  1.00 18.74 ? 84   CYS A O   1 
ATOM   575  C CB  . CYS A 1 75  ? -11.313 -8.591  -0.506  1.00 16.60 ? 84   CYS A CB  1 
ATOM   576  S SG  . CYS A 1 75  ? -9.929  -7.476  -0.128  1.00 17.40 ? 84   CYS A SG  1 
ATOM   577  N N   . GLU A 1 76  ? -14.317 -8.598  -2.183  1.00 17.40 ? 85   GLU A N   1 
ATOM   578  C CA  . GLU A 1 76  ? -15.365 -9.435  -2.759  1.00 18.07 ? 85   GLU A CA  1 
ATOM   579  C C   . GLU A 1 76  ? -14.751 -10.437 -3.720  1.00 19.17 ? 85   GLU A C   1 
ATOM   580  O O   . GLU A 1 76  ? -13.684 -10.190 -4.274  1.00 20.59 ? 85   GLU A O   1 
ATOM   581  C CB  . GLU A 1 76  ? -16.377 -8.561  -3.468  1.00 18.71 ? 85   GLU A CB  1 
ATOM   582  C CG  . GLU A 1 76  ? -17.159 -7.714  -2.462  1.00 18.82 ? 85   GLU A CG  1 
ATOM   583  C CD  . GLU A 1 76  ? -17.962 -6.580  -3.071  1.00 23.45 ? 85   GLU A CD  1 
ATOM   584  O OE1 . GLU A 1 76  ? -17.366 -5.600  -3.574  1.00 23.96 ? 85   GLU A OE1 1 
ATOM   585  O OE2 . GLU A 1 76  ? -19.213 -6.635  -2.983  1.00 23.25 ? 85   GLU A OE2 1 
ATOM   586  N N   . LYS A 1 77  ? -15.448 -11.547 -3.952  1.00 20.02 ? 86   LYS A N   1 
ATOM   587  C CA  . LYS A 1 77  ? -14.879 -12.629 -4.726  1.00 21.70 ? 86   LYS A CA  1 
ATOM   588  C C   . LYS A 1 77  ? -14.759 -12.333 -6.213  1.00 21.13 ? 86   LYS A C   1 
ATOM   589  O O   . LYS A 1 77  ? -15.659 -11.777 -6.845  1.00 22.58 ? 86   LYS A O   1 
ATOM   590  C CB  . LYS A 1 77  ? -15.681 -13.912 -4.537  1.00 22.84 ? 86   LYS A CB  1 
ATOM   591  C CG  . LYS A 1 77  ? -14.904 -15.122 -5.050  1.00 27.05 ? 86   LYS A CG  1 
ATOM   592  C CD  . LYS A 1 77  ? -15.436 -16.428 -4.526  1.00 31.95 ? 86   LYS A CD  1 
ATOM   593  C CE  . LYS A 1 77  ? -14.647 -17.611 -5.090  1.00 34.53 ? 86   LYS A CE  1 
ATOM   594  N NZ  . LYS A 1 77  ? -14.913 -18.843 -4.310  1.00 36.57 ? 86   LYS A NZ  1 
ATOM   595  N N   . GLY A 1 78  ? -13.468 -12.371 -6.699  1.00 16.51 ? 88   GLY A N   1 
ATOM   596  C CA  . GLY A 1 78  ? -13.159 -12.284 -8.124  1.00 15.33 ? 88   GLY A CA  1 
ATOM   597  C C   . GLY A 1 78  ? -12.303 -13.475 -8.476  1.00 15.11 ? 88   GLY A C   1 
ATOM   598  O O   . GLY A 1 78  ? -12.557 -14.583 -8.033  1.00 15.38 ? 88   GLY A O   1 
ATOM   599  N N   . THR A 1 79  ? -11.291 -13.266 -9.306  1.00 14.54 ? 89   THR A N   1 
ATOM   600  C CA  . THR A 1 79  ? -10.367 -14.352 -9.613  1.00 13.91 ? 89   THR A CA  1 
ATOM   601  C C   . THR A 1 79  ? -9.442  -14.531 -8.412  1.00 14.07 ? 89   THR A C   1 
ATOM   602  O O   . THR A 1 79  ? -9.403  -13.676 -7.529  1.00 13.71 ? 89   THR A O   1 
ATOM   603  C CB  . THR A 1 79  ? -9.510  -14.025 -10.810 1.00 13.74 ? 89   THR A CB  1 
ATOM   604  O OG1 . THR A 1 79  ? -8.610  -12.947 -10.484 1.00 13.45 ? 89   THR A OG1 1 
ATOM   605  C CG2 . THR A 1 79  ? -10.343 -13.571 -11.994 1.00 13.81 ? 89   THR A CG2 1 
ATOM   606  N N   . SER A 1 80  ? -8.703  -15.642 -8.365  1.00 14.19 ? 90   SER A N   1 
ATOM   607  C CA  . SER A 1 80  ? -7.770  -15.867 -7.259  1.00 14.28 ? 90   SER A CA  1 
ATOM   608  C C   . SER A 1 80  ? -6.777  -14.717 -7.136  1.00 14.14 ? 90   SER A C   1 
ATOM   609  O O   . SER A 1 80  ? -6.526  -14.238 -6.024  1.00 14.04 ? 90   SER A O   1 
ATOM   610  C CB  . SER A 1 80  ? -7.049  -17.202 -7.407  1.00 16.18 ? 90   SER A CB  1 
ATOM   611  O OG  . SER A 1 80  ? -7.986  -18.274 -7.298  1.00 20.32 ? 90   SER A OG  1 
ATOM   612  N N   . CYS A 1 81  ? -6.226  -14.287 -8.268  1.00 13.13 ? 91   CYS A N   1 
ATOM   613  C CA  . CYS A 1 81  ? -5.277  -13.197 -8.256  1.00 12.92 ? 91   CYS A CA  1 
ATOM   614  C C   . CYS A 1 81  ? -5.924  -11.953 -7.646  1.00 12.82 ? 91   CYS A C   1 
ATOM   615  O O   . CYS A 1 81  ? -5.340  -11.275 -6.813  1.00 13.10 ? 91   CYS A O   1 
ATOM   616  C CB  . CYS A 1 81  ? -4.757  -12.887 -9.667  1.00 13.22 ? 91   CYS A CB  1 
ATOM   617  S SG  . CYS A 1 81  ? -3.324  -13.926 -10.129 1.00 14.88 ? 91   CYS A SG  1 
ATOM   618  N N   . GLU A 1 82  ? -7.117  -11.623 -8.113  1.00 12.12 ? 92   GLU A N   1 
ATOM   619  C CA  . GLU A 1 82  ? -7.779  -10.403 -7.644  1.00 12.56 ? 92   GLU A CA  1 
ATOM   620  C C   . GLU A 1 82  ? -7.990  -10.443 -6.122  1.00 12.97 ? 92   GLU A C   1 
ATOM   621  O O   . GLU A 1 82  ? -7.799  -9.427  -5.397  1.00 12.44 ? 92   GLU A O   1 
ATOM   622  C CB  . GLU A 1 82  ? -9.090  -10.201 -8.408  1.00 11.84 ? 92   GLU A CB  1 
ATOM   623  C CG  . GLU A 1 82  ? -8.817  -9.746  -9.847  1.00 11.79 ? 92   GLU A CG  1 
ATOM   624  C CD  . GLU A 1 82  ? -9.941  -9.956  -10.847 1.00 13.04 ? 92   GLU A CD  1 
ATOM   625  O OE1 . GLU A 1 82  ? -11.021 -10.478 -10.497 1.00 12.66 ? 92   GLU A OE1 1 
ATOM   626  O OE2 . GLU A 1 82  ? -9.736  -9.566  -12.019 1.00 13.02 ? 92   GLU A OE2 1 
ATOM   627  N N   . ASN A 1 83  ? -8.421  -11.612 -5.644  1.00 13.17 ? 93   ASN A N   1 
ATOM   628  C CA  . ASN A 1 83  ? -8.669  -11.779 -4.193  1.00 13.37 ? 93   ASN A CA  1 
ATOM   629  C C   . ASN A 1 83  ? -7.401  -11.523 -3.375  1.00 13.53 ? 93   ASN A C   1 
ATOM   630  O O   . ASN A 1 83  ? -7.400  -10.832 -2.358  1.00 13.69 ? 93   ASN A O   1 
ATOM   631  C CB  . ASN A 1 83  ? -9.161  -13.184 -3.890  1.00 14.88 ? 93   ASN A CB  1 
ATOM   632  C CG  . ASN A 1 83  ? -10.490 -13.514 -4.558  1.00 15.27 ? 93   ASN A CG  1 
ATOM   633  O OD1 . ASN A 1 83  ? -11.271 -12.628 -4.931  1.00 19.53 ? 93   ASN A OD1 1 
ATOM   634  N ND2 . ASN A 1 83  ? -10.747 -14.815 -4.711  1.00 20.15 ? 93   ASN A ND2 1 
ATOM   635  N N   . ARG A 1 84  ? -6.301  -12.104 -3.824  1.00 13.12 ? 94   ARG A N   1 
ATOM   636  C CA  . ARG A 1 84  ? -5.058  -12.025 -3.113  1.00 13.64 ? 94   ARG A CA  1 
ATOM   637  C C   . ARG A 1 84  ? -4.491  -10.612 -3.228  1.00 13.16 ? 94   ARG A C   1 
ATOM   638  O O   . ARG A 1 84  ? -3.930  -10.070 -2.271  1.00 14.30 ? 94   ARG A O   1 
ATOM   639  C CB  . ARG A 1 84  ? -4.094  -13.036 -3.674  1.00 13.52 ? 94   ARG A CB  1 
ATOM   640  C CG  . ARG A 1 84  ? -4.510  -14.453 -3.309  1.00 15.96 ? 94   ARG A CG  1 
ATOM   641  C CD  . ARG A 1 84  ? -3.863  -15.461 -4.238  1.00 20.61 ? 94   ARG A CD  1 
ATOM   642  N NE  . ARG A 1 84  ? -2.648  -15.997 -3.663  1.00 23.81 ? 94   ARG A NE  1 
ATOM   643  C CZ  . ARG A 1 84  ? -1.723  -16.706 -4.295  1.00 27.39 ? 94   ARG A CZ  1 
ATOM   644  N NH1 . ARG A 1 84  ? -0.671  -17.137 -3.592  1.00 27.02 ? 94   ARG A NH1 1 
ATOM   645  N NH2 . ARG A 1 84  ? -1.834  -16.983 -5.605  1.00 27.15 ? 94   ARG A NH2 1 
ATOM   646  N N   . ILE A 1 85  ? -4.593  -10.017 -4.409  1.00 12.95 ? 95   ILE A N   1 
ATOM   647  C CA  . ILE A 1 85  ? -4.161  -8.637  -4.574  1.00 12.18 ? 95   ILE A CA  1 
ATOM   648  C C   . ILE A 1 85  ? -4.956  -7.722  -3.629  1.00 11.93 ? 95   ILE A C   1 
ATOM   649  O O   . ILE A 1 85  ? -4.399  -6.844  -2.942  1.00 12.17 ? 95   ILE A O   1 
ATOM   650  C CB  . ILE A 1 85  ? -4.321  -8.157  -6.015  1.00 13.01 ? 95   ILE A CB  1 
ATOM   651  C CG1 . ILE A 1 85  ? -3.355  -8.889  -6.927  1.00 13.87 ? 95   ILE A CG1 1 
ATOM   652  C CG2 . ILE A 1 85  ? -4.020  -6.649  -6.102  1.00 12.95 ? 95   ILE A CG2 1 
ATOM   653  C CD1 . ILE A 1 85  ? -3.745  -8.778  -8.400  1.00 14.68 ? 95   ILE A CD1 1 
ATOM   654  N N   . CYS A 1 86  ? -6.264  -7.885  -3.577  1.00 10.96 ? 96   CYS A N   1 
ATOM   655  C CA  . CYS A 1 86  ? -7.090  -7.061  -2.710  1.00 11.99 ? 96   CYS A CA  1 
ATOM   656  C C   . CYS A 1 86  ? -6.637  -7.179  -1.257  1.00 12.18 ? 96   CYS A C   1 
ATOM   657  O O   . CYS A 1 86  ? -6.543  -6.173  -0.544  1.00 12.64 ? 96   CYS A O   1 
ATOM   658  C CB  . CYS A 1 86  ? -8.563  -7.433  -2.861  1.00 12.81 ? 96   CYS A CB  1 
ATOM   659  S SG  . CYS A 1 86  ? -9.700  -6.401  -1.891  1.00 14.31 ? 96   CYS A SG  1 
ATOM   660  N N   . GLU A 1 87  ? -6.348  -8.396  -0.806  1.00 11.37 ? 97   GLU A N   1 
ATOM   661  C CA  . GLU A 1 87  ? -5.964  -8.580  0.589   1.00 12.04 ? 97   GLU A CA  1 
ATOM   662  C C   . GLU A 1 87  ? -4.658  -7.877  0.851   1.00 11.78 ? 97   GLU A C   1 
ATOM   663  O O   . GLU A 1 87  ? -4.477  -7.336  1.940   1.00 11.54 ? 97   GLU A O   1 
ATOM   664  C CB  . GLU A 1 87  ? -5.865  -10.050 0.983   1.00 13.13 ? 97   GLU A CB  1 
ATOM   665  C CG  . GLU A 1 87  ? -7.215  -10.749 1.006   1.00 14.87 ? 97   GLU A CG  1 
ATOM   666  C CD  . GLU A 1 87  ? -8.156  -10.253 2.082   1.00 18.54 ? 97   GLU A CD  1 
ATOM   667  O OE1 . GLU A 1 87  ? -7.671  -9.689  3.088   1.00 21.00 ? 97   GLU A OE1 1 
ATOM   668  O OE2 . GLU A 1 87  ? -9.396  -10.462 1.930   1.00 19.28 ? 97   GLU A OE2 1 
ATOM   669  N N   . CYS A 1 88  ? -3.755  -7.862  -0.132  1.00 11.18 ? 98   CYS A N   1 
ATOM   670  C CA  . CYS A 1 88  ? -2.490  -7.148  0.054   1.00 11.75 ? 98   CYS A CA  1 
ATOM   671  C C   . CYS A 1 88  ? -2.713  -5.653  0.214   1.00 12.09 ? 98   CYS A C   1 
ATOM   672  O O   . CYS A 1 88  ? -2.093  -5.003  1.056   1.00 11.56 ? 98   CYS A O   1 
ATOM   673  C CB  . CYS A 1 88  ? -1.539  -7.355  -1.110  1.00 11.70 ? 98   CYS A CB  1 
ATOM   674  S SG  . CYS A 1 88  ? -0.817  -9.026  -1.299  1.00 14.40 ? 98   CYS A SG  1 
ATOM   675  N N   . ASP A 1 89  ? -3.552  -5.112  -0.650  1.00 12.25 ? 99   ASP A N   1 
ATOM   676  C CA  . ASP A 1 89  ? -3.820  -3.675  -0.632  1.00 11.59 ? 99   ASP A CA  1 
ATOM   677  C C   . ASP A 1 89  ? -4.555  -3.292  0.629   1.00 12.74 ? 99   ASP A C   1 
ATOM   678  O O   . ASP A 1 89  ? -4.222  -2.286  1.263   1.00 12.06 ? 99   ASP A O   1 
ATOM   679  C CB  . ASP A 1 89  ? -4.631  -3.242  -1.843  1.00 12.23 ? 99   ASP A CB  1 
ATOM   680  C CG  . ASP A 1 89  ? -3.830  -3.244  -3.138  1.00 12.55 ? 99   ASP A CG  1 
ATOM   681  O OD1 . ASP A 1 89  ? -2.645  -3.614  -3.131  1.00 12.12 ? 99   ASP A OD1 1 
ATOM   682  O OD2 . ASP A 1 89  ? -4.335  -2.933  -4.242  1.00 12.36 ? 99   ASP A OD2 1 
ATOM   683  N N   . LYS A 1 90  ? -5.566  -4.088  0.991   1.00 12.11 ? 100  LYS A N   1 
ATOM   684  C CA  . LYS A 1 90  ? -6.331  -3.856  2.223   1.00 12.25 ? 100  LYS A CA  1 
ATOM   685  C C   . LYS A 1 90  ? -5.353  -3.758  3.421   1.00 12.14 ? 100  LYS A C   1 
ATOM   686  O O   . LYS A 1 90  ? -5.444  -2.833  4.225   1.00 12.49 ? 100  LYS A O   1 
ATOM   687  C CB  . LYS A 1 90  ? -7.327  -4.977  2.427   1.00 12.84 ? 100  LYS A CB  1 
ATOM   688  C CG  . LYS A 1 90  ? -8.009  -4.988  3.814   1.00 12.73 ? 100  LYS A CG  1 
ATOM   689  C CD  . LYS A 1 90  ? -8.947  -6.171  4.005   1.00 14.21 ? 100  LYS A CD  1 
ATOM   690  C CE  . LYS A 1 90  ? -9.528  -6.167  5.407   1.00 14.38 ? 100  LYS A CE  1 
ATOM   691  N NZ  . LYS A 1 90  ? -10.562 -7.234  5.666   1.00 15.40 ? 100  LYS A NZ  1 
ATOM   692  N N   . ALA A 1 91  ? -4.422  -4.703  3.522   1.00 11.73 ? 101  ALA A N   1 
ATOM   693  C CA  . ALA A 1 91  ? -3.476  -4.706  4.635   1.00 12.56 ? 101  ALA A CA  1 
ATOM   694  C C   . ALA A 1 91  ? -2.638  -3.416  4.629   1.00 12.42 ? 101  ALA A C   1 
ATOM   695  O O   . ALA A 1 91  ? -2.427  -2.788  5.660   1.00 12.82 ? 101  ALA A O   1 
ATOM   696  C CB  . ALA A 1 91  ? -2.573  -5.936  4.590   1.00 12.02 ? 101  ALA A CB  1 
ATOM   697  N N   . ALA A 1 92  ? -2.178  -3.001  3.455   1.00 11.83 ? 102  ALA A N   1 
ATOM   698  C CA  . ALA A 1 92  ? -1.335  -1.817  3.394   1.00 12.59 ? 102  ALA A CA  1 
ATOM   699  C C   . ALA A 1 92  ? -2.105  -0.565  3.809   1.00 12.84 ? 102  ALA A C   1 
ATOM   700  O O   . ALA A 1 92  ? -1.575  0.296   4.521   1.00 13.07 ? 102  ALA A O   1 
ATOM   701  C CB  . ALA A 1 92  ? -0.749  -1.669  2.013   1.00 12.28 ? 102  ALA A CB  1 
ATOM   702  N N   . ALA A 1 93  ? -3.357  -0.451  3.354   1.00 13.59 ? 103  ALA A N   1 
ATOM   703  C CA  . ALA A 1 93  ? -4.163  0.734   3.668   1.00 13.65 ? 103  ALA A CA  1 
ATOM   704  C C   . ALA A 1 93  ? -4.411  0.817   5.172   1.00 13.88 ? 103  ALA A C   1 
ATOM   705  O O   . ALA A 1 93  ? -4.314  1.894   5.765   1.00 14.84 ? 103  ALA A O   1 
ATOM   706  C CB  . ALA A 1 93  ? -5.459  0.720   2.918   1.00 13.74 ? 103  ALA A CB  1 
ATOM   707  N N   . ILE A 1 94  ? -4.719  -0.321  5.778   1.00 13.83 ? 104  ILE A N   1 
ATOM   708  C CA  . ILE A 1 94  ? -4.855  -0.414  7.231   1.00 14.08 ? 104  ILE A CA  1 
ATOM   709  C C   . ILE A 1 94  ? -3.538  -0.070  7.914   1.00 14.16 ? 104  ILE A C   1 
ATOM   710  O O   . ILE A 1 94  ? -3.499  0.668   8.922   1.00 14.21 ? 104  ILE A O   1 
ATOM   711  C CB  . ILE A 1 94  ? -5.309  -1.790  7.619   1.00 14.53 ? 104  ILE A CB  1 
ATOM   712  C CG1 . ILE A 1 94  ? -6.782  -1.923  7.204   1.00 17.08 ? 104  ILE A CG1 1 
ATOM   713  C CG2 . ILE A 1 94  ? -5.177  -2.027  9.099   1.00 16.39 ? 104  ILE A CG2 1 
ATOM   714  C CD1 . ILE A 1 94  ? -7.284  -3.353  7.237   1.00 19.29 ? 104  ILE A CD1 1 
ATOM   715  N N   . CYS A 1 95  ? -2.451  -0.591  7.378   1.00 14.35 ? 105  CYS A N   1 
ATOM   716  C CA  . CYS A 1 95  ? -1.154  -0.314  7.963   1.00 14.63 ? 105  CYS A CA  1 
ATOM   717  C C   . CYS A 1 95  ? -0.859  1.192   7.900   1.00 13.87 ? 105  CYS A C   1 
ATOM   718  O O   . CYS A 1 95  ? -0.323  1.773   8.840   1.00 13.26 ? 105  CYS A O   1 
ATOM   719  C CB  . CYS A 1 95  ? -0.096  -1.129  7.245   1.00 14.52 ? 105  CYS A CB  1 
ATOM   720  S SG  . CYS A 1 95  ? 1.514   -1.094  8.019   1.00 15.02 ? 105  CYS A SG  1 
ATOM   721  N N   . PHE A 1 96  ? -1.181  1.825   6.781   1.00 12.98 ? 106  PHE A N   1 
ATOM   722  C CA  . PHE A 1 96  ? -0.888  3.257   6.673   1.00 13.21 ? 106  PHE A CA  1 
ATOM   723  C C   . PHE A 1 96  ? -1.709  4.006   7.723   1.00 14.01 ? 106  PHE A C   1 
ATOM   724  O O   . PHE A 1 96  ? -1.213  4.899   8.406   1.00 14.01 ? 106  PHE A O   1 
ATOM   725  C CB  . PHE A 1 96  ? -1.237  3.790   5.273   1.00 12.73 ? 106  PHE A CB  1 
ATOM   726  C CG  . PHE A 1 96  ? -0.310  3.329   4.168   1.00 13.63 ? 106  PHE A CG  1 
ATOM   727  C CD1 . PHE A 1 96  ? 1.044   3.088   4.378   1.00 15.50 ? 106  PHE A CD1 1 
ATOM   728  C CD2 . PHE A 1 96  ? -0.807  3.187   2.884   1.00 15.40 ? 106  PHE A CD2 1 
ATOM   729  C CE1 . PHE A 1 96  ? 1.845   2.704   3.323   1.00 16.88 ? 106  PHE A CE1 1 
ATOM   730  C CE2 . PHE A 1 96  ? -0.010  2.787   1.838   1.00 17.21 ? 106  PHE A CE2 1 
ATOM   731  C CZ  . PHE A 1 96  ? 1.302   2.535   2.034   1.00 15.93 ? 106  PHE A CZ  1 
ATOM   732  N N   . ARG A 1 97  ? -2.974  3.637   7.871   1.00 14.19 ? 107  ARG A N   1 
ATOM   733  C CA  . ARG A 1 97  ? -3.853  4.309   8.846   1.00 15.39 ? 107  ARG A CA  1 
ATOM   734  C C   . ARG A 1 97  ? -3.302  4.150   10.266  1.00 15.93 ? 107  ARG A C   1 
ATOM   735  O O   . ARG A 1 97  ? -3.306  5.091   11.089  1.00 16.20 ? 107  ARG A O   1 
ATOM   736  C CB  . ARG A 1 97  ? -5.235  3.719   8.764   1.00 15.18 ? 107  ARG A CB  1 
ATOM   737  C CG  . ARG A 1 97  ? -6.210  4.344   9.751   1.00 16.67 ? 107  ARG A CG  1 
ATOM   738  C CD  . ARG A 1 97  ? -6.594  5.733   9.389   1.00 19.15 ? 107  ARG A CD  1 
ATOM   739  N NE  . ARG A 1 97  ? -7.357  6.401   10.454  1.00 24.91 ? 107  ARG A NE  1 
ATOM   740  C CZ  . ARG A 1 97  ? -6.819  6.964   11.540  1.00 27.50 ? 107  ARG A CZ  1 
ATOM   741  N NH1 . ARG A 1 97  ? -7.603  7.575   12.423  1.00 30.21 ? 107  ARG A NH1 1 
ATOM   742  N NH2 . ARG A 1 97  ? -5.510  6.928   11.760  1.00 28.38 ? 107  ARG A NH2 1 
ATOM   743  N N   . GLN A 1 98  ? -2.805  2.966   10.571  1.00 16.12 ? 108  GLN A N   1 
ATOM   744  C CA  . GLN A 1 98  ? -2.294  2.625   11.900  1.00 16.86 ? 108  GLN A CA  1 
ATOM   745  C C   . GLN A 1 98  ? -1.005  3.368   12.203  1.00 17.21 ? 108  GLN A C   1 
ATOM   746  O O   . GLN A 1 98  ? -0.632  3.510   13.391  1.00 18.01 ? 108  GLN A O   1 
ATOM   747  C CB  . GLN A 1 98  ? -2.079  1.097   11.985  1.00 18.42 ? 108  GLN A CB  1 
ATOM   748  C CG  . GLN A 1 98  ? -1.764  0.587   13.351  1.00 20.45 ? 108  GLN A CG  1 
ATOM   749  C CD  . GLN A 1 98  ? -2.174  -0.865  13.502  1.00 23.31 ? 108  GLN A CD  1 
ATOM   750  O OE1 . GLN A 1 98  ? -1.869  -1.697  12.640  1.00 21.86 ? 108  GLN A OE1 1 
ATOM   751  N NE2 . GLN A 1 98  ? -2.949  -1.155  14.544  1.00 24.83 ? 108  GLN A NE2 1 
ATOM   752  N N   . ASN A 1 99  ? -0.332  3.855   11.174  1.00 16.25 ? 109  ASN A N   1 
ATOM   753  C CA  . ASN A 1 99  ? 0.936   4.526   11.385  1.00 16.17 ? 109  ASN A CA  1 
ATOM   754  C C   . ASN A 1 99  ? 0.987   5.984   10.958  1.00 16.70 ? 109  ASN A C   1 
ATOM   755  O O   . ASN A 1 99  ? 2.062   6.547   10.855  1.00 16.06 ? 109  ASN A O   1 
ATOM   756  C CB  . ASN A 1 99  ? 1.998   3.720   10.723  1.00 15.81 ? 109  ASN A CB  1 
ATOM   757  C CG  . ASN A 1 99  ? 2.214   2.423   11.437  1.00 16.38 ? 109  ASN A CG  1 
ATOM   758  O OD1 . ASN A 1 99  ? 2.663   2.420   12.585  1.00 16.02 ? 109  ASN A OD1 1 
ATOM   759  N ND2 . ASN A 1 99  ? 1.869   1.305   10.793  1.00 14.46 ? 109  ASN A ND2 1 
ATOM   760  N N   . LEU A 1 100 ? -0.185  6.586   10.735  1.00 17.35 ? 110  LEU A N   1 
ATOM   761  C CA  . LEU A 1 100 ? -0.276  8.004   10.369  1.00 18.66 ? 110  LEU A CA  1 
ATOM   762  C C   . LEU A 1 100 ? 0.367   8.876   11.434  1.00 19.61 ? 110  LEU A C   1 
ATOM   763  O O   . LEU A 1 100 ? 0.911   9.940   11.115  1.00 20.24 ? 110  LEU A O   1 
ATOM   764  C CB  . LEU A 1 100 ? -1.721  8.444   10.218  1.00 19.10 ? 110  LEU A CB  1 
ATOM   765  C CG  . LEU A 1 100 ? -2.391  8.259   8.866   1.00 20.16 ? 110  LEU A CG  1 
ATOM   766  C CD1 . LEU A 1 100 ? -3.828  8.815   8.881   1.00 21.95 ? 110  LEU A CD1 1 
ATOM   767  C CD2 . LEU A 1 100 ? -1.591  8.931   7.770   1.00 21.27 ? 110  LEU A CD2 1 
ATOM   768  N N   . ASN A 1 101 ? 0.291   8.409   12.680  1.00 19.95 ? 111  ASN A N   1 
ATOM   769  C CA  . ASN A 1 101 ? 0.846   9.102   13.836  1.00 21.87 ? 111  ASN A CA  1 
ATOM   770  C C   . ASN A 1 101 ? 2.368   9.277   13.765  1.00 21.28 ? 111  ASN A C   1 
ATOM   771  O O   . ASN A 1 101 ? 2.945   10.074  14.508  1.00 23.83 ? 111  ASN A O   1 
ATOM   772  C CB  . ASN A 1 101 ? 0.411   8.418   15.157  1.00 22.43 ? 111  ASN A CB  1 
ATOM   773  C CG  . ASN A 1 101 ? 1.036   7.031   15.392  1.00 25.74 ? 111  ASN A CG  1 
ATOM   774  O OD1 . ASN A 1 101 ? 1.208   6.628   16.554  1.00 31.10 ? 111  ASN A OD1 1 
ATOM   775  N ND2 . ASN A 1 101 ? 1.324   6.274   14.318  1.00 27.94 ? 111  ASN A ND2 1 
ATOM   776  N N   . THR A 1 102 ? 3.058   8.504   12.937  1.00 20.19 ? 112  THR A N   1 
ATOM   777  C CA  . THR A 1 102 ? 4.507   8.695   12.807  1.00 19.37 ? 112  THR A CA  1 
ATOM   778  C C   . THR A 1 102 ? 4.934   9.050   11.391  1.00 18.33 ? 112  THR A C   1 
ATOM   779  O O   . THR A 1 102 ? 6.108   9.062   11.095  1.00 19.11 ? 112  THR A O   1 
ATOM   780  C CB  . THR A 1 102 ? 5.318   7.483   13.276  1.00 19.52 ? 112  THR A CB  1 
ATOM   781  O OG1 . THR A 1 102 ? 4.868   6.284   12.615  1.00 19.20 ? 112  THR A OG1 1 
ATOM   782  C CG2 . THR A 1 102 ? 5.135   7.216   14.760  1.00 20.09 ? 112  THR A CG2 1 
ATOM   783  N N   . TYR A 1 103 ? 3.975   9.278   10.511  1.00 17.88 ? 113  TYR A N   1 
ATOM   784  C CA  . TYR A 1 103 ? 4.289   9.615   9.125   1.00 17.87 ? 113  TYR A CA  1 
ATOM   785  C C   . TYR A 1 103 ? 5.135   10.889  9.182   1.00 18.66 ? 113  TYR A C   1 
ATOM   786  O O   . TYR A 1 103 ? 4.803   11.796  9.932   1.00 18.34 ? 113  TYR A O   1 
ATOM   787  C CB  . TYR A 1 103 ? 2.991   9.841   8.350   1.00 17.02 ? 113  TYR A CB  1 
ATOM   788  C CG  . TYR A 1 103 ? 3.189   10.251  6.918   1.00 17.36 ? 113  TYR A CG  1 
ATOM   789  C CD1 . TYR A 1 103 ? 3.544   11.555  6.597   1.00 18.19 ? 113  TYR A CD1 1 
ATOM   790  C CD2 . TYR A 1 103 ? 3.031   9.345   5.889   1.00 16.69 ? 113  TYR A CD2 1 
ATOM   791  C CE1 . TYR A 1 103 ? 3.758   11.942  5.301   1.00 19.15 ? 113  TYR A CE1 1 
ATOM   792  C CE2 . TYR A 1 103 ? 3.247   9.725   4.551   1.00 17.00 ? 113  TYR A CE2 1 
ATOM   793  C CZ  . TYR A 1 103 ? 3.617   11.026  4.265   1.00 19.55 ? 113  TYR A CZ  1 
ATOM   794  O OH  . TYR A 1 103 ? 3.846   11.456  2.960   1.00 19.09 ? 113  TYR A OH  1 
ATOM   795  N N   . SER A 1 104 ? 6.206   10.960  8.406   1.00 18.68 ? 114  SER A N   1 
ATOM   796  C CA  . SER A 1 104 ? 7.081   12.137  8.416   1.00 20.60 ? 114  SER A CA  1 
ATOM   797  C C   . SER A 1 104 ? 7.355   12.657  7.026   1.00 21.07 ? 114  SER A C   1 
ATOM   798  O O   . SER A 1 104 ? 7.918   11.925  6.198   1.00 19.48 ? 114  SER A O   1 
ATOM   799  C CB  . SER A 1 104 ? 8.394   11.777  9.077   1.00 20.70 ? 114  SER A CB  1 
ATOM   800  O OG  . SER A 1 104 ? 8.184   11.473  10.449  1.00 24.95 ? 114  SER A OG  1 
ATOM   801  N N   . LYS A 1 105 ? 7.040   13.929  6.769   1.00 22.65 ? 115  LYS A N   1 
ATOM   802  C CA  . LYS A 1 105 ? 7.225   14.493  5.426   1.00 24.24 ? 115  LYS A CA  1 
ATOM   803  C C   . LYS A 1 105 ? 8.675   14.475  4.985   1.00 24.24 ? 115  LYS A C   1 
ATOM   804  O O   . LYS A 1 105 ? 8.939   14.513  3.780   1.00 25.19 ? 115  LYS A O   1 
ATOM   805  C CB  . LYS A 1 105 ? 6.667   15.918  5.322   1.00 25.52 ? 115  LYS A CB  1 
ATOM   806  C CG  . LYS A 1 105 ? 5.161   16.028  5.529   1.00 29.40 ? 115  LYS A CG  1 
ATOM   807  C CD  . LYS A 1 105 ? 4.697   17.496  5.531   1.00 33.16 ? 115  LYS A CD  1 
ATOM   808  C CE  . LYS A 1 105 ? 5.537   18.381  6.467   1.00 36.18 ? 115  LYS A CE  1 
ATOM   809  N NZ  . LYS A 1 105 ? 5.840   19.738  5.896   1.00 37.62 ? 115  LYS A NZ  1 
ATOM   810  N N   . LYS A 1 106 ? 9.608   14.363  5.924   1.00 24.44 ? 116  LYS A N   1 
ATOM   811  C CA  . LYS A 1 106 ? 11.038  14.353  5.607   1.00 25.02 ? 116  LYS A CA  1 
ATOM   812  C C   . LYS A 1 106 ? 11.444  13.129  4.781   1.00 24.19 ? 116  LYS A C   1 
ATOM   813  O O   . LYS A 1 106 ? 12.532  13.099  4.208   1.00 24.48 ? 116  LYS A O   1 
ATOM   814  C CB  . LYS A 1 106 ? 11.910  14.422  6.874   1.00 25.98 ? 116  LYS A CB  1 
ATOM   815  C CG  . LYS A 1 106 ? 11.996  13.149  7.677   1.00 27.99 ? 116  LYS A CG  1 
ATOM   816  C CD  . LYS A 1 106 ? 12.792  13.312  8.924   1.00 32.30 ? 116  LYS A CD  1 
ATOM   817  C CE  . LYS A 1 106 ? 12.633  12.109  9.829   1.00 33.72 ? 116  LYS A CE  1 
ATOM   818  N NZ  . LYS A 1 106 ? 13.236  12.385  11.166  1.00 34.83 ? 116  LYS A NZ  1 
ATOM   819  N N   . TYR A 1 107 ? 10.582  12.113  4.753   1.00 22.68 ? 117  TYR A N   1 
ATOM   820  C CA  . TYR A 1 107 ? 10.873  10.895  4.004   1.00 21.43 ? 117  TYR A CA  1 
ATOM   821  C C   . TYR A 1 107 ? 10.210  10.906  2.623   1.00 21.07 ? 117  TYR A C   1 
ATOM   822  O O   . TYR A 1 107 ? 10.350  9.954   1.881   1.00 20.08 ? 117  TYR A O   1 
ATOM   823  C CB  . TYR A 1 107 ? 10.442  9.661   4.796   1.00 21.23 ? 117  TYR A CB  1 
ATOM   824  C CG  . TYR A 1 107 ? 11.275  9.402   6.029   1.00 21.35 ? 117  TYR A CG  1 
ATOM   825  C CD1 . TYR A 1 107 ? 12.659  9.377   5.970   1.00 21.04 ? 117  TYR A CD1 1 
ATOM   826  C CD2 . TYR A 1 107 ? 10.676  9.188   7.269   1.00 22.42 ? 117  TYR A CD2 1 
ATOM   827  C CE1 . TYR A 1 107 ? 13.422  9.123   7.119   1.00 21.99 ? 117  TYR A CE1 1 
ATOM   828  C CE2 . TYR A 1 107 ? 11.439  8.947   8.407   1.00 23.35 ? 117  TYR A CE2 1 
ATOM   829  C CZ  . TYR A 1 107 ? 12.799  8.904   8.322   1.00 23.36 ? 117  TYR A CZ  1 
ATOM   830  O OH  . TYR A 1 107 ? 13.594  8.677   9.416   1.00 26.88 ? 117  TYR A OH  1 
ATOM   831  N N   . MET A 1 108 ? 9.509   11.980  2.270   1.00 21.44 ? 118  MET A N   1 
ATOM   832  C CA  . MET A 1 108 ? 8.937   12.103  0.918   1.00 22.35 ? 118  MET A CA  1 
ATOM   833  C C   . MET A 1 108 ? 10.107  12.369  -0.051  1.00 22.09 ? 118  MET A C   1 
ATOM   834  O O   . MET A 1 108 ? 10.994  13.163  0.257   1.00 22.83 ? 118  MET A O   1 
ATOM   835  C CB  . MET A 1 108 ? 7.936   13.268  0.848   1.00 23.00 ? 118  MET A CB  1 
ATOM   836  C CG  . MET A 1 108 ? 6.602   12.981  1.507   1.00 25.01 ? 118  MET A CG  1 
ATOM   837  S SD  . MET A 1 108 ? 5.503   14.420  1.520   1.00 28.92 ? 118  MET A SD  1 
ATOM   838  C CE  . MET A 1 108 ? 5.048   14.471  -0.210  1.00 27.76 ? 118  MET A CE  1 
ATOM   839  N N   . LEU A 1 109 ? 10.100  11.741  -1.219  1.00 22.55 ? 119  LEU A N   1 
ATOM   840  C CA  . LEU A 1 109 ? 11.172  11.923  -2.193  1.00 22.16 ? 119  LEU A CA  1 
ATOM   841  C C   . LEU A 1 109 ? 12.513  11.519  -1.599  1.00 22.00 ? 119  LEU A C   1 
ATOM   842  O O   . LEU A 1 109 ? 13.556  12.127  -1.893  1.00 23.33 ? 119  LEU A O   1 
ATOM   843  C CB  . LEU A 1 109 ? 11.204  13.376  -2.695  1.00 22.23 ? 119  LEU A CB  1 
ATOM   844  C CG  . LEU A 1 109 ? 9.955   13.816  -3.480  1.00 23.48 ? 119  LEU A CG  1 
ATOM   845  C CD1 . LEU A 1 109 ? 10.083  15.283  -3.857  1.00 25.37 ? 119  LEU A CD1 1 
ATOM   846  C CD2 . LEU A 1 109 ? 9.743   12.971  -4.710  1.00 24.81 ? 119  LEU A CD2 1 
ATOM   847  N N   . TYR A 1 110 ? 12.512  10.473  -0.778  1.00 20.66 ? 120  TYR A N   1 
ATOM   848  C CA  . TYR A 1 110 ? 13.749  10.014  -0.142  1.00 19.70 ? 120  TYR A CA  1 
ATOM   849  C C   . TYR A 1 110 ? 14.708  9.515   -1.228  1.00 19.38 ? 120  TYR A C   1 
ATOM   850  O O   . TYR A 1 110 ? 14.291  8.750   -2.117  1.00 18.86 ? 120  TYR A O   1 
ATOM   851  C CB  . TYR A 1 110 ? 13.436  8.885   0.855   1.00 19.85 ? 120  TYR A CB  1 
ATOM   852  C CG  . TYR A 1 110 ? 14.512  8.624   1.863   1.00 19.80 ? 120  TYR A CG  1 
ATOM   853  C CD1 . TYR A 1 110 ? 14.782  9.540   2.871   1.00 20.77 ? 120  TYR A CD1 1 
ATOM   854  C CD2 . TYR A 1 110 ? 15.238  7.445   1.837   1.00 21.00 ? 120  TYR A CD2 1 
ATOM   855  C CE1 . TYR A 1 110 ? 15.754  9.310   3.796   1.00 20.85 ? 120  TYR A CE1 1 
ATOM   856  C CE2 . TYR A 1 110 ? 16.208  7.193   2.769   1.00 21.49 ? 120  TYR A CE2 1 
ATOM   857  C CZ  . TYR A 1 110 ? 16.462  8.124   3.753   1.00 22.21 ? 120  TYR A CZ  1 
ATOM   858  O OH  . TYR A 1 110 ? 17.447  7.872   4.673   1.00 23.53 ? 120  TYR A OH  1 
ATOM   859  N N   . PRO A 1 111 ? 15.972  9.923   -1.183  1.00 18.29 ? 121  PRO A N   1 
ATOM   860  C CA  . PRO A 1 111 ? 16.944  9.534   -2.209  1.00 18.34 ? 121  PRO A CA  1 
ATOM   861  C C   . PRO A 1 111 ? 17.408  8.093   -2.122  1.00 18.09 ? 121  PRO A C   1 
ATOM   862  O O   . PRO A 1 111 ? 17.679  7.570   -1.033  1.00 17.75 ? 121  PRO A O   1 
ATOM   863  C CB  . PRO A 1 111 ? 18.140  10.451  -1.931  1.00 18.97 ? 121  PRO A CB  1 
ATOM   864  C CG  . PRO A 1 111 ? 18.039  10.803  -0.540  1.00 19.83 ? 121  PRO A CG  1 
ATOM   865  C CD  . PRO A 1 111 ? 16.589  10.795  -0.177  1.00 19.36 ? 121  PRO A CD  1 
ATOM   866  N N   . ASP A 1 112 ? 17.543  7.475   -3.286  1.00 17.95 ? 122  ASP A N   1 
ATOM   867  C CA  . ASP A 1 112 ? 17.887  6.068   -3.393  1.00 18.27 ? 122  ASP A CA  1 
ATOM   868  C C   . ASP A 1 112 ? 19.189  5.686   -2.675  1.00 18.76 ? 122  ASP A C   1 
ATOM   869  O O   . ASP A 1 112 ? 19.266  4.601   -2.076  1.00 17.51 ? 122  ASP A O   1 
ATOM   870  C CB  . ASP A 1 112 ? 17.976  5.659   -4.854  1.00 19.20 ? 122  ASP A CB  1 
ATOM   871  C CG  . ASP A 1 112 ? 18.375  4.195   -5.035  1.00 20.46 ? 122  ASP A CG  1 
ATOM   872  O OD1 . ASP A 1 112 ? 19.570  3.882   -5.184  1.00 20.67 ? 122  ASP A OD1 1 
ATOM   873  O OD2 . ASP A 1 112 ? 17.544  3.304   -5.009  1.00 24.51 ? 122  ASP A OD2 1 
ATOM   874  N N   . PHE A 1 113 ? 20.193  6.590   -2.660  1.00 18.51 ? 124  PHE A N   1 
ATOM   875  C CA  . PHE A 1 113 ? 21.489  6.086   -2.160  1.00 19.96 ? 124  PHE A CA  1 
ATOM   876  C C   . PHE A 1 113 ? 21.488  5.847   -0.661  1.00 20.43 ? 124  PHE A C   1 
ATOM   877  O O   . PHE A 1 113 ? 22.408  5.213   -0.129  1.00 20.18 ? 124  PHE A O   1 
ATOM   878  C CB  . PHE A 1 113 ? 22.642  7.046   -2.504  1.00 20.84 ? 124  PHE A CB  1 
ATOM   879  C CG  . PHE A 1 113 ? 22.718  8.258   -1.643  1.00 21.74 ? 124  PHE A CG  1 
ATOM   880  C CD1 . PHE A 1 113 ? 21.771  9.244   -1.733  1.00 21.32 ? 124  PHE A CD1 1 
ATOM   881  C CD2 . PHE A 1 113 ? 23.735  8.397   -0.714  1.00 25.67 ? 124  PHE A CD2 1 
ATOM   882  C CE1 . PHE A 1 113 ? 21.807  10.363  -0.993  1.00 22.86 ? 124  PHE A CE1 1 
ATOM   883  C CE2 . PHE A 1 113 ? 23.796  9.532   0.067   1.00 25.39 ? 124  PHE A CE2 1 
ATOM   884  C CZ  . PHE A 1 113 ? 22.807  10.514  -0.052  1.00 25.25 ? 124  PHE A CZ  1 
ATOM   885  N N   . LEU A 1 114 ? 20.460  6.346   0.024   1.00 20.69 ? 125  LEU A N   1 
ATOM   886  C CA  . LEU A 1 114 ? 20.338  6.156   1.462   1.00 21.54 ? 125  LEU A CA  1 
ATOM   887  C C   . LEU A 1 114 ? 19.585  4.856   1.763   1.00 22.18 ? 125  LEU A C   1 
ATOM   888  O O   . LEU A 1 114 ? 19.269  4.578   2.924   1.00 23.40 ? 125  LEU A O   1 
ATOM   889  C CB  . LEU A 1 114 ? 19.621  7.338   2.097   1.00 21.54 ? 125  LEU A CB  1 
ATOM   890  C CG  . LEU A 1 114 ? 20.473  8.617   2.062   1.00 23.90 ? 125  LEU A CG  1 
ATOM   891  C CD1 . LEU A 1 114 ? 19.702  9.822   2.570   1.00 24.69 ? 125  LEU A CD1 1 
ATOM   892  C CD2 . LEU A 1 114 ? 21.773  8.428   2.833   1.00 26.84 ? 125  LEU A CD2 1 
ATOM   893  N N   . CYS A 1 115 ? 19.341  4.057   0.730   1.00 22.92 ? 126  CYS A N   1 
ATOM   894  C CA  . CYS A 1 115 ? 18.608  2.803   0.859   1.00 23.78 ? 126  CYS A CA  1 
ATOM   895  C C   . CYS A 1 115 ? 19.517  1.697   0.366   1.00 25.88 ? 126  CYS A C   1 
ATOM   896  O O   . CYS A 1 115 ? 19.599  1.463   -0.828  1.00 26.58 ? 126  CYS A O   1 
ATOM   897  C CB  . CYS A 1 115 ? 17.346  2.842   0.022   1.00 22.75 ? 126  CYS A CB  1 
ATOM   898  S SG  . CYS A 1 115 ? 16.223  4.109   0.607   1.00 20.30 ? 126  CYS A SG  1 
ATOM   899  N N   . LYS A 1 116 ? 20.196  1.033   1.287   1.00 28.00 ? 127  LYS A N   1 
ATOM   900  C CA  . LYS A 1 116 ? 21.197  0.042   0.907   1.00 29.95 ? 127  LYS A CA  1 
ATOM   901  C C   . LYS A 1 116 ? 21.010  -1.284  1.646   1.00 30.67 ? 127  LYS A C   1 
ATOM   902  O O   . LYS A 1 116 ? 20.639  -1.314  2.809   1.00 30.56 ? 127  LYS A O   1 
ATOM   903  C CB  . LYS A 1 116 ? 22.609  0.598   1.205   1.00 30.93 ? 127  LYS A CB  1 
ATOM   904  C CG  . LYS A 1 116 ? 22.721  2.154   1.270   1.00 34.00 ? 127  LYS A CG  1 
ATOM   905  C CD  . LYS A 1 116 ? 23.627  2.632   2.455   1.00 37.15 ? 127  LYS A CD  1 
ATOM   906  C CE  . LYS A 1 116 ? 23.719  4.190   2.673   1.00 38.78 ? 127  LYS A CE  1 
ATOM   907  N NZ  . LYS A 1 116 ? 24.454  5.062   1.710   1.00 39.92 ? 127  LYS A NZ  1 
ATOM   908  N N   . GLY A 1 117 ? 21.274  -2.382  0.957   1.00 32.03 ? 128  GLY A N   1 
ATOM   909  C CA  . GLY A 1 117 ? 21.188  -3.699  1.576   1.00 32.98 ? 128  GLY A CA  1 
ATOM   910  C C   . GLY A 1 117 ? 19.848  -4.363  1.350   1.00 33.86 ? 128  GLY A C   1 
ATOM   911  O O   . GLY A 1 117 ? 18.817  -3.711  1.333   1.00 33.95 ? 128  GLY A O   1 
ATOM   912  N N   . GLU A 1 118 ? 19.864  -5.680  1.187   1.00 34.64 ? 129  GLU A N   1 
ATOM   913  C CA  . GLU A 1 118 ? 18.631  -6.419  0.967   1.00 34.86 ? 129  GLU A CA  1 
ATOM   914  C C   . GLU A 1 118 ? 18.120  -6.931  2.306   1.00 33.71 ? 129  GLU A C   1 
ATOM   915  O O   . GLU A 1 118 ? 18.899  -7.366  3.159   1.00 33.90 ? 129  GLU A O   1 
ATOM   916  C CB  . GLU A 1 118 ? 18.873  -7.570  0.000   1.00 35.94 ? 129  GLU A CB  1 
ATOM   917  C CG  . GLU A 1 118 ? 18.909  -7.129  -1.454  1.00 39.48 ? 129  GLU A CG  1 
ATOM   918  C CD  . GLU A 1 118 ? 20.162  -7.593  -2.174  1.00 43.78 ? 129  GLU A CD  1 
ATOM   919  O OE1 . GLU A 1 118 ? 21.115  -6.776  -2.302  1.00 48.06 ? 129  GLU A OE1 1 
ATOM   920  O OE2 . GLU A 1 118 ? 20.205  -8.778  -2.602  1.00 46.52 ? 129  GLU A OE2 1 
ATOM   921  N N   . LEU A 1 119 ? 16.809  -6.833  2.489   1.00 32.04 ? 130  LEU A N   1 
ATOM   922  C CA  . LEU A 1 119 ? 16.139  -7.276  3.694   1.00 30.54 ? 130  LEU A CA  1 
ATOM   923  C C   . LEU A 1 119 ? 15.194  -8.352  3.191   1.00 28.68 ? 130  LEU A C   1 
ATOM   924  O O   . LEU A 1 119 ? 14.406  -8.110  2.274   1.00 27.90 ? 130  LEU A O   1 
ATOM   925  C CB  . LEU A 1 119 ? 15.353  -6.121  4.316   1.00 31.03 ? 130  LEU A CB  1 
ATOM   926  C CG  . LEU A 1 119 ? 15.146  -6.056  5.824   1.00 34.34 ? 130  LEU A CG  1 
ATOM   927  C CD1 . LEU A 1 119 ? 14.907  -4.602  6.211   1.00 36.74 ? 130  LEU A CD1 1 
ATOM   928  C CD2 . LEU A 1 119 ? 13.999  -6.910  6.291   1.00 36.35 ? 130  LEU A CD2 1 
ATOM   929  N N   . LYS A 1 120 ? 15.274  -9.548  3.758   1.00 26.21 ? 131  LYS A N   1 
ATOM   930  C CA  . LYS A 1 120 ? 14.450  -10.646 3.275   1.00 25.53 ? 131  LYS A CA  1 
ATOM   931  C C   . LYS A 1 120 ? 13.032  -10.510 3.773   1.00 23.78 ? 131  LYS A C   1 
ATOM   932  O O   . LYS A 1 120 ? 12.781  -10.159 4.920   1.00 21.38 ? 131  LYS A O   1 
ATOM   933  C CB  . LYS A 1 120 ? 15.033  -12.000 3.689   1.00 25.63 ? 131  LYS A CB  1 
ATOM   934  C CG  . LYS A 1 120 ? 16.427  -12.223 3.115   1.00 28.46 ? 131  LYS A CG  1 
ATOM   935  C CD  . LYS A 1 120 ? 17.015  -13.554 3.538   1.00 30.16 ? 131  LYS A CD  1 
ATOM   936  C CE  . LYS A 1 120 ? 18.398  -13.773 2.966   1.00 32.50 ? 131  LYS A CE  1 
ATOM   937  N NZ  . LYS A 1 120 ? 18.962  -15.094 3.402   1.00 32.76 ? 131  LYS A NZ  1 
ATOM   938  N N   . CYS A 1 121 ? 12.060  -10.851 2.845   1.00 22.05 ? 133  CYS A N   1 
ATOM   939  C CA  . CYS A 1 121 ? 10.648  -10.891 3.205   1.00 22.64 ? 133  CYS A CA  1 
ATOM   940  C C   . CYS A 1 121 ? 10.329  -11.974 4.218   1.00 23.85 ? 133  CYS A C   1 
ATOM   941  O O   . CYS A 1 121 ? 9.417   -11.839 5.029   1.00 23.59 ? 133  CYS A O   1 
ATOM   942  C CB  . CYS A 1 121 ? 9.835   -11.152 1.946   1.00 21.88 ? 133  CYS A CB  1 
ATOM   943  S SG  . CYS A 1 121 ? 9.837   -9.729  0.841   1.00 21.17 ? 133  CYS A SG  1 
ATOM   944  O OXT . CYS A 1 121 ? 10.963  -13.023 4.172   1.00 26.99 ? 133  CYS A OXT 1 
ATOM   945  N N   . TYR B 2 1   ? -16.861 9.981   -2.968  0.30 28.43 ? 1    TYR B N   1 
ATOM   946  C CA  . TYR B 2 1   ? -16.720 9.080   -4.145  0.30 28.34 ? 1    TYR B CA  1 
ATOM   947  C C   . TYR B 2 1   ? -17.129 7.594   -3.903  0.30 28.38 ? 1    TYR B C   1 
ATOM   948  O O   . TYR B 2 1   ? -17.571 6.914   -4.837  0.30 29.00 ? 1    TYR B O   1 
ATOM   949  C CB  . TYR B 2 1   ? -15.281 8.949   -4.700  0.30 28.23 ? 1    TYR B CB  1 
ATOM   950  C CG  . TYR B 2 1   ? -14.011 9.786   -4.560  0.30 28.31 ? 1    TYR B CG  1 
ATOM   951  C CD1 . TYR B 2 1   ? -13.849 11.077  -4.021  0.30 28.39 ? 1    TYR B CD1 1 
ATOM   952  C CD2 . TYR B 2 1   ? -12.910 9.179   -5.105  0.30 28.62 ? 1    TYR B CD2 1 
ATOM   953  C CE1 . TYR B 2 1   ? -12.531 11.675  -4.037  0.30 28.48 ? 1    TYR B CE1 1 
ATOM   954  C CE2 . TYR B 2 1   ? -11.684 9.728   -5.132  0.30 28.97 ? 1    TYR B CE2 1 
ATOM   955  C CZ  . TYR B 2 1   ? -11.473 10.968  -4.609  0.30 28.65 ? 1    TYR B CZ  1 
ATOM   956  O OH  . TYR B 2 1   ? -10.197 11.474  -4.673  0.30 30.00 ? 1    TYR B OH  1 
ATOM   957  N N   . TRP B 2 2   ? -16.779 7.049   -2.734  0.30 28.42 ? 2    TRP B N   1 
ATOM   958  C CA  . TRP B 2 2   ? -17.104 5.682   -2.320  0.30 28.22 ? 2    TRP B CA  1 
ATOM   959  C C   . TRP B 2 2   ? -17.977 5.651   -1.054  0.30 28.38 ? 2    TRP B C   1 
ATOM   960  O O   . TRP B 2 2   ? -17.708 4.898   -0.109  0.30 28.70 ? 2    TRP B O   1 
ATOM   961  C CB  . TRP B 2 2   ? -15.775 4.957   -2.054  0.30 28.26 ? 2    TRP B CB  1 
ATOM   962  C CG  . TRP B 2 2   ? -15.571 3.720   -2.867  0.30 27.81 ? 2    TRP B CG  1 
ATOM   963  C CD1 . TRP B 2 2   ? -15.343 3.646   -4.204  0.30 27.74 ? 2    TRP B CD1 1 
ATOM   964  C CD2 . TRP B 2 2   ? -15.572 2.377   -2.390  0.30 26.67 ? 2    TRP B CD2 1 
ATOM   965  N NE1 . TRP B 2 2   ? -15.204 2.336   -4.594  0.30 28.12 ? 2    TRP B NE1 1 
ATOM   966  C CE2 . TRP B 2 2   ? -15.345 1.536   -3.492  0.30 26.97 ? 2    TRP B CE2 1 
ATOM   967  C CE3 . TRP B 2 2   ? -15.748 1.794   -1.134  0.30 25.93 ? 2    TRP B CE3 1 
ATOM   968  C CZ2 . TRP B 2 2   ? -15.296 0.160   -3.377  0.30 25.01 ? 2    TRP B CZ2 1 
ATOM   969  C CZ3 . TRP B 2 2   ? -15.703 0.429   -1.028  0.30 24.75 ? 2    TRP B CZ3 1 
ATOM   970  C CH2 . TRP B 2 2   ? -15.476 -0.369  -2.136  0.30 25.37 ? 2    TRP B CH2 1 
ATOM   971  N N   . ALA B 2 3   ? -19.018 6.481   -1.049  0.30 28.49 ? 3    ALA B N   1 
ATOM   972  C CA  . ALA B 2 3   ? -19.916 6.647   0.101   0.30 28.47 ? 3    ALA B CA  1 
ATOM   973  C C   . ALA B 2 3   ? -20.764 5.420   0.418   0.30 28.47 ? 3    ALA B C   1 
ATOM   974  O O   . ALA B 2 3   ? -20.829 4.477   -0.368  0.30 28.93 ? 3    ALA B O   1 
ATOM   975  C CB  . ALA B 2 3   ? -20.825 7.842   -0.148  0.30 28.39 ? 3    ALA B CB  1 
ATOM   976  N N   . ALA B 2 4   ? -21.423 5.458   1.573   0.30 28.51 ? 4    ALA B N   1 
ATOM   977  C CA  . ALA B 2 4   ? -22.329 4.404   2.010   0.30 28.30 ? 4    ALA B CA  1 
ATOM   978  C C   . ALA B 2 4   ? -23.122 4.915   3.210   0.30 28.38 ? 4    ALA B C   1 
ATOM   979  O O   . ALA B 2 4   ? -24.043 4.244   3.684   0.30 28.68 ? 4    ALA B O   1 
ATOM   980  C CB  . ALA B 2 4   ? -21.551 3.158   2.422   0.30 28.33 ? 4    ALA B CB  1 
ATOM   981  N N   . ALA B 2 5   ? -22.718 6.074   3.730   0.30 28.34 ? 5    ALA B N   1 
ATOM   982  C CA  . ALA B 2 5   ? -23.271 6.594   4.984   0.30 28.06 ? 5    ALA B CA  1 
ATOM   983  C C   . ALA B 2 5   ? -22.322 7.602   5.669   0.30 28.00 ? 5    ALA B C   1 
ATOM   984  O O   . ALA B 2 5   ? -21.118 7.614   5.406   0.30 28.07 ? 5    ALA B O   1 
ATOM   985  C CB  . ALA B 2 5   ? -23.568 5.426   5.927   0.30 28.15 ? 5    ALA B CB  1 
ATOM   986  N N   . ALA B 2 6   ? -22.872 8.447   6.540   0.30 27.76 ? 6    ALA B N   1 
ATOM   987  C CA  . ALA B 2 6   ? -22.075 9.368   7.365   0.30 27.71 ? 6    ALA B CA  1 
ATOM   988  C C   . ALA B 2 6   ? -22.492 10.782  6.998   0.30 27.86 ? 6    ALA B C   1 
ATOM   989  O O   . ALA B 2 6   ? -22.257 11.224  5.871   0.30 28.30 ? 6    ALA B O   1 
ATOM   990  C CB  . ALA B 2 6   ? -20.580 9.197   7.137   0.30 27.60 ? 6    ALA B CB  1 
HETATM 991  S S   . SO4 C 3 .   ? -7.174  0.776   -13.364 1.00 45.31 ? 1001 SO4 A S   1 
HETATM 992  O O1  . SO4 C 3 .   ? -5.823  1.332   -13.387 1.00 45.01 ? 1001 SO4 A O1  1 
HETATM 993  O O2  . SO4 C 3 .   ? -8.029  1.586   -14.232 1.00 46.07 ? 1001 SO4 A O2  1 
HETATM 994  O O3  . SO4 C 3 .   ? -7.055  -0.603  -13.893 1.00 44.88 ? 1001 SO4 A O3  1 
HETATM 995  O O4  . SO4 C 3 .   ? -7.787  0.808   -12.027 1.00 37.30 ? 1001 SO4 A O4  1 
HETATM 996  S S   . SO4 D 3 .   ? 13.389  -0.358  14.608  1.00 62.21 ? 1002 SO4 A S   1 
HETATM 997  O O1  . SO4 D 3 .   ? 13.719  -0.394  16.036  1.00 63.28 ? 1002 SO4 A O1  1 
HETATM 998  O O2  . SO4 D 3 .   ? 14.100  0.765   13.999  1.00 62.28 ? 1002 SO4 A O2  1 
HETATM 999  O O3  . SO4 D 3 .   ? 13.813  -1.594  13.952  1.00 61.64 ? 1002 SO4 A O3  1 
HETATM 1000 O O4  . SO4 D 3 .   ? 11.951  -0.184  14.464  1.00 61.68 ? 1002 SO4 A O4  1 
HETATM 1001 S S   . SO4 E 3 .   ? -13.170 0.160   -10.753 1.00 31.15 ? 1003 SO4 A S   1 
HETATM 1002 O O1  . SO4 E 3 .   ? -11.752 0.357   -10.392 1.00 31.21 ? 1003 SO4 A O1  1 
HETATM 1003 O O2  . SO4 E 3 .   ? -13.855 1.447   -10.578 1.00 30.25 ? 1003 SO4 A O2  1 
HETATM 1004 O O3  . SO4 E 3 .   ? -13.313 -0.282  -12.154 1.00 30.10 ? 1003 SO4 A O3  1 
HETATM 1005 O O4  . SO4 E 3 .   ? -13.756 -0.858  -9.873  1.00 31.49 ? 1003 SO4 A O4  1 
HETATM 1006 S S   . SO4 F 3 .   ? -9.614  -18.596 -4.338  1.00 53.38 ? 1004 SO4 A S   1 
HETATM 1007 O O1  . SO4 F 3 .   ? -8.371  -19.344 -4.137  1.00 53.10 ? 1004 SO4 A O1  1 
HETATM 1008 O O2  . SO4 F 3 .   ? -9.379  -17.197 -3.965  1.00 50.37 ? 1004 SO4 A O2  1 
HETATM 1009 O O3  . SO4 F 3 .   ? -10.011 -18.732 -5.735  1.00 52.25 ? 1004 SO4 A O3  1 
HETATM 1010 O O4  . SO4 F 3 .   ? -10.694 -19.147 -3.516  1.00 52.21 ? 1004 SO4 A O4  1 
HETATM 1011 S S   . SO4 G 3 .   ? 5.742   16.070  9.662   1.00 50.17 ? 1005 SO4 A S   1 
HETATM 1012 O O1  . SO4 G 3 .   ? 4.864   15.846  10.818  1.00 50.38 ? 1005 SO4 A O1  1 
HETATM 1013 O O2  . SO4 G 3 .   ? 5.623   17.461  9.237   1.00 50.23 ? 1005 SO4 A O2  1 
HETATM 1014 O O3  . SO4 G 3 .   ? 5.359   15.174  8.579   1.00 49.54 ? 1005 SO4 A O3  1 
HETATM 1015 O O4  . SO4 G 3 .   ? 7.125   15.797  10.036  1.00 50.78 ? 1005 SO4 A O4  1 
HETATM 1016 S S   . SO4 H 3 .   ? 11.258  2.769   14.080  1.00 41.66 ? 1006 SO4 A S   1 
HETATM 1017 O O1  . SO4 H 3 .   ? 11.741  2.727   12.701  1.00 38.31 ? 1006 SO4 A O1  1 
HETATM 1018 O O2  . SO4 H 3 .   ? 10.712  4.071   14.428  1.00 45.30 ? 1006 SO4 A O2  1 
HETATM 1019 O O3  . SO4 H 3 .   ? 12.386  2.519   14.978  1.00 44.72 ? 1006 SO4 A O3  1 
HETATM 1020 O O4  . SO4 H 3 .   ? 10.207  1.779   14.331  1.00 43.95 ? 1006 SO4 A O4  1 
HETATM 1021 O O   . HOH I 4 .   ? 1.308   -3.663  4.167   1.00 13.75 ? 1007 HOH A O   1 
HETATM 1022 O O   . HOH I 4 .   ? 0.398   -5.667  2.532   1.00 12.89 ? 1008 HOH A O   1 
HETATM 1023 O O   . HOH I 4 .   ? -1.965  -16.509 -12.432 1.00 13.53 ? 1009 HOH A O   1 
HETATM 1024 O O   . HOH I 4 .   ? -2.578  -12.453 -13.811 1.00 14.07 ? 1010 HOH A O   1 
HETATM 1025 O O   . HOH I 4 .   ? -11.591 -8.829  3.059   1.00 18.11 ? 1011 HOH A O   1 
HETATM 1026 O O   . HOH I 4 .   ? -7.142  -11.949 -12.618 1.00 13.97 ? 1012 HOH A O   1 
HETATM 1027 O O   . HOH I 4 .   ? -2.188  -9.057  3.427   1.00 13.97 ? 1013 HOH A O   1 
HETATM 1028 O O   . HOH I 4 .   ? -3.523  -10.590 -11.807 1.00 13.95 ? 1014 HOH A O   1 
HETATM 1029 O O   . HOH I 4 .   ? -6.131  -16.081 -10.568 1.00 18.63 ? 1015 HOH A O   1 
HETATM 1030 O O   . HOH I 4 .   ? -8.893  -11.301 -14.652 1.00 15.78 ? 1016 HOH A O   1 
HETATM 1031 O O   . HOH I 4 .   ? 1.027   6.316   7.186   1.00 14.46 ? 1017 HOH A O   1 
HETATM 1032 O O   . HOH I 4 .   ? 7.704   4.767   12.877  1.00 20.68 ? 1018 HOH A O   1 
HETATM 1033 O O   . HOH I 4 .   ? 5.625   6.066   9.878   1.00 16.33 ? 1019 HOH A O   1 
HETATM 1034 O O   . HOH I 4 .   ? -9.334  -17.586 -10.429 1.00 15.24 ? 1020 HOH A O   1 
HETATM 1035 O O   . HOH I 4 .   ? -5.799  -8.026  4.325   1.00 14.66 ? 1021 HOH A O   1 
HETATM 1036 O O   . HOH I 4 .   ? 1.043   -15.818 -8.493  1.00 19.90 ? 1022 HOH A O   1 
HETATM 1037 O O   . HOH I 4 .   ? -2.813  -11.885 -0.405  1.00 16.08 ? 1023 HOH A O   1 
HETATM 1038 O O   . HOH I 4 .   ? -8.752  -9.701  5.580   1.00 23.34 ? 1024 HOH A O   1 
HETATM 1039 O O   . HOH I 4 .   ? 1.433   -5.731  -12.113 1.00 21.32 ? 1025 HOH A O   1 
HETATM 1040 O O   . HOH I 4 .   ? 1.976   13.783  2.983   1.00 28.55 ? 1026 HOH A O   1 
HETATM 1041 O O   . HOH I 4 .   ? 4.329   -1.165  9.578   1.00 18.01 ? 1027 HOH A O   1 
HETATM 1042 O O   . HOH I 4 .   ? -18.385 -11.702 -3.454  1.00 27.79 ? 1028 HOH A O   1 
HETATM 1043 O O   . HOH I 4 .   ? 2.247   -1.525  11.421  1.00 18.52 ? 1029 HOH A O   1 
HETATM 1044 O O   . HOH I 4 .   ? 15.320  13.858  -2.709  1.00 32.95 ? 1030 HOH A O   1 
HETATM 1045 O O   . HOH I 4 .   ? 6.132   -2.124  11.401  1.00 20.21 ? 1031 HOH A O   1 
HETATM 1046 O O   . HOH I 4 .   ? 21.817  5.369   -5.592  1.00 20.47 ? 1032 HOH A O   1 
HETATM 1047 O O   . HOH I 4 .   ? -12.959 -10.842 -12.460 1.00 16.02 ? 1033 HOH A O   1 
HETATM 1048 O O   . HOH I 4 .   ? -9.228  -5.992  -14.351 1.00 18.28 ? 1034 HOH A O   1 
HETATM 1049 O O   . HOH I 4 .   ? 13.485  12.786  1.629   1.00 28.37 ? 1035 HOH A O   1 
HETATM 1050 O O   . HOH I 4 .   ? -12.818 -8.912  -7.072  1.00 25.51 ? 1036 HOH A O   1 
HETATM 1051 O O   . HOH I 4 .   ? 15.345  13.407  4.845   1.00 30.72 ? 1037 HOH A O   1 
HETATM 1052 O O   . HOH I 4 .   ? -7.359  -4.259  -15.762 1.00 19.79 ? 1038 HOH A O   1 
HETATM 1053 O O   . HOH I 4 .   ? -10.856 -3.036  7.182   1.00 23.17 ? 1039 HOH A O   1 
HETATM 1054 O O   . HOH I 4 .   ? -2.352  6.377   13.430  1.00 25.30 ? 1040 HOH A O   1 
HETATM 1055 O O   . HOH I 4 .   ? -11.964 -11.947 -1.987  1.00 28.84 ? 1041 HOH A O   1 
HETATM 1056 O O   . HOH I 4 .   ? 17.887  9.847   6.302   1.00 33.88 ? 1042 HOH A O   1 
HETATM 1057 O O   . HOH I 4 .   ? 15.043  5.733   10.351  1.00 32.96 ? 1043 HOH A O   1 
HETATM 1058 O O   . HOH I 4 .   ? -18.041 -11.261 -6.185  1.00 25.41 ? 1044 HOH A O   1 
HETATM 1059 O O   . HOH I 4 .   ? -3.614  -16.528 -7.733  1.00 33.72 ? 1045 HOH A O   1 
HETATM 1060 O O   . HOH I 4 .   ? -20.943 -8.275  -1.614  1.00 21.65 ? 1046 HOH A O   1 
HETATM 1061 O O   . HOH I 4 .   ? -14.799 -1.943  -5.574  1.00 21.55 ? 1047 HOH A O   1 
HETATM 1062 O O   . HOH I 4 .   ? 0.260   -12.386 -1.334  1.00 25.16 ? 1048 HOH A O   1 
HETATM 1063 O O   . HOH I 4 .   ? -7.230  -14.064 -1.008  1.00 31.78 ? 1049 HOH A O   1 
HETATM 1064 O O   . HOH I 4 .   ? -4.862  -13.747 0.246   1.00 28.60 ? 1050 HOH A O   1 
HETATM 1065 O O   . HOH I 4 .   ? 12.715  -0.447  9.797   1.00 20.10 ? 1051 HOH A O   1 
HETATM 1066 O O   . HOH I 4 .   ? 20.283  4.766   9.547   1.00 53.21 ? 1052 HOH A O   1 
HETATM 1067 O O   . HOH I 4 .   ? 10.528  5.027   -2.144  1.00 30.18 ? 1053 HOH A O   1 
HETATM 1068 O O   . HOH I 4 .   ? -10.820 -6.089  8.946   1.00 42.78 ? 1054 HOH A O   1 
HETATM 1069 O O   . HOH I 4 .   ? -7.949  -0.049  -17.846 1.00 28.30 ? 1055 HOH A O   1 
HETATM 1070 O O   . HOH I 4 .   ? 3.072   -7.270  -13.567 1.00 34.38 ? 1056 HOH A O   1 
HETATM 1071 O O   . HOH I 4 .   ? 14.936  1.065   -2.205  1.00 29.76 ? 1057 HOH A O   1 
HETATM 1072 O O   . HOH I 4 .   ? 0.127   3.020   15.936  1.00 28.92 ? 1058 HOH A O   1 
HETATM 1073 O O   . HOH I 4 .   ? -13.357 -6.638  7.027   1.00 34.88 ? 1059 HOH A O   1 
HETATM 1074 O O   . HOH I 4 .   ? 14.986  -5.380  0.407   1.00 25.36 ? 1060 HOH A O   1 
HETATM 1075 O O   . HOH I 4 .   ? 20.613  -2.308  5.137   1.00 41.31 ? 1061 HOH A O   1 
HETATM 1076 O O   . HOH I 4 .   ? -9.834  -12.094 -0.104  1.00 37.70 ? 1062 HOH A O   1 
HETATM 1077 O O   . HOH I 4 .   ? -11.506 -8.619  -3.903  1.00 29.88 ? 1063 HOH A O   1 
HETATM 1078 O O   . HOH I 4 .   ? 3.281   0.525   14.401  1.00 25.88 ? 1064 HOH A O   1 
HETATM 1079 O O   . HOH I 4 .   ? -18.590 -14.145 -1.816  1.00 31.82 ? 1065 HOH A O   1 
HETATM 1080 O O   . HOH I 4 .   ? -23.305 -9.526  1.218   1.00 29.99 ? 1066 HOH A O   1 
HETATM 1081 O O   . HOH I 4 .   ? 17.468  -4.011  8.447   1.00 36.97 ? 1067 HOH A O   1 
HETATM 1082 O O   . HOH I 4 .   ? 1.701   -18.666 -7.265  1.00 51.31 ? 1068 HOH A O   1 
HETATM 1083 O O   . HOH I 4 .   ? -5.051  14.818  0.751   1.00 38.83 ? 1069 HOH A O   1 
HETATM 1084 O O   . HOH I 4 .   ? -9.745  -8.374  -14.984 1.00 23.02 ? 1070 HOH A O   1 
HETATM 1085 O O   . HOH I 4 .   ? 17.755  1.285   -6.934  1.00 45.94 ? 1071 HOH A O   1 
HETATM 1086 O O   . HOH I 4 .   ? 19.586  0.208   5.102   1.00 50.95 ? 1072 HOH A O   1 
HETATM 1087 O O   . HOH I 4 .   ? 21.231  2.289   -3.016  1.00 49.20 ? 1073 HOH A O   1 
HETATM 1088 O O   . HOH I 4 .   ? -0.575  16.495  4.601   1.00 49.58 ? 1074 HOH A O   1 
HETATM 1089 O O   . HOH I 4 .   ? -22.302 -6.733  3.327   1.00 36.35 ? 1075 HOH A O   1 
HETATM 1090 O O   . HOH I 4 .   ? 0.026   -3.234  14.138  1.00 23.92 ? 1076 HOH A O   1 
HETATM 1091 O O   . HOH I 4 .   ? 8.827   8.696   10.868  1.00 19.50 ? 1077 HOH A O   1 
HETATM 1092 O O   . HOH I 4 .   ? -17.383 -4.496  9.800   1.00 50.70 ? 1078 HOH A O   1 
HETATM 1093 O O   . HOH I 4 .   ? 12.134  5.669   12.278  1.00 32.61 ? 1079 HOH A O   1 
HETATM 1094 O O   . HOH I 4 .   ? 9.185   6.859   13.317  1.00 27.77 ? 1080 HOH A O   1 
HETATM 1095 O O   . HOH I 4 .   ? -10.291 2.072   -11.135 1.00 27.28 ? 1081 HOH A O   1 
HETATM 1096 O O   . HOH I 4 .   ? 16.539  3.074   8.011   1.00 37.53 ? 1082 HOH A O   1 
HETATM 1097 O O   . HOH I 4 .   ? 0.288   -7.866  4.066   1.00 12.67 ? 1083 HOH A O   1 
HETATM 1098 O O   . HOH I 4 .   ? -1.572  -16.998 -9.645  1.00 20.63 ? 1084 HOH A O   1 
HETATM 1099 O O   . HOH I 4 .   ? -17.715 -10.532 0.233   1.00 34.85 ? 1085 HOH A O   1 
HETATM 1100 O O   . HOH I 4 .   ? -24.582 -8.219  3.394   1.00 35.29 ? 1086 HOH A O   1 
HETATM 1101 O O   . HOH I 4 .   ? 11.741  7.930   -1.365  1.00 44.01 ? 1087 HOH A O   1 
HETATM 1102 O O   . HOH I 4 .   ? 2.819   4.447   16.656  1.00 41.45 ? 1088 HOH A O   1 
HETATM 1103 O O   . HOH I 4 .   ? -19.786 -10.501 -1.503  1.00 32.93 ? 1089 HOH A O   1 
HETATM 1104 O O   . HOH I 4 .   ? 3.617   4.457   13.994  1.00 19.41 ? 1090 HOH A O   1 
HETATM 1105 O O   . HOH I 4 .   ? -10.932 -18.753 -8.443  1.00 22.03 ? 1091 HOH A O   1 
HETATM 1106 O O   . HOH I 4 .   ? -8.211  14.530  2.579   1.00 29.73 ? 1092 HOH A O   1 
HETATM 1107 O O   . HOH I 4 .   ? -23.548 -8.503  -1.259  1.00 24.26 ? 1093 HOH A O   1 
HETATM 1108 O O   . HOH I 4 .   ? -13.264 -0.348  10.401  1.00 38.65 ? 1094 HOH A O   1 
HETATM 1109 O O   . HOH I 4 .   ? -3.833  -3.430  -6.866  1.00 13.98 ? 1095 HOH A O   1 
HETATM 1110 O O   . HOH I 4 .   ? -0.848  -1.712  -7.334  1.00 21.86 ? 1096 HOH A O   1 
HETATM 1111 O O   . HOH I 4 .   ? 4.204   -0.876  -1.497  1.00 22.01 ? 1097 HOH A O   1 
HETATM 1112 O O   . HOH I 4 .   ? 6.934   -6.939  -5.129  1.00 26.21 ? 1098 HOH A O   1 
HETATM 1113 O O   . HOH I 4 .   ? 8.554   -0.581  -3.527  1.00 30.22 ? 1099 HOH A O   1 
HETATM 1114 O O   . HOH I 4 .   ? 7.620   -12.047 -1.403  1.00 27.03 ? 1100 HOH A O   1 
HETATM 1115 O O   . HOH I 4 .   ? 9.406   -10.319 -2.642  1.00 26.21 ? 1101 HOH A O   1 
HETATM 1116 O O   . HOH I 4 .   ? 9.284   -7.703  -2.360  1.00 33.23 ? 1102 HOH A O   1 
HETATM 1117 O O   . HOH I 4 .   ? 10.270  -6.119  -0.049  1.00 27.02 ? 1103 HOH A O   1 
HETATM 1118 O O   . HOH I 4 .   ? 5.954   -7.992  -7.334  1.00 36.52 ? 1104 HOH A O   1 
HETATM 1119 O O   . HOH I 4 .   ? 12.924  -7.608  -0.067  1.00 30.53 ? 1105 HOH A O   1 
HETATM 1120 O O   . HOH I 4 .   ? -3.865  1.358   -12.075 1.00 25.36 ? 1106 HOH A O   1 
HETATM 1121 O O   . HOH I 4 .   ? 2.452   -9.605  -8.063  1.00 27.64 ? 1107 HOH A O   1 
HETATM 1122 O O   . HOH I 4 .   ? 13.764  -10.292 7.195   1.00 38.44 ? 1108 HOH A O   1 
HETATM 1123 O O   . HOH I 4 .   ? 2.471   -1.093  -13.105 1.00 56.17 ? 1109 HOH A O   1 
HETATM 1124 O O   . HOH I 4 .   ? 17.121  -10.167 5.741   1.00 30.93 ? 1110 HOH A O   1 
HETATM 1125 O O   . HOH I 4 .   ? -12.738 -7.179  -11.056 1.00 21.93 ? 1111 HOH A O   1 
HETATM 1126 O O   . HOH I 4 .   ? -13.587 -4.946  -12.375 1.00 34.71 ? 1112 HOH A O   1 
HETATM 1127 O O   . HOH I 4 .   ? -14.291 -2.704  -12.930 1.00 38.49 ? 1113 HOH A O   1 
HETATM 1128 O O   . HOH I 4 .   ? -10.738 -2.225  -6.725  1.00 34.20 ? 1114 HOH A O   1 
HETATM 1129 O O   . HOH I 4 .   ? -10.561 1.865   -4.338  1.00 21.42 ? 1115 HOH A O   1 
HETATM 1130 O O   . HOH I 4 .   ? -18.829 0.098   -0.172  1.00 35.60 ? 1116 HOH A O   1 
HETATM 1131 O O   . HOH I 4 .   ? -13.985 6.813   -1.786  1.00 34.47 ? 1117 HOH A O   1 
HETATM 1132 O O   . HOH I 4 .   ? -10.430 -1.613  13.731  1.00 40.91 ? 1118 HOH A O   1 
HETATM 1133 O O   . HOH I 4 .   ? -10.518 -0.986  9.628   1.00 42.10 ? 1119 HOH A O   1 
HETATM 1134 O O   . HOH I 4 .   ? -9.305  -2.712  11.189  1.00 34.60 ? 1120 HOH A O   1 
HETATM 1135 O O   . HOH I 4 .   ? -6.240  6.633   -7.293  1.00 32.20 ? 1121 HOH A O   1 
HETATM 1136 O O   . HOH I 4 .   ? -5.123  8.824   -3.836  1.00 23.46 ? 1122 HOH A O   1 
HETATM 1137 O O   . HOH I 4 .   ? -7.119  9.573   -5.479  1.00 36.19 ? 1123 HOH A O   1 
HETATM 1138 O O   . HOH I 4 .   ? -3.396  7.636   -7.556  1.00 25.62 ? 1124 HOH A O   1 
HETATM 1139 O O   . HOH I 4 .   ? -3.262  12.074  -6.922  1.00 36.73 ? 1125 HOH A O   1 
HETATM 1140 O O   . HOH I 4 .   ? -3.150  9.640   -5.730  1.00 22.35 ? 1126 HOH A O   1 
HETATM 1141 O O   . HOH I 4 .   ? 3.378   10.706  17.128  1.00 35.53 ? 1127 HOH A O   1 
HETATM 1142 O O   . HOH I 4 .   ? 2.224   14.228  -13.334 1.00 35.96 ? 1128 HOH A O   1 
HETATM 1143 O O   . HOH I 4 .   ? -2.756  14.317  6.045   1.00 34.36 ? 1129 HOH A O   1 
HETATM 1144 O O   . HOH I 4 .   ? 0.414   12.728  -10.809 1.00 40.69 ? 1130 HOH A O   1 
HETATM 1145 O O   . HOH I 4 .   ? 5.883   10.019  -1.148  1.00 25.68 ? 1131 HOH A O   1 
HETATM 1146 O O   . HOH I 4 .   ? 2.151   3.283   -1.760  1.00 35.89 ? 1132 HOH A O   1 
HETATM 1147 O O   . HOH I 4 .   ? 18.213  7.109   9.307   1.00 44.02 ? 1133 HOH A O   1 
HETATM 1148 O O   . HOH I 4 .   ? 23.685  2.864   -2.507  1.00 48.48 ? 1134 HOH A O   1 
HETATM 1149 O O   . HOH I 4 .   ? 4.164   -7.991  -9.084  1.00 38.58 ? 1135 HOH A O   1 
HETATM 1150 O O   . HOH I 4 .   ? 8.042   -12.831 -6.654  1.00 40.09 ? 1136 HOH A O   1 
HETATM 1151 O O   . HOH I 4 .   ? -13.617 -11.235 2.024   1.00 45.16 ? 1137 HOH A O   1 
HETATM 1152 O O   . HOH I 4 .   ? -19.215 -12.821 -7.782  1.00 39.68 ? 1138 HOH A O   1 
HETATM 1153 O O   . HOH I 4 .   ? -11.730 -16.751 -6.425  1.00 37.17 ? 1139 HOH A O   1 
HETATM 1154 O O   . HOH I 4 .   ? 4.657   12.394  14.033  1.00 32.97 ? 1140 HOH A O   1 
HETATM 1155 O O   . HOH I 4 .   ? 10.709  10.271  11.830  1.00 35.90 ? 1141 HOH A O   1 
HETATM 1156 O O   . HOH I 4 .   ? 9.286   15.580  8.862   1.00 38.88 ? 1142 HOH A O   1 
HETATM 1157 O O   . HOH I 4 .   ? 24.028  4.439   -5.190  1.00 48.24 ? 1143 HOH A O   1 
HETATM 1158 O O   . HOH I 4 .   ? 17.967  2.720   4.983   1.00 37.17 ? 1144 HOH A O   1 
HETATM 1159 O O   . HOH I 4 .   ? 22.652  -7.031  0.073   1.00 57.06 ? 1145 HOH A O   1 
HETATM 1160 O O   . HOH I 4 .   ? 20.117  -4.750  4.918   1.00 57.24 ? 1146 HOH A O   1 
HETATM 1161 O O   . HOH I 4 .   ? 16.652  8.962   9.375   1.00 41.60 ? 1147 HOH A O   1 
HETATM 1162 O O   . HOH I 4 .   ? 14.540  -0.388  11.837  1.00 48.06 ? 1148 HOH A O   1 
HETATM 1163 O O   . HOH I 4 .   ? 15.113  3.199   15.542  1.00 45.49 ? 1149 HOH A O   1 
HETATM 1164 O O   . HOH I 4 .   ? 19.388  5.493   5.476   1.00 40.03 ? 1150 HOH A O   1 
HETATM 1165 O O   . HOH I 4 .   ? 15.021  -4.255  9.418   1.00 41.26 ? 1151 HOH A O   1 
HETATM 1166 O O   . HOH I 4 .   ? -3.371  4.509   -16.232 1.00 37.43 ? 1152 HOH A O   1 
HETATM 1167 O O   . HOH I 4 .   ? -3.269  7.436   -14.357 1.00 49.19 ? 1153 HOH A O   1 
# 
